data_4GM6
#
_entry.id   4GM6
#
_cell.length_a   107.832
_cell.length_b   109.862
_cell.length_c   109.592
_cell.angle_alpha   90.00
_cell.angle_beta   101.92
_cell.angle_gamma   90.00
#
_symmetry.space_group_name_H-M   'P 1 21 1'
#
loop_
_entity.id
_entity.type
_entity.pdbx_description
1 polymer 'PfkB family carbohydrate kinase'
2 non-polymer GLYCEROL
3 non-polymer 'CHLORIDE ION'
4 water water
#
_entity_poly.entity_id   1
_entity_poly.type   'polypeptide(L)'
_entity_poly.pdbx_seq_one_letter_code
;MHHHHHHSSGVDLGTENLYFQSMMKQVVTIGELLMRLSTQQGIPFSQTTALDIHIGGAEANVAVNLSKLGHPTRIATVVP
ANPIGKMAVEHLWRHQVDTAFVVEAGDRLGTYYLESGTALKAPSVVYDRQHSSFARHKSMDWDLSELLKGIRVLHVSGIT
IALSTFWLEMVVKIIREAKRNGIKISFDMNYRAKLWELEAAKRAYQQLLPLVDYCSAGQMDAVAFFEISSETTDYYQAMH
DKYPNIELFYATKRTVISASHHLLQGHLWTQGECWESEEYAIYPIVDRVGGGDAYTAAVLHGILSEWRPDETVKFATAAA
GLKHSIHGDINPFDEKTIADFAADKSRAIVR
;
_entity_poly.pdbx_strand_id   A,B,C,D,E,F
#
# COMPACT_ATOMS: atom_id res chain seq x y z
N LYS A 25 -29.24 6.80 -28.61
CA LYS A 25 -29.05 5.73 -29.60
C LYS A 25 -28.12 4.62 -29.12
N GLN A 26 -28.48 3.38 -29.42
CA GLN A 26 -27.73 2.24 -28.93
C GLN A 26 -26.57 1.89 -29.84
N VAL A 27 -25.48 1.43 -29.23
CA VAL A 27 -24.30 1.06 -29.98
C VAL A 27 -23.90 -0.38 -29.66
N VAL A 28 -23.54 -1.15 -30.69
CA VAL A 28 -22.97 -2.48 -30.48
C VAL A 28 -21.51 -2.53 -30.91
N THR A 29 -20.67 -3.23 -30.15
CA THR A 29 -19.32 -3.46 -30.61
CA THR A 29 -19.27 -3.42 -30.49
C THR A 29 -18.88 -4.91 -30.51
N ILE A 30 -17.72 -5.19 -31.08
CA ILE A 30 -17.14 -6.53 -31.11
C ILE A 30 -15.67 -6.39 -30.75
N GLY A 31 -15.20 -7.13 -29.75
CA GLY A 31 -13.78 -7.01 -29.37
C GLY A 31 -13.34 -7.89 -28.22
N GLU A 32 -12.03 -8.03 -28.06
CA GLU A 32 -11.46 -8.86 -27.00
C GLU A 32 -11.23 -7.98 -25.79
N LEU A 33 -11.54 -8.51 -24.60
CA LEU A 33 -11.11 -7.85 -23.36
C LEU A 33 -9.82 -8.49 -22.86
N LEU A 34 -8.89 -7.64 -22.42
CA LEU A 34 -7.64 -8.10 -21.85
C LEU A 34 -7.49 -7.60 -20.43
N MET A 35 -6.77 -8.36 -19.62
CA MET A 35 -6.37 -7.85 -18.32
C MET A 35 -4.97 -7.24 -18.45
N ARG A 36 -4.86 -5.95 -18.18
CA ARG A 36 -3.56 -5.28 -18.18
C ARG A 36 -2.96 -5.38 -16.78
N LEU A 37 -1.68 -5.75 -16.72
CA LEU A 37 -0.97 -5.85 -15.43
C LEU A 37 0.18 -4.86 -15.42
N SER A 38 0.08 -3.85 -14.55
CA SER A 38 0.91 -2.66 -14.66
C SER A 38 1.81 -2.46 -13.45
N THR A 39 3.05 -2.04 -13.66
CA THR A 39 3.91 -1.58 -12.55
C THR A 39 3.54 -0.16 -12.14
N GLN A 40 3.94 0.22 -10.92
CA GLN A 40 3.69 1.56 -10.40
C GLN A 40 4.73 2.52 -10.98
N GLN A 41 4.46 3.82 -10.91
CA GLN A 41 5.39 4.82 -11.42
C GLN A 41 6.82 4.61 -10.91
N GLY A 42 7.80 4.66 -11.82
CA GLY A 42 9.20 4.55 -11.41
C GLY A 42 9.70 3.16 -11.06
N ILE A 43 8.86 2.15 -11.22
CA ILE A 43 9.24 0.75 -10.91
C ILE A 43 9.32 -0.09 -12.18
N PRO A 44 10.50 -0.64 -12.47
CA PRO A 44 10.68 -1.51 -13.63
C PRO A 44 10.17 -2.92 -13.35
N PHE A 45 9.92 -3.70 -14.40
CA PHE A 45 9.51 -5.09 -14.24
C PHE A 45 10.42 -5.77 -13.25
N SER A 46 11.72 -5.51 -13.40
CA SER A 46 12.73 -6.27 -12.66
C SER A 46 12.69 -6.03 -11.16
N GLN A 47 11.99 -5.00 -10.71
CA GLN A 47 11.92 -4.69 -9.27
C GLN A 47 10.51 -4.70 -8.71
N THR A 48 9.50 -4.96 -9.54
CA THR A 48 8.12 -4.88 -9.09
CA THR A 48 8.11 -4.89 -9.09
C THR A 48 7.77 -6.09 -8.21
N THR A 49 6.96 -5.86 -7.17
CA THR A 49 6.54 -6.98 -6.32
C THR A 49 5.06 -7.18 -6.45
N ALA A 50 4.41 -6.30 -7.19
CA ALA A 50 2.97 -6.38 -7.38
C ALA A 50 2.62 -5.78 -8.72
N LEU A 51 1.46 -6.15 -9.26
CA LEU A 51 0.99 -5.54 -10.50
C LEU A 51 -0.43 -5.06 -10.31
N ASP A 52 -0.69 -3.83 -10.72
CA ASP A 52 -2.07 -3.29 -10.71
C ASP A 52 -2.88 -3.82 -11.87
N ILE A 53 -4.14 -4.14 -11.61
CA ILE A 53 -5.01 -4.74 -12.60
C ILE A 53 -5.95 -3.73 -13.25
N HIS A 54 -5.99 -3.74 -14.55
CA HIS A 54 -7.01 -3.03 -15.28
CA HIS A 54 -7.01 -3.04 -15.29
C HIS A 54 -7.64 -3.81 -16.43
N ILE A 55 -8.94 -3.82 -16.51
CA ILE A 55 -9.61 -4.54 -17.58
C ILE A 55 -9.84 -3.58 -18.73
N GLY A 56 -9.55 -4.02 -19.96
CA GLY A 56 -9.82 -3.17 -21.11
C GLY A 56 -9.64 -3.82 -22.47
N GLY A 57 -9.87 -3.03 -23.50
CA GLY A 57 -9.70 -3.47 -24.88
C GLY A 57 -10.28 -2.34 -25.71
N ALA A 58 -9.71 -2.08 -26.87
CA ALA A 58 -10.11 -0.92 -27.66
C ALA A 58 -11.63 -0.78 -27.81
N GLU A 59 -12.28 -1.84 -28.27
CA GLU A 59 -13.70 -1.79 -28.56
C GLU A 59 -14.51 -1.80 -27.25
N ALA A 60 -14.04 -2.59 -26.29
CA ALA A 60 -14.67 -2.61 -24.97
C ALA A 60 -14.60 -1.26 -24.27
N ASN A 61 -13.50 -0.55 -24.45
CA ASN A 61 -13.35 0.80 -23.89
C ASN A 61 -14.31 1.79 -24.55
N VAL A 62 -14.38 1.76 -25.86
CA VAL A 62 -15.37 2.57 -26.55
C VAL A 62 -16.80 2.30 -26.03
N ALA A 63 -17.16 1.04 -25.88
CA ALA A 63 -18.47 0.69 -25.34
C ALA A 63 -18.68 1.28 -23.93
N VAL A 64 -17.71 1.09 -23.04
CA VAL A 64 -17.84 1.63 -21.69
C VAL A 64 -17.97 3.15 -21.73
N ASN A 65 -17.14 3.78 -22.56
CA ASN A 65 -17.09 5.25 -22.63
C ASN A 65 -18.40 5.84 -23.17
N LEU A 66 -18.99 5.16 -24.15
CA LEU A 66 -20.31 5.53 -24.66
C LEU A 66 -21.38 5.41 -23.58
N SER A 67 -21.36 4.30 -22.84
CA SER A 67 -22.30 4.11 -21.74
CA SER A 67 -22.29 4.11 -21.73
C SER A 67 -22.20 5.25 -20.72
N LYS A 68 -20.97 5.67 -20.42
CA LYS A 68 -20.76 6.83 -19.56
C LYS A 68 -21.49 8.07 -20.09
N LEU A 69 -21.66 8.16 -21.40
CA LEU A 69 -22.30 9.33 -22.00
C LEU A 69 -23.80 9.15 -22.25
N GLY A 70 -24.34 8.04 -21.76
CA GLY A 70 -25.78 7.83 -21.78
C GLY A 70 -26.28 6.90 -22.86
N HIS A 71 -25.36 6.28 -23.60
CA HIS A 71 -25.75 5.38 -24.67
C HIS A 71 -25.82 3.93 -24.19
N PRO A 72 -26.96 3.27 -24.37
CA PRO A 72 -26.96 1.84 -24.06
C PRO A 72 -26.05 1.10 -25.03
N THR A 73 -25.18 0.25 -24.51
CA THR A 73 -24.23 -0.44 -25.38
C THR A 73 -24.22 -1.93 -25.09
N ARG A 74 -23.69 -2.68 -26.04
CA ARG A 74 -23.54 -4.12 -25.89
C ARG A 74 -22.32 -4.54 -26.67
N ILE A 75 -21.78 -5.70 -26.32
CA ILE A 75 -20.55 -6.16 -26.93
C ILE A 75 -20.59 -7.66 -27.17
N ALA A 76 -20.23 -8.04 -28.39
CA ALA A 76 -20.07 -9.44 -28.73
C ALA A 76 -18.63 -9.81 -28.40
N THR A 77 -18.44 -10.73 -27.45
CA THR A 77 -17.08 -11.12 -27.06
C THR A 77 -17.04 -12.51 -26.42
N VAL A 78 -15.83 -12.96 -26.10
CA VAL A 78 -15.61 -14.32 -25.59
C VAL A 78 -14.66 -14.30 -24.41
N VAL A 79 -15.03 -14.98 -23.33
CA VAL A 79 -14.19 -15.11 -22.14
C VAL A 79 -14.23 -16.57 -21.64
N PRO A 80 -13.18 -17.03 -20.96
CA PRO A 80 -13.19 -18.37 -20.38
C PRO A 80 -14.16 -18.42 -19.20
N ALA A 81 -14.72 -19.61 -18.95
CA ALA A 81 -15.56 -19.83 -17.78
C ALA A 81 -14.67 -20.08 -16.56
N ASN A 82 -13.94 -19.05 -16.16
CA ASN A 82 -13.16 -19.10 -14.94
C ASN A 82 -13.20 -17.72 -14.25
N PRO A 83 -12.69 -17.62 -13.01
CA PRO A 83 -12.78 -16.38 -12.28
C PRO A 83 -12.14 -15.17 -12.97
N ILE A 84 -11.14 -15.39 -13.80
CA ILE A 84 -10.49 -14.29 -14.53
C ILE A 84 -11.38 -13.82 -15.67
N GLY A 85 -12.02 -14.76 -16.36
CA GLY A 85 -12.99 -14.39 -17.37
C GLY A 85 -14.10 -13.59 -16.71
N LYS A 86 -14.47 -14.00 -15.51
CA LYS A 86 -15.55 -13.37 -14.77
C LYS A 86 -15.21 -11.91 -14.43
N MET A 87 -13.96 -11.63 -14.11
CA MET A 87 -13.55 -10.25 -13.85
C MET A 87 -13.84 -9.38 -15.06
N ALA A 88 -13.57 -9.91 -16.24
CA ALA A 88 -13.84 -9.15 -17.46
C ALA A 88 -15.34 -8.86 -17.57
N VAL A 89 -16.16 -9.84 -17.22
CA VAL A 89 -17.60 -9.68 -17.32
C VAL A 89 -18.09 -8.67 -16.27
N GLU A 90 -17.54 -8.73 -15.03
CA GLU A 90 -17.99 -7.80 -14.00
CA GLU A 90 -17.94 -7.82 -13.97
C GLU A 90 -17.60 -6.37 -14.32
N HIS A 91 -16.48 -6.19 -15.01
CA HIS A 91 -16.07 -4.88 -15.51
C HIS A 91 -17.19 -4.32 -16.40
N LEU A 92 -17.75 -5.17 -17.26
CA LEU A 92 -18.86 -4.74 -18.10
C LEU A 92 -20.11 -4.38 -17.29
N TRP A 93 -20.45 -5.19 -16.29
CA TRP A 93 -21.63 -4.89 -15.45
C TRP A 93 -21.46 -3.58 -14.71
N ARG A 94 -20.27 -3.33 -14.21
CA ARG A 94 -19.96 -2.17 -13.39
CA ARG A 94 -19.99 -2.15 -13.42
C ARG A 94 -20.27 -0.93 -14.25
N HIS A 95 -19.95 -1.02 -15.53
CA HIS A 95 -20.07 0.12 -16.43
C HIS A 95 -21.30 0.07 -17.31
N GLN A 96 -22.22 -0.84 -16.97
CA GLN A 96 -23.53 -0.92 -17.60
C GLN A 96 -23.51 -1.23 -19.09
N VAL A 97 -22.50 -1.98 -19.54
CA VAL A 97 -22.53 -2.54 -20.89
C VAL A 97 -23.27 -3.88 -20.85
N ASP A 98 -24.21 -4.08 -21.77
CA ASP A 98 -24.98 -5.32 -21.81
C ASP A 98 -24.05 -6.49 -22.09
N THR A 99 -24.20 -7.57 -21.33
CA THR A 99 -23.36 -8.76 -21.50
C THR A 99 -24.13 -9.95 -22.05
N ALA A 100 -25.32 -9.73 -22.59
CA ALA A 100 -26.13 -10.83 -23.10
C ALA A 100 -25.41 -11.55 -24.24
N PHE A 101 -24.48 -10.85 -24.89
CA PHE A 101 -23.77 -11.42 -26.02
C PHE A 101 -22.30 -11.74 -25.73
N VAL A 102 -21.97 -11.89 -24.45
CA VAL A 102 -20.70 -12.46 -24.04
C VAL A 102 -20.83 -13.98 -24.07
N VAL A 103 -19.93 -14.65 -24.78
CA VAL A 103 -19.92 -16.11 -24.85
C VAL A 103 -18.78 -16.67 -24.00
N GLU A 104 -19.03 -17.74 -23.26
CA GLU A 104 -18.00 -18.36 -22.43
C GLU A 104 -17.39 -19.58 -23.12
N ALA A 105 -16.07 -19.57 -23.32
CA ALA A 105 -15.40 -20.70 -23.97
C ALA A 105 -13.88 -20.60 -23.82
N GLY A 106 -13.18 -21.64 -24.23
CA GLY A 106 -11.71 -21.62 -24.19
C GLY A 106 -11.12 -21.68 -22.80
N ASP A 107 -9.82 -21.38 -22.69
CA ASP A 107 -9.01 -21.73 -21.52
C ASP A 107 -8.39 -20.58 -20.75
N ARG A 108 -8.35 -19.38 -21.33
CA ARG A 108 -7.63 -18.28 -20.71
C ARG A 108 -8.10 -16.91 -21.21
N LEU A 109 -8.03 -15.91 -20.34
CA LEU A 109 -8.22 -14.54 -20.75
C LEU A 109 -6.86 -13.99 -21.14
N GLY A 110 -6.80 -13.28 -22.26
CA GLY A 110 -5.55 -12.66 -22.70
C GLY A 110 -5.12 -11.55 -21.74
N THR A 111 -3.81 -11.36 -21.60
CA THR A 111 -3.28 -10.34 -20.70
C THR A 111 -2.15 -9.60 -21.38
N TYR A 112 -1.76 -8.47 -20.82
CA TYR A 112 -0.46 -7.88 -21.15
C TYR A 112 0.12 -7.16 -19.95
N TYR A 113 1.44 -7.07 -19.95
CA TYR A 113 2.16 -6.40 -18.88
C TYR A 113 2.62 -5.02 -19.35
N LEU A 114 2.38 -4.00 -18.53
CA LEU A 114 2.81 -2.65 -18.84
C LEU A 114 3.76 -2.10 -17.78
N GLU A 115 4.96 -1.75 -18.21
CA GLU A 115 5.94 -1.13 -17.33
C GLU A 115 5.83 0.37 -17.50
N SER A 116 5.54 1.04 -16.40
CA SER A 116 5.30 2.47 -16.37
CA SER A 116 5.30 2.48 -16.39
C SER A 116 6.47 3.27 -16.97
N GLY A 117 6.15 4.39 -17.60
CA GLY A 117 7.18 5.31 -18.08
C GLY A 117 6.92 6.70 -17.52
N THR A 118 7.99 7.48 -17.36
CA THR A 118 7.94 8.85 -16.82
C THR A 118 9.12 9.57 -17.43
N ALA A 119 8.93 10.84 -17.75
CA ALA A 119 10.01 11.71 -18.25
C ALA A 119 10.69 11.05 -19.47
N LEU A 120 11.99 10.80 -19.41
CA LEU A 120 12.67 10.27 -20.61
C LEU A 120 12.36 8.82 -20.90
N LYS A 121 11.92 8.07 -19.88
CA LYS A 121 11.68 6.64 -20.03
C LYS A 121 10.28 6.34 -20.56
N ALA A 122 10.18 5.79 -21.77
CA ALA A 122 8.89 5.47 -22.37
C ALA A 122 8.30 4.24 -21.69
N PRO A 123 6.96 4.16 -21.62
CA PRO A 123 6.36 2.92 -21.10
C PRO A 123 6.73 1.75 -22.00
N SER A 124 6.77 0.53 -21.47
CA SER A 124 6.96 -0.64 -22.32
C SER A 124 5.99 -1.80 -21.98
N VAL A 125 5.65 -2.55 -23.01
CA VAL A 125 4.62 -3.58 -22.89
CA VAL A 125 4.63 -3.58 -22.89
C VAL A 125 5.16 -4.96 -23.27
N VAL A 126 4.65 -5.99 -22.60
CA VAL A 126 4.91 -7.38 -23.00
C VAL A 126 3.54 -8.06 -23.11
N TYR A 127 3.17 -8.49 -24.31
CA TYR A 127 1.86 -9.07 -24.53
C TYR A 127 1.83 -10.53 -24.16
N ASP A 128 0.71 -10.97 -23.61
CA ASP A 128 0.52 -12.38 -23.30
C ASP A 128 -0.93 -12.66 -23.63
N ARG A 129 -1.32 -12.28 -24.85
CA ARG A 129 -2.71 -12.40 -25.32
C ARG A 129 -2.97 -13.62 -26.26
N GLN A 130 -1.91 -14.25 -26.75
CA GLN A 130 -2.09 -15.40 -27.64
C GLN A 130 -2.72 -16.59 -26.92
N HIS A 131 -3.46 -17.40 -27.69
CA HIS A 131 -4.14 -18.60 -27.19
C HIS A 131 -5.32 -18.27 -26.27
N SER A 132 -5.75 -17.01 -26.31
CA SER A 132 -6.88 -16.57 -25.51
C SER A 132 -8.19 -17.17 -26.01
N SER A 133 -9.20 -17.16 -25.15
CA SER A 133 -10.50 -17.70 -25.51
C SER A 133 -11.00 -17.00 -26.78
N PHE A 134 -10.95 -15.68 -26.77
CA PHE A 134 -11.33 -14.89 -27.92
C PHE A 134 -10.48 -15.24 -29.14
N ALA A 135 -9.17 -15.27 -28.98
CA ALA A 135 -8.31 -15.50 -30.11
C ALA A 135 -8.55 -16.86 -30.78
N ARG A 136 -8.80 -17.89 -29.99
CA ARG A 136 -8.93 -19.22 -30.54
C ARG A 136 -10.35 -19.63 -30.92
N HIS A 137 -11.29 -18.72 -30.72
CA HIS A 137 -12.67 -19.00 -31.00
C HIS A 137 -12.96 -19.28 -32.47
N LYS A 138 -13.67 -20.36 -32.73
CA LYS A 138 -14.04 -20.72 -34.11
C LYS A 138 -15.51 -21.02 -34.29
N SER A 139 -16.34 -20.64 -33.34
CA SER A 139 -17.73 -21.00 -33.34
C SER A 139 -18.64 -19.80 -33.50
N MET A 140 -19.60 -19.90 -34.41
CA MET A 140 -20.49 -18.80 -34.69
C MET A 140 -21.64 -18.88 -33.71
N ASP A 141 -21.47 -18.22 -32.58
CA ASP A 141 -22.40 -18.31 -31.47
C ASP A 141 -23.33 -17.13 -31.29
N TRP A 142 -23.50 -16.32 -32.32
CA TRP A 142 -24.29 -15.09 -32.18
C TRP A 142 -25.50 -15.02 -33.12
N ASP A 143 -26.67 -14.83 -32.54
CA ASP A 143 -27.89 -14.58 -33.31
C ASP A 143 -27.86 -13.13 -33.76
N LEU A 144 -27.68 -12.91 -35.06
CA LEU A 144 -27.41 -11.56 -35.56
C LEU A 144 -28.59 -10.58 -35.45
N SER A 145 -29.81 -11.06 -35.70
CA SER A 145 -30.96 -10.17 -35.58
C SER A 145 -31.18 -9.73 -34.12
N GLU A 146 -30.73 -10.56 -33.18
CA GLU A 146 -30.77 -10.20 -31.76
C GLU A 146 -29.65 -9.22 -31.41
N LEU A 147 -28.44 -9.55 -31.83
CA LEU A 147 -27.28 -8.70 -31.56
C LEU A 147 -27.47 -7.30 -32.14
N LEU A 148 -28.23 -7.20 -33.22
CA LEU A 148 -28.36 -5.93 -33.93
C LEU A 148 -29.68 -5.22 -33.63
N LYS A 149 -30.57 -5.93 -32.95
CA LYS A 149 -31.88 -5.41 -32.58
C LYS A 149 -31.80 -4.05 -31.87
N GLY A 150 -32.47 -3.05 -32.43
CA GLY A 150 -32.56 -1.73 -31.83
C GLY A 150 -31.28 -0.90 -31.92
N ILE A 151 -30.29 -1.40 -32.65
CA ILE A 151 -28.96 -0.79 -32.70
C ILE A 151 -28.86 0.32 -33.74
N ARG A 152 -28.19 1.41 -33.41
CA ARG A 152 -28.01 2.51 -34.36
C ARG A 152 -26.61 2.51 -34.99
N VAL A 153 -25.59 2.20 -34.19
CA VAL A 153 -24.21 2.18 -34.66
C VAL A 153 -23.49 0.87 -34.31
N LEU A 154 -22.77 0.33 -35.28
CA LEU A 154 -21.88 -0.78 -35.01
C LEU A 154 -20.43 -0.30 -35.07
N HIS A 155 -19.66 -0.57 -34.02
CA HIS A 155 -18.26 -0.15 -33.94
C HIS A 155 -17.32 -1.35 -33.83
N VAL A 156 -16.23 -1.32 -34.59
CA VAL A 156 -15.16 -2.30 -34.44
C VAL A 156 -13.84 -1.71 -34.89
N SER A 157 -12.75 -2.41 -34.64
CA SER A 157 -11.42 -1.89 -34.95
C SER A 157 -10.54 -2.91 -35.63
N GLY A 158 -9.35 -2.46 -36.06
CA GLY A 158 -8.39 -3.30 -36.72
C GLY A 158 -7.77 -4.36 -35.83
N ILE A 159 -7.91 -4.21 -34.52
CA ILE A 159 -7.36 -5.22 -33.61
C ILE A 159 -8.11 -6.53 -33.75
N THR A 160 -9.43 -6.46 -33.69
CA THR A 160 -10.23 -7.67 -33.76
C THR A 160 -10.01 -8.45 -35.05
N ILE A 161 -10.06 -7.76 -36.19
CA ILE A 161 -9.94 -8.45 -37.46
C ILE A 161 -8.55 -9.03 -37.67
N ALA A 162 -7.58 -8.55 -36.91
CA ALA A 162 -6.21 -9.05 -37.06
C ALA A 162 -6.00 -10.36 -36.32
N LEU A 163 -6.85 -10.68 -35.36
CA LEU A 163 -6.60 -11.83 -34.49
C LEU A 163 -6.70 -13.18 -35.20
N SER A 164 -7.65 -13.34 -36.11
CA SER A 164 -7.79 -14.58 -36.87
C SER A 164 -8.64 -14.34 -38.11
N THR A 165 -8.50 -15.18 -39.11
CA THR A 165 -9.31 -15.05 -40.32
C THR A 165 -10.75 -15.21 -39.92
N PHE A 166 -10.98 -16.11 -38.97
CA PHE A 166 -12.32 -16.30 -38.43
C PHE A 166 -12.96 -14.97 -38.00
N TRP A 167 -12.22 -14.16 -37.25
CA TRP A 167 -12.72 -12.87 -36.79
C TRP A 167 -12.88 -11.86 -37.93
N LEU A 168 -11.93 -11.88 -38.85
CA LEU A 168 -12.06 -11.05 -40.05
C LEU A 168 -13.37 -11.35 -40.79
N GLU A 169 -13.63 -12.63 -41.01
CA GLU A 169 -14.83 -12.98 -41.76
C GLU A 169 -16.10 -12.79 -40.94
N MET A 170 -16.03 -13.08 -39.64
CA MET A 170 -17.13 -12.80 -38.72
C MET A 170 -17.52 -11.33 -38.79
N VAL A 171 -16.54 -10.44 -38.61
CA VAL A 171 -16.80 -9.02 -38.65
C VAL A 171 -17.43 -8.58 -39.98
N VAL A 172 -16.94 -9.12 -41.08
CA VAL A 172 -17.48 -8.82 -42.40
C VAL A 172 -18.96 -9.21 -42.50
N LYS A 173 -19.28 -10.43 -42.10
CA LYS A 173 -20.68 -10.88 -42.14
C LYS A 173 -21.56 -9.92 -41.34
N ILE A 174 -21.10 -9.52 -40.17
CA ILE A 174 -21.91 -8.72 -39.29
C ILE A 174 -22.11 -7.31 -39.82
N ILE A 175 -21.07 -6.72 -40.40
CA ILE A 175 -21.19 -5.44 -41.06
C ILE A 175 -22.20 -5.51 -42.20
N ARG A 176 -22.11 -6.58 -43.00
CA ARG A 176 -23.01 -6.75 -44.16
C ARG A 176 -24.46 -6.69 -43.72
N GLU A 177 -24.77 -7.47 -42.67
CA GLU A 177 -26.13 -7.58 -42.16
C GLU A 177 -26.53 -6.29 -41.49
N ALA A 178 -25.60 -5.69 -40.77
CA ALA A 178 -25.89 -4.44 -40.10
C ALA A 178 -26.28 -3.38 -41.14
N LYS A 179 -25.61 -3.40 -42.29
CA LYS A 179 -25.89 -2.38 -43.31
CA LYS A 179 -25.88 -2.41 -43.35
C LYS A 179 -27.29 -2.52 -43.91
N ARG A 180 -27.74 -3.76 -44.15
CA ARG A 180 -29.09 -3.98 -44.67
C ARG A 180 -30.15 -3.34 -43.77
N ASN A 181 -29.83 -3.25 -42.47
CA ASN A 181 -30.75 -2.72 -41.46
C ASN A 181 -30.68 -1.22 -41.23
N GLY A 182 -29.90 -0.51 -42.04
CA GLY A 182 -29.70 0.93 -41.85
C GLY A 182 -28.78 1.29 -40.69
N ILE A 183 -28.00 0.32 -40.20
CA ILE A 183 -27.08 0.61 -39.10
C ILE A 183 -25.80 1.24 -39.63
N LYS A 184 -25.36 2.33 -38.99
CA LYS A 184 -24.11 3.01 -39.36
C LYS A 184 -22.89 2.21 -38.91
N ILE A 185 -21.83 2.24 -39.70
CA ILE A 185 -20.62 1.47 -39.38
C ILE A 185 -19.46 2.37 -38.92
N SER A 186 -19.05 2.21 -37.66
CA SER A 186 -17.89 2.94 -37.14
C SER A 186 -16.66 2.03 -37.14
N PHE A 187 -15.57 2.52 -37.70
CA PHE A 187 -14.36 1.71 -37.77
C PHE A 187 -13.12 2.49 -37.33
N ASP A 188 -12.34 1.86 -36.46
CA ASP A 188 -11.08 2.41 -36.03
C ASP A 188 -10.01 1.52 -36.65
N MET A 189 -9.12 2.14 -37.42
CA MET A 189 -8.07 1.40 -38.13
C MET A 189 -7.20 0.60 -37.17
N ASN A 190 -6.66 1.29 -36.18
CA ASN A 190 -5.89 0.65 -35.13
C ASN A 190 -4.94 -0.41 -35.63
N TYR A 191 -4.09 -0.06 -36.59
CA TYR A 191 -3.09 -1.03 -37.04
C TYR A 191 -2.07 -1.30 -35.94
N ARG A 192 -1.87 -2.58 -35.65
CA ARG A 192 -0.88 -3.01 -34.67
CA ARG A 192 -0.88 -3.01 -34.67
C ARG A 192 0.16 -3.90 -35.33
N ALA A 193 1.39 -3.40 -35.47
CA ALA A 193 2.43 -4.16 -36.16
C ALA A 193 2.66 -5.54 -35.55
N LYS A 194 2.47 -5.64 -34.23
CA LYS A 194 2.62 -6.91 -33.54
C LYS A 194 1.58 -7.95 -33.98
N LEU A 195 0.41 -7.49 -34.43
CA LEU A 195 -0.67 -8.41 -34.77
C LEU A 195 -0.56 -8.96 -36.20
N TRP A 196 -0.15 -8.12 -37.14
CA TRP A 196 0.01 -8.58 -38.52
C TRP A 196 0.88 -7.69 -39.41
N GLU A 197 1.30 -8.25 -40.55
CA GLU A 197 2.11 -7.54 -41.53
C GLU A 197 1.33 -6.42 -42.19
N LEU A 198 2.04 -5.39 -42.65
CA LEU A 198 1.42 -4.28 -43.36
C LEU A 198 0.62 -4.74 -44.57
N GLU A 199 1.16 -5.72 -45.30
CA GLU A 199 0.53 -6.19 -46.52
C GLU A 199 -0.69 -7.04 -46.20
N ALA A 200 -0.57 -7.90 -45.20
CA ALA A 200 -1.69 -8.73 -44.77
C ALA A 200 -2.86 -7.86 -44.29
N ALA A 201 -2.54 -6.80 -43.55
CA ALA A 201 -3.56 -5.91 -42.99
C ALA A 201 -4.22 -5.03 -44.06
N LYS A 202 -3.42 -4.59 -45.02
CA LYS A 202 -3.90 -3.81 -46.15
C LYS A 202 -5.05 -4.52 -46.87
N ARG A 203 -4.87 -5.82 -47.10
CA ARG A 203 -5.87 -6.57 -47.82
C ARG A 203 -7.16 -6.77 -47.03
N ALA A 204 -7.06 -6.86 -45.70
CA ALA A 204 -8.25 -6.88 -44.85
C ALA A 204 -8.98 -5.54 -44.86
N TYR A 205 -8.22 -4.45 -44.69
CA TYR A 205 -8.80 -3.12 -44.63
C TYR A 205 -9.55 -2.79 -45.92
N GLN A 206 -9.04 -3.26 -47.05
CA GLN A 206 -9.68 -2.97 -48.31
C GLN A 206 -11.09 -3.55 -48.43
N GLN A 207 -11.38 -4.62 -47.68
CA GLN A 207 -12.72 -5.23 -47.76
C GLN A 207 -13.68 -4.46 -46.84
N LEU A 208 -13.11 -3.79 -45.85
CA LEU A 208 -13.91 -3.11 -44.84
C LEU A 208 -14.23 -1.68 -45.20
N LEU A 209 -13.21 -0.94 -45.67
CA LEU A 209 -13.31 0.50 -45.88
C LEU A 209 -14.48 0.93 -46.76
N PRO A 210 -14.76 0.16 -47.82
CA PRO A 210 -15.92 0.53 -48.66
C PRO A 210 -17.24 0.41 -47.90
N LEU A 211 -17.21 -0.17 -46.70
CA LEU A 211 -18.42 -0.41 -45.92
C LEU A 211 -18.59 0.54 -44.73
N VAL A 212 -17.60 1.42 -44.56
CA VAL A 212 -17.53 2.27 -43.35
C VAL A 212 -18.18 3.64 -43.50
N ASP A 213 -18.84 4.09 -42.43
CA ASP A 213 -19.47 5.40 -42.38
C ASP A 213 -18.61 6.41 -41.60
N TYR A 214 -18.16 6.00 -40.41
CA TYR A 214 -17.28 6.83 -39.56
C TYR A 214 -15.95 6.12 -39.34
N CYS A 215 -14.86 6.81 -39.63
CA CYS A 215 -13.55 6.17 -39.65
C CYS A 215 -12.53 6.92 -38.82
N SER A 216 -11.96 6.24 -37.84
CA SER A 216 -10.81 6.77 -37.14
C SER A 216 -9.55 6.39 -37.91
N ALA A 217 -8.91 7.39 -38.49
CA ALA A 217 -7.76 7.16 -39.35
C ALA A 217 -6.93 8.44 -39.44
N GLY A 218 -5.60 8.27 -39.47
CA GLY A 218 -4.65 9.40 -39.48
C GLY A 218 -3.76 9.39 -40.71
N GLN A 219 -2.77 10.29 -40.73
CA GLN A 219 -1.94 10.42 -41.93
C GLN A 219 -1.12 9.17 -42.22
N MET A 220 -0.62 8.52 -41.17
CA MET A 220 0.13 7.27 -41.36
C MET A 220 -0.74 6.20 -42.00
N ASP A 221 -2.01 6.16 -41.62
CA ASP A 221 -2.96 5.23 -42.21
C ASP A 221 -3.17 5.56 -43.68
N ALA A 222 -3.32 6.85 -43.96
CA ALA A 222 -3.57 7.29 -45.34
C ALA A 222 -2.44 6.80 -46.26
N VAL A 223 -1.21 6.84 -45.77
CA VAL A 223 -0.08 6.43 -46.59
C VAL A 223 0.00 4.91 -46.64
N ALA A 224 -0.12 4.27 -45.48
CA ALA A 224 0.06 2.83 -45.41
C ALA A 224 -1.04 2.01 -46.09
N PHE A 225 -2.30 2.41 -45.94
CA PHE A 225 -3.42 1.57 -46.35
C PHE A 225 -4.38 2.15 -47.38
N PHE A 226 -4.41 3.47 -47.54
CA PHE A 226 -5.30 4.10 -48.51
C PHE A 226 -4.56 4.41 -49.81
N GLU A 227 -3.33 3.92 -49.92
CA GLU A 227 -2.53 4.11 -51.13
C GLU A 227 -2.36 5.57 -51.52
N ILE A 228 -2.21 6.44 -50.51
CA ILE A 228 -1.93 7.83 -50.77
C ILE A 228 -0.42 8.04 -50.64
N SER A 229 0.15 8.88 -51.50
CA SER A 229 1.56 9.20 -51.40
C SER A 229 1.76 10.11 -50.19
N SER A 230 2.92 10.02 -49.55
CA SER A 230 3.20 10.84 -48.38
C SER A 230 3.29 12.31 -48.78
N GLU A 231 3.18 12.57 -50.08
CA GLU A 231 3.25 13.92 -50.64
C GLU A 231 2.01 14.74 -50.31
N THR A 232 0.84 14.22 -50.71
CA THR A 232 -0.42 14.93 -50.56
C THR A 232 -0.56 15.64 -49.20
N THR A 233 -1.04 16.88 -49.25
CA THR A 233 -1.23 17.68 -48.04
C THR A 233 -2.57 17.40 -47.38
N ASP A 234 -3.65 17.52 -48.17
CA ASP A 234 -5.00 17.24 -47.72
C ASP A 234 -5.25 15.75 -47.84
N TYR A 235 -4.73 14.98 -46.89
CA TYR A 235 -4.79 13.53 -47.01
C TYR A 235 -6.23 12.97 -46.85
N TYR A 236 -7.04 13.65 -46.02
CA TYR A 236 -8.41 13.22 -45.81
C TYR A 236 -9.25 13.31 -47.08
N GLN A 237 -9.06 14.40 -47.83
CA GLN A 237 -9.75 14.56 -49.11
C GLN A 237 -9.38 13.42 -50.06
N ALA A 238 -8.09 13.06 -50.09
CA ALA A 238 -7.63 11.94 -50.86
C ALA A 238 -8.21 10.62 -50.36
N MET A 239 -8.32 10.49 -49.05
CA MET A 239 -8.92 9.30 -48.46
C MET A 239 -10.40 9.23 -48.79
N HIS A 240 -11.11 10.34 -48.61
CA HIS A 240 -12.51 10.40 -49.02
C HIS A 240 -12.66 10.00 -50.51
N ASP A 241 -11.85 10.60 -51.37
CA ASP A 241 -11.88 10.25 -52.81
C ASP A 241 -11.72 8.75 -53.07
N LYS A 242 -10.83 8.11 -52.30
CA LYS A 242 -10.60 6.67 -52.43
C LYS A 242 -11.86 5.90 -52.00
N TYR A 243 -12.55 6.45 -50.94
CA TYR A 243 -13.74 5.82 -50.34
C TYR A 243 -14.80 6.87 -50.04
N PRO A 244 -15.55 7.30 -51.07
CA PRO A 244 -16.54 8.38 -50.92
C PRO A 244 -17.70 8.00 -50.00
N ASN A 245 -17.77 6.68 -49.68
CA ASN A 245 -18.74 6.15 -48.70
C ASN A 245 -18.50 6.63 -47.27
N ILE A 246 -17.26 6.95 -46.94
CA ILE A 246 -16.93 7.42 -45.59
C ILE A 246 -17.30 8.89 -45.41
N GLU A 247 -18.27 9.15 -44.55
CA GLU A 247 -18.78 10.49 -44.27
C GLU A 247 -17.89 11.33 -43.34
N LEU A 248 -17.31 10.68 -42.32
CA LEU A 248 -16.44 11.39 -41.36
C LEU A 248 -15.15 10.64 -41.08
N PHE A 249 -14.06 11.40 -41.04
CA PHE A 249 -12.80 10.89 -40.51
C PHE A 249 -12.49 11.63 -39.22
N TYR A 250 -11.96 10.90 -38.25
CA TYR A 250 -11.56 11.52 -36.99
C TYR A 250 -10.24 10.91 -36.50
N ALA A 251 -9.41 11.74 -35.90
CA ALA A 251 -8.17 11.29 -35.25
C ALA A 251 -7.61 12.39 -34.36
N THR A 252 -6.63 12.06 -33.54
CA THR A 252 -5.88 13.07 -32.81
C THR A 252 -4.51 13.22 -33.44
N LYS A 253 -3.97 14.43 -33.37
CA LYS A 253 -2.57 14.67 -33.66
C LYS A 253 -1.82 14.74 -32.32
N ARG A 254 -0.93 13.79 -32.09
CA ARG A 254 -0.20 13.72 -30.81
C ARG A 254 1.28 14.08 -30.99
N THR A 255 1.77 15.03 -30.20
CA THR A 255 3.19 15.38 -30.20
C THR A 255 3.83 14.89 -28.89
N VAL A 256 4.67 13.87 -28.99
CA VAL A 256 5.30 13.28 -27.81
C VAL A 256 6.58 14.04 -27.51
N ILE A 257 6.56 14.85 -26.45
CA ILE A 257 7.78 15.50 -26.02
C ILE A 257 8.58 14.54 -25.13
N SER A 258 7.90 13.88 -24.21
CA SER A 258 8.52 12.84 -23.40
C SER A 258 7.41 11.91 -22.94
N ALA A 259 7.73 10.91 -22.13
CA ALA A 259 6.70 10.06 -21.57
C ALA A 259 5.75 10.85 -20.64
N SER A 260 6.11 12.08 -20.29
CA SER A 260 5.31 12.84 -19.31
C SER A 260 4.79 14.16 -19.84
N HIS A 261 4.94 14.36 -21.14
CA HIS A 261 4.58 15.63 -21.73
C HIS A 261 4.19 15.41 -23.19
N HIS A 262 2.89 15.46 -23.47
CA HIS A 262 2.39 15.34 -24.86
C HIS A 262 1.58 16.59 -25.22
N LEU A 263 1.58 16.96 -26.50
CA LEU A 263 0.61 17.92 -27.01
C LEU A 263 -0.47 17.09 -27.72
N LEU A 264 -1.73 17.47 -27.55
CA LEU A 264 -2.81 16.69 -28.13
C LEU A 264 -3.82 17.59 -28.80
N GLN A 265 -4.12 17.30 -30.06
CA GLN A 265 -5.09 18.09 -30.79
C GLN A 265 -6.01 17.19 -31.61
N GLY A 266 -7.30 17.46 -31.56
CA GLY A 266 -8.26 16.63 -32.26
C GLY A 266 -8.50 17.09 -33.69
N HIS A 267 -8.70 16.13 -34.60
CA HIS A 267 -9.14 16.46 -35.97
C HIS A 267 -10.42 15.72 -36.32
N LEU A 268 -11.31 16.40 -37.03
CA LEU A 268 -12.55 15.80 -37.53
C LEU A 268 -12.79 16.33 -38.95
N TRP A 269 -12.84 15.43 -39.93
CA TRP A 269 -13.06 15.81 -41.33
C TRP A 269 -14.45 15.38 -41.83
N THR A 270 -15.17 16.30 -42.46
CA THR A 270 -16.48 15.99 -43.03
C THR A 270 -16.90 17.03 -44.05
N GLN A 271 -17.42 16.59 -45.18
CA GLN A 271 -17.87 17.49 -46.24
C GLN A 271 -16.72 18.37 -46.70
N GLY A 272 -15.56 17.76 -46.92
CA GLY A 272 -14.41 18.47 -47.50
C GLY A 272 -13.77 19.54 -46.63
N GLU A 273 -14.02 19.49 -45.33
CA GLU A 273 -13.43 20.45 -44.40
C GLU A 273 -12.91 19.75 -43.17
N CYS A 274 -11.69 20.10 -42.76
CA CYS A 274 -11.15 19.59 -41.50
C CYS A 274 -11.51 20.57 -40.39
N TRP A 275 -11.92 20.01 -39.24
CA TRP A 275 -12.27 20.79 -38.07
C TRP A 275 -11.30 20.40 -36.97
N GLU A 276 -10.67 21.40 -36.35
CA GLU A 276 -9.62 21.20 -35.36
C GLU A 276 -9.99 21.72 -33.98
N SER A 277 -9.58 21.01 -32.93
CA SER A 277 -9.72 21.52 -31.59
C SER A 277 -8.53 22.41 -31.30
N GLU A 278 -8.56 23.08 -30.15
CA GLU A 278 -7.37 23.71 -29.64
C GLU A 278 -6.35 22.62 -29.32
N GLU A 279 -5.09 23.01 -29.21
CA GLU A 279 -4.05 22.06 -28.85
C GLU A 279 -3.86 22.07 -27.35
N TYR A 280 -3.91 20.89 -26.75
CA TYR A 280 -3.70 20.75 -25.31
C TYR A 280 -2.28 20.34 -25.01
N ALA A 281 -1.75 20.90 -23.93
CA ALA A 281 -0.47 20.48 -23.40
C ALA A 281 -0.79 19.65 -22.18
N ILE A 282 -0.41 18.37 -22.24
CA ILE A 282 -0.67 17.45 -21.15
C ILE A 282 0.61 17.07 -20.42
N TYR A 283 0.70 17.41 -19.13
CA TYR A 283 1.85 17.04 -18.30
C TYR A 283 1.58 17.31 -16.82
N PRO A 284 1.95 16.36 -15.97
CA PRO A 284 2.54 15.08 -16.37
C PRO A 284 1.44 14.22 -16.96
N ILE A 285 1.75 12.97 -17.27
CA ILE A 285 0.75 12.06 -17.82
C ILE A 285 0.53 10.94 -16.82
N VAL A 286 -0.70 10.75 -16.37
CA VAL A 286 -0.97 9.68 -15.39
C VAL A 286 -1.05 8.34 -16.13
N ASP A 287 -1.83 8.28 -17.20
CA ASP A 287 -2.05 7.03 -17.94
C ASP A 287 -2.66 7.30 -19.33
N ARG A 288 -1.83 7.29 -20.37
CA ARG A 288 -2.30 7.56 -21.74
C ARG A 288 -3.15 6.43 -22.30
N VAL A 289 -3.12 5.25 -21.66
CA VAL A 289 -3.81 4.10 -22.24
C VAL A 289 -5.30 4.35 -22.29
N GLY A 290 -5.91 4.02 -23.43
CA GLY A 290 -7.31 4.28 -23.65
C GLY A 290 -7.62 5.72 -24.03
N GLY A 291 -6.59 6.55 -24.18
CA GLY A 291 -6.80 7.94 -24.62
C GLY A 291 -7.52 8.02 -25.97
N GLY A 292 -7.13 7.16 -26.90
CA GLY A 292 -7.73 7.18 -28.25
C GLY A 292 -9.15 6.64 -28.22
N ASP A 293 -9.40 5.67 -27.34
CA ASP A 293 -10.72 5.10 -27.21
C ASP A 293 -11.68 6.11 -26.61
N ALA A 294 -11.17 6.96 -25.71
CA ALA A 294 -11.96 8.05 -25.15
C ALA A 294 -12.30 9.05 -26.24
N TYR A 295 -11.34 9.29 -27.12
CA TYR A 295 -11.56 10.20 -28.26
C TYR A 295 -12.64 9.63 -29.18
N THR A 296 -12.50 8.35 -29.55
CA THR A 296 -13.46 7.69 -30.43
C THR A 296 -14.89 7.70 -29.87
N ALA A 297 -15.03 7.37 -28.60
CA ALA A 297 -16.36 7.30 -28.02
C ALA A 297 -17.01 8.69 -27.99
N ALA A 298 -16.21 9.71 -27.69
CA ALA A 298 -16.77 11.06 -27.58
C ALA A 298 -17.19 11.57 -28.96
N VAL A 299 -16.41 11.22 -29.99
CA VAL A 299 -16.75 11.64 -31.34
C VAL A 299 -18.06 10.99 -31.74
N LEU A 300 -18.16 9.68 -31.53
CA LEU A 300 -19.39 8.94 -31.82
C LEU A 300 -20.55 9.55 -31.06
N HIS A 301 -20.31 9.94 -29.82
CA HIS A 301 -21.36 10.58 -29.03
C HIS A 301 -21.86 11.87 -29.71
N GLY A 302 -20.92 12.73 -30.11
CA GLY A 302 -21.26 13.97 -30.82
C GLY A 302 -22.03 13.72 -32.10
N ILE A 303 -21.58 12.73 -32.86
CA ILE A 303 -22.25 12.36 -34.11
C ILE A 303 -23.68 11.89 -33.84
N LEU A 304 -23.85 11.00 -32.86
CA LEU A 304 -25.17 10.47 -32.53
C LEU A 304 -26.10 11.53 -31.97
N SER A 305 -25.54 12.58 -31.37
CA SER A 305 -26.35 13.63 -30.76
C SER A 305 -26.65 14.69 -31.80
N GLU A 306 -26.14 14.49 -33.01
CA GLU A 306 -26.31 15.42 -34.12
C GLU A 306 -25.74 16.83 -33.83
N TRP A 307 -24.61 16.89 -33.14
CA TRP A 307 -23.94 18.17 -32.90
C TRP A 307 -23.26 18.66 -34.17
N ARG A 308 -22.91 19.94 -34.19
CA ARG A 308 -22.07 20.50 -35.24
C ARG A 308 -20.65 19.92 -35.15
N PRO A 309 -19.92 19.89 -36.27
CA PRO A 309 -18.58 19.28 -36.25
C PRO A 309 -17.59 19.95 -35.28
N ASP A 310 -17.71 21.27 -35.12
CA ASP A 310 -16.84 22.02 -34.22
C ASP A 310 -17.10 21.69 -32.75
N GLU A 311 -18.37 21.48 -32.40
CA GLU A 311 -18.70 21.05 -31.04
C GLU A 311 -18.17 19.64 -30.81
N THR A 312 -18.35 18.78 -31.80
CA THR A 312 -17.91 17.40 -31.66
C THR A 312 -16.40 17.30 -31.43
N VAL A 313 -15.61 17.94 -32.30
CA VAL A 313 -14.16 17.80 -32.19
C VAL A 313 -13.64 18.40 -30.89
N LYS A 314 -14.25 19.51 -30.47
CA LYS A 314 -13.85 20.15 -29.24
C LYS A 314 -14.21 19.28 -28.03
N PHE A 315 -15.39 18.69 -28.05
CA PHE A 315 -15.85 17.86 -26.94
C PHE A 315 -15.00 16.62 -26.80
N ALA A 316 -14.70 15.99 -27.93
CA ALA A 316 -13.98 14.71 -27.91
C ALA A 316 -12.51 14.89 -27.55
N THR A 317 -11.93 16.03 -27.92
CA THR A 317 -10.53 16.25 -27.57
C THR A 317 -10.41 16.49 -26.07
N ALA A 318 -11.33 17.26 -25.51
CA ALA A 318 -11.40 17.46 -24.07
C ALA A 318 -11.53 16.12 -23.36
N ALA A 319 -12.44 15.28 -23.85
CA ALA A 319 -12.64 13.96 -23.25
C ALA A 319 -11.36 13.18 -23.24
N ALA A 320 -10.66 13.17 -24.38
CA ALA A 320 -9.41 12.42 -24.53
C ALA A 320 -8.33 12.98 -23.61
N GLY A 321 -8.24 14.30 -23.54
CA GLY A 321 -7.23 14.90 -22.68
C GLY A 321 -7.45 14.55 -21.22
N LEU A 322 -8.69 14.61 -20.75
CA LEU A 322 -9.00 14.32 -19.35
C LEU A 322 -8.67 12.86 -19.01
N LYS A 323 -8.96 11.95 -19.94
CA LYS A 323 -8.62 10.53 -19.75
C LYS A 323 -7.15 10.30 -19.34
N HIS A 324 -6.27 11.16 -19.83
CA HIS A 324 -4.84 11.01 -19.54
C HIS A 324 -4.52 11.13 -18.03
N SER A 325 -5.42 11.76 -17.28
CA SER A 325 -5.26 11.94 -15.83
C SER A 325 -5.78 10.78 -14.97
N ILE A 326 -6.27 9.71 -15.62
CA ILE A 326 -6.95 8.66 -14.89
C ILE A 326 -6.29 7.30 -15.16
N HIS A 327 -5.91 6.62 -14.10
CA HIS A 327 -5.36 5.29 -14.23
C HIS A 327 -6.42 4.36 -14.81
N GLY A 328 -5.98 3.44 -15.63
CA GLY A 328 -6.87 2.49 -16.26
C GLY A 328 -7.25 2.78 -17.69
N ASP A 329 -8.03 1.91 -18.28
CA ASP A 329 -8.43 2.03 -19.68
C ASP A 329 -9.65 2.88 -20.02
N ILE A 330 -10.51 3.14 -19.06
CA ILE A 330 -11.75 3.82 -19.34
C ILE A 330 -11.84 5.21 -18.81
N ASN A 331 -12.72 5.98 -19.40
CA ASN A 331 -12.89 7.38 -19.07
C ASN A 331 -14.07 7.53 -18.12
N PRO A 332 -13.82 7.99 -16.89
CA PRO A 332 -14.86 7.94 -15.87
C PRO A 332 -15.78 9.14 -15.87
N PHE A 333 -15.54 10.11 -16.74
CA PHE A 333 -16.24 11.39 -16.64
C PHE A 333 -17.60 11.38 -17.31
N ASP A 334 -18.55 12.14 -16.77
CA ASP A 334 -19.83 12.27 -17.44
C ASP A 334 -19.81 13.42 -18.44
N GLU A 335 -20.85 13.53 -19.25
CA GLU A 335 -20.91 14.51 -20.34
C GLU A 335 -20.69 15.93 -19.83
N LYS A 336 -21.43 16.28 -18.80
CA LYS A 336 -21.37 17.59 -18.18
C LYS A 336 -19.94 17.98 -17.79
N THR A 337 -19.23 17.07 -17.16
CA THR A 337 -17.87 17.36 -16.70
C THR A 337 -16.96 17.63 -17.89
N ILE A 338 -17.04 16.77 -18.90
CA ILE A 338 -16.25 16.96 -20.10
C ILE A 338 -16.64 18.25 -20.81
N ALA A 339 -17.94 18.51 -20.95
CA ALA A 339 -18.43 19.73 -21.60
C ALA A 339 -18.00 20.99 -20.85
N ASP A 340 -18.05 20.95 -19.52
CA ASP A 340 -17.64 22.12 -18.74
C ASP A 340 -16.16 22.39 -18.97
N PHE A 341 -15.35 21.34 -19.06
CA PHE A 341 -13.92 21.54 -19.26
C PHE A 341 -13.62 22.09 -20.66
N ALA A 342 -14.34 21.60 -21.67
CA ALA A 342 -14.12 22.05 -23.03
C ALA A 342 -14.44 23.54 -23.15
N ALA A 343 -15.43 24.00 -22.38
CA ALA A 343 -15.87 25.39 -22.44
C ALA A 343 -14.99 26.32 -21.62
N ASP A 344 -14.24 25.77 -20.67
CA ASP A 344 -13.32 26.58 -19.86
C ASP A 344 -11.92 26.55 -20.44
N LYS B 25 -1.64 12.55 39.31
CA LYS B 25 -0.36 12.43 40.07
C LYS B 25 0.81 12.21 39.11
N GLN B 26 1.72 13.19 39.06
CA GLN B 26 2.78 13.20 38.05
C GLN B 26 3.82 12.09 38.23
N VAL B 27 4.32 11.60 37.10
CA VAL B 27 5.31 10.52 37.08
C VAL B 27 6.43 10.93 36.15
N VAL B 28 7.67 10.69 36.58
CA VAL B 28 8.83 10.97 35.73
C VAL B 28 9.52 9.66 35.35
N THR B 29 10.08 9.63 34.15
CA THR B 29 10.79 8.45 33.71
C THR B 29 12.11 8.84 33.06
N ILE B 30 13.02 7.87 32.94
CA ILE B 30 14.32 8.10 32.31
C ILE B 30 14.55 6.94 31.35
N GLY B 31 14.92 7.22 30.10
CA GLY B 31 15.14 6.15 29.14
C GLY B 31 15.39 6.62 27.72
N GLU B 32 15.83 5.68 26.88
CA GLU B 32 16.14 6.00 25.49
C GLU B 32 14.95 5.70 24.60
N LEU B 33 14.67 6.60 23.65
CA LEU B 33 13.68 6.29 22.60
C LEU B 33 14.38 5.69 21.38
N LEU B 34 13.78 4.64 20.81
CA LEU B 34 14.33 4.01 19.61
C LEU B 34 13.32 4.11 18.49
N MET B 35 13.79 4.14 17.24
CA MET B 35 12.89 3.94 16.15
C MET B 35 12.90 2.47 15.74
N ARG B 36 11.74 1.83 15.79
CA ARG B 36 11.63 0.44 15.34
CA ARG B 36 11.61 0.44 15.34
C ARG B 36 11.26 0.42 13.86
N LEU B 37 11.93 -0.43 13.09
CA LEU B 37 11.62 -0.59 11.68
C LEU B 37 11.22 -2.03 11.44
N SER B 38 9.95 -2.24 11.06
CA SER B 38 9.35 -3.58 11.06
C SER B 38 8.98 -4.05 9.66
N THR B 39 9.13 -5.34 9.40
CA THR B 39 8.60 -5.91 8.18
C THR B 39 7.12 -6.19 8.37
N GLN B 40 6.41 -6.37 7.26
CA GLN B 40 5.00 -6.75 7.29
C GLN B 40 4.81 -8.25 7.59
N GLN B 41 3.64 -8.64 8.07
CA GLN B 41 3.37 -10.05 8.33
C GLN B 41 3.82 -10.96 7.18
N GLY B 42 4.58 -12.00 7.50
CA GLY B 42 4.96 -13.02 6.50
C GLY B 42 6.09 -12.62 5.56
N ILE B 43 6.69 -11.46 5.80
CA ILE B 43 7.76 -10.97 4.93
C ILE B 43 9.07 -10.98 5.71
N PRO B 44 10.09 -11.69 5.20
CA PRO B 44 11.36 -11.67 5.90
C PRO B 44 12.22 -10.46 5.52
N PHE B 45 13.24 -10.16 6.32
CA PHE B 45 14.15 -9.07 5.98
C PHE B 45 14.55 -9.17 4.53
N SER B 46 14.87 -10.38 4.07
CA SER B 46 15.49 -10.52 2.75
C SER B 46 14.57 -10.19 1.58
N GLN B 47 13.27 -10.14 1.82
CA GLN B 47 12.33 -9.81 0.74
C GLN B 47 11.58 -8.51 0.95
N THR B 48 11.88 -7.79 2.03
CA THR B 48 11.14 -6.56 2.35
CA THR B 48 11.13 -6.58 2.36
C THR B 48 11.60 -5.40 1.49
N THR B 49 10.66 -4.60 1.04
CA THR B 49 11.01 -3.44 0.22
C THR B 49 10.64 -2.15 0.95
N ALA B 50 10.01 -2.28 2.12
CA ALA B 50 9.68 -1.10 2.91
C ALA B 50 9.62 -1.53 4.36
N LEU B 51 9.88 -0.60 5.27
CA LEU B 51 9.81 -0.92 6.69
C LEU B 51 8.82 0.04 7.35
N ASP B 52 7.91 -0.50 8.17
CA ASP B 52 7.01 0.32 8.99
C ASP B 52 7.72 0.95 10.19
N ILE B 53 7.40 2.21 10.51
CA ILE B 53 8.11 2.94 11.56
C ILE B 53 7.26 2.99 12.83
N HIS B 54 7.90 2.79 13.98
CA HIS B 54 7.24 2.98 15.26
C HIS B 54 8.26 3.53 16.25
N ILE B 55 7.89 4.56 17.00
CA ILE B 55 8.77 5.16 17.99
C ILE B 55 8.47 4.52 19.33
N GLY B 56 9.51 4.20 20.10
CA GLY B 56 9.27 3.61 21.41
C GLY B 56 10.52 3.42 22.23
N GLY B 57 10.34 2.77 23.37
CA GLY B 57 11.41 2.54 24.34
C GLY B 57 10.67 2.21 25.61
N ALA B 58 11.19 1.26 26.37
CA ALA B 58 10.45 0.76 27.54
C ALA B 58 9.93 1.88 28.47
N GLU B 59 10.80 2.81 28.88
CA GLU B 59 10.36 3.84 29.81
C GLU B 59 9.46 4.87 29.13
N ALA B 60 9.82 5.24 27.90
CA ALA B 60 8.97 6.09 27.07
C ALA B 60 7.58 5.49 26.88
N ASN B 61 7.51 4.19 26.67
CA ASN B 61 6.21 3.53 26.51
C ASN B 61 5.38 3.66 27.81
N VAL B 62 6.04 3.49 28.96
CA VAL B 62 5.33 3.60 30.23
C VAL B 62 4.81 5.03 30.38
N ALA B 63 5.65 6.00 30.05
CA ALA B 63 5.21 7.39 30.14
C ALA B 63 3.95 7.63 29.31
N VAL B 64 3.99 7.23 28.04
CA VAL B 64 2.85 7.42 27.14
C VAL B 64 1.62 6.70 27.66
N ASN B 65 1.79 5.46 28.10
CA ASN B 65 0.68 4.69 28.64
C ASN B 65 0.05 5.35 29.87
N LEU B 66 0.89 5.95 30.69
CA LEU B 66 0.39 6.56 31.93
C LEU B 66 -0.38 7.81 31.55
N SER B 67 0.12 8.53 30.55
CA SER B 67 -0.53 9.75 30.07
CA SER B 67 -0.55 9.75 30.12
C SER B 67 -1.94 9.42 29.57
N LYS B 68 -2.06 8.27 28.92
CA LYS B 68 -3.34 7.83 28.38
C LYS B 68 -4.32 7.58 29.53
N LEU B 69 -3.77 7.31 30.71
CA LEU B 69 -4.60 7.00 31.87
C LEU B 69 -4.82 8.23 32.74
N GLY B 70 -4.41 9.40 32.25
CA GLY B 70 -4.73 10.65 32.95
C GLY B 70 -3.65 11.21 33.83
N HIS B 71 -2.46 10.59 33.81
CA HIS B 71 -1.31 11.09 34.58
C HIS B 71 -0.39 11.98 33.76
N PRO B 72 -0.16 13.22 34.23
CA PRO B 72 0.84 14.07 33.57
C PRO B 72 2.20 13.42 33.77
N THR B 73 2.93 13.17 32.69
CA THR B 73 4.24 12.55 32.79
CA THR B 73 4.24 12.54 32.78
C THR B 73 5.30 13.38 32.07
N ARG B 74 6.56 13.15 32.44
CA ARG B 74 7.69 13.79 31.79
C ARG B 74 8.79 12.73 31.68
N ILE B 75 9.75 12.97 30.79
CA ILE B 75 10.83 12.02 30.58
C ILE B 75 12.16 12.74 30.37
N ALA B 76 13.19 12.30 31.08
CA ALA B 76 14.56 12.76 30.83
C ALA B 76 15.23 11.85 29.81
N THR B 77 15.63 12.42 28.68
CA THR B 77 16.19 11.62 27.60
C THR B 77 17.04 12.45 26.64
N VAL B 78 17.68 11.79 25.69
CA VAL B 78 18.56 12.50 24.77
C VAL B 78 18.26 12.07 23.34
N VAL B 79 18.14 13.05 22.44
CA VAL B 79 17.98 12.78 21.01
C VAL B 79 18.92 13.69 20.22
N PRO B 80 19.27 13.30 18.98
CA PRO B 80 20.04 14.19 18.13
C PRO B 80 19.17 15.35 17.64
N ALA B 81 19.82 16.46 17.34
CA ALA B 81 19.14 17.62 16.78
C ALA B 81 19.03 17.43 15.28
N ASN B 82 18.29 16.42 14.87
CA ASN B 82 18.04 16.19 13.45
C ASN B 82 16.58 15.74 13.29
N PRO B 83 16.09 15.65 12.05
CA PRO B 83 14.69 15.30 11.81
C PRO B 83 14.29 13.94 12.41
N ILE B 84 15.23 13.02 12.53
CA ILE B 84 14.90 11.72 13.09
C ILE B 84 14.68 11.84 14.59
N GLY B 85 15.57 12.55 15.27
CA GLY B 85 15.36 12.85 16.68
C GLY B 85 14.08 13.65 16.89
N LYS B 86 13.77 14.55 15.96
CA LYS B 86 12.54 15.31 16.06
C LYS B 86 11.34 14.38 16.01
N MET B 87 11.46 13.30 15.25
CA MET B 87 10.37 12.30 15.18
C MET B 87 10.08 11.71 16.55
N ALA B 88 11.14 11.46 17.32
CA ALA B 88 10.98 10.90 18.66
C ALA B 88 10.28 11.92 19.58
N VAL B 89 10.66 13.18 19.48
CA VAL B 89 10.07 14.25 20.27
C VAL B 89 8.60 14.44 19.93
N GLU B 90 8.29 14.46 18.63
CA GLU B 90 6.93 14.61 18.16
C GLU B 90 6.01 13.49 18.65
N HIS B 91 6.57 12.27 18.75
CA HIS B 91 5.86 11.14 19.34
C HIS B 91 5.44 11.44 20.79
N LEU B 92 6.32 12.04 21.57
CA LEU B 92 6.01 12.49 22.91
C LEU B 92 4.91 13.55 22.95
N TRP B 93 5.01 14.58 22.11
CA TRP B 93 3.96 15.62 22.04
C TRP B 93 2.61 15.02 21.71
N ARG B 94 2.59 14.12 20.75
CA ARG B 94 1.36 13.50 20.28
C ARG B 94 0.64 12.85 21.45
N HIS B 95 1.42 12.26 22.36
CA HIS B 95 0.85 11.52 23.48
C HIS B 95 0.89 12.30 24.79
N GLN B 96 1.07 13.60 24.67
CA GLN B 96 1.05 14.50 25.81
C GLN B 96 2.07 14.17 26.89
N VAL B 97 3.22 13.65 26.50
CA VAL B 97 4.31 13.53 27.44
C VAL B 97 5.12 14.82 27.45
N ASP B 98 5.40 15.33 28.65
CA ASP B 98 6.19 16.55 28.80
C ASP B 98 7.57 16.33 28.18
N THR B 99 8.02 17.28 27.36
CA THR B 99 9.32 17.16 26.71
C THR B 99 10.38 18.13 27.21
N ALA B 100 10.06 18.91 28.25
CA ALA B 100 10.96 19.96 28.73
C ALA B 100 12.31 19.41 29.18
N PHE B 101 12.38 18.11 29.41
CA PHE B 101 13.64 17.51 29.88
C PHE B 101 14.26 16.58 28.85
N VAL B 102 13.87 16.78 27.59
CA VAL B 102 14.53 16.15 26.46
C VAL B 102 15.77 16.97 26.12
N VAL B 103 16.91 16.30 25.99
CA VAL B 103 18.17 17.00 25.74
C VAL B 103 18.63 16.67 24.31
N GLU B 104 18.99 17.69 23.54
CA GLU B 104 19.47 17.50 22.18
C GLU B 104 20.99 17.36 22.15
N ALA B 105 21.51 16.27 21.60
CA ALA B 105 22.95 16.13 21.49
C ALA B 105 23.28 14.88 20.70
N GLY B 106 24.54 14.75 20.31
CA GLY B 106 24.97 13.56 19.58
C GLY B 106 24.56 13.59 18.13
N ASP B 107 24.71 12.45 17.45
CA ASP B 107 24.63 12.40 16.01
C ASP B 107 23.60 11.41 15.50
N ARG B 108 22.95 10.65 16.37
CA ARG B 108 22.00 9.66 15.82
C ARG B 108 20.95 9.17 16.80
N LEU B 109 19.77 8.83 16.27
CA LEU B 109 18.77 8.13 17.05
C LEU B 109 19.01 6.64 16.89
N GLY B 110 19.03 5.90 18.00
CA GLY B 110 19.15 4.44 17.93
C GLY B 110 17.91 3.82 17.29
N THR B 111 18.09 2.68 16.65
CA THR B 111 16.99 2.03 15.99
C THR B 111 17.12 0.53 16.19
N TYR B 112 16.10 -0.21 15.79
CA TYR B 112 16.25 -1.64 15.62
C TYR B 112 15.27 -2.16 14.59
N TYR B 113 15.64 -3.27 13.98
CA TYR B 113 14.82 -3.86 12.94
C TYR B 113 14.10 -5.04 13.53
N LEU B 114 12.83 -5.21 13.16
CA LEU B 114 12.04 -6.33 13.64
C LEU B 114 11.39 -7.08 12.48
N GLU B 115 11.76 -8.35 12.37
CA GLU B 115 11.18 -9.20 11.37
C GLU B 115 9.97 -9.84 12.01
N SER B 116 8.83 -9.67 11.34
CA SER B 116 7.56 -10.19 11.82
CA SER B 116 7.57 -10.19 11.85
C SER B 116 7.61 -11.70 12.07
N GLY B 117 6.86 -12.16 13.06
CA GLY B 117 6.71 -13.58 13.30
C GLY B 117 5.24 -13.96 13.30
N THR B 118 4.95 -15.17 12.86
CA THR B 118 3.59 -15.68 12.84
C THR B 118 3.64 -17.19 13.00
N ALA B 119 2.64 -17.76 13.65
CA ALA B 119 2.58 -19.23 13.83
C ALA B 119 3.90 -19.76 14.43
N LEU B 120 4.56 -20.69 13.73
CA LEU B 120 5.76 -21.32 14.28
C LEU B 120 6.98 -20.42 14.29
N LYS B 121 7.00 -19.40 13.44
CA LYS B 121 8.18 -18.52 13.32
C LYS B 121 8.13 -17.34 14.28
N ALA B 122 9.09 -17.29 15.20
CA ALA B 122 9.13 -16.21 16.18
C ALA B 122 9.56 -14.91 15.52
N PRO B 123 9.09 -13.77 16.05
CA PRO B 123 9.62 -12.50 15.60
C PRO B 123 11.13 -12.52 15.79
N SER B 124 11.83 -11.66 15.08
CA SER B 124 13.29 -11.68 15.11
C SER B 124 13.79 -10.23 15.08
N VAL B 125 14.81 -9.93 15.87
CA VAL B 125 15.24 -8.55 16.03
C VAL B 125 16.73 -8.33 15.72
N VAL B 126 17.06 -7.18 15.14
CA VAL B 126 18.46 -6.80 14.91
C VAL B 126 18.64 -5.38 15.43
N TYR B 127 19.44 -5.24 16.47
CA TYR B 127 19.59 -3.94 17.09
C TYR B 127 20.59 -3.04 16.32
N ASP B 128 20.31 -1.74 16.32
CA ASP B 128 21.22 -0.75 15.74
C ASP B 128 21.12 0.49 16.65
N ARG B 129 21.32 0.26 17.95
CA ARG B 129 21.11 1.28 18.98
C ARG B 129 22.46 1.81 19.49
N GLN B 130 23.55 1.12 19.18
CA GLN B 130 24.86 1.56 19.64
C GLN B 130 25.24 2.93 19.06
N HIS B 131 26.03 3.67 19.82
CA HIS B 131 26.54 4.96 19.37
C HIS B 131 25.43 6.00 19.24
N SER B 132 24.25 5.70 19.75
CA SER B 132 23.17 6.67 19.74
C SER B 132 23.53 7.87 20.62
N SER B 133 22.85 8.99 20.40
CA SER B 133 23.03 10.17 21.24
C SER B 133 22.86 9.80 22.71
N PHE B 134 21.83 9.03 23.02
CA PHE B 134 21.59 8.63 24.41
C PHE B 134 22.76 7.80 24.95
N ALA B 135 23.13 6.77 24.19
CA ALA B 135 24.16 5.84 24.66
C ALA B 135 25.50 6.52 24.90
N ARG B 136 25.86 7.47 24.04
CA ARG B 136 27.14 8.16 24.13
C ARG B 136 27.14 9.35 25.08
N HIS B 137 25.98 9.69 25.61
CA HIS B 137 25.88 10.88 26.45
C HIS B 137 26.69 10.73 27.75
N LYS B 138 27.47 11.74 28.10
CA LYS B 138 28.29 11.71 29.31
C LYS B 138 28.13 13.01 30.09
N SER B 139 27.04 13.74 29.84
CA SER B 139 26.94 15.09 30.36
C SER B 139 25.73 15.23 31.27
N MET B 140 25.94 15.84 32.44
CA MET B 140 24.88 16.02 33.43
C MET B 140 24.04 17.25 33.09
N ASP B 141 22.99 17.06 32.28
CA ASP B 141 22.24 18.18 31.73
C ASP B 141 20.84 18.35 32.36
N TRP B 142 20.63 17.74 33.51
CA TRP B 142 19.33 17.83 34.16
C TRP B 142 19.37 18.52 35.52
N ASP B 143 18.58 19.57 35.65
CA ASP B 143 18.40 20.25 36.92
C ASP B 143 17.39 19.45 37.74
N LEU B 144 17.87 18.80 38.79
CA LEU B 144 17.01 17.88 39.54
C LEU B 144 15.89 18.57 40.33
N SER B 145 16.16 19.74 40.91
CA SER B 145 15.09 20.49 41.56
C SER B 145 13.91 20.63 40.59
N GLU B 146 14.22 20.83 39.32
CA GLU B 146 13.18 21.03 38.32
C GLU B 146 12.60 19.70 37.81
N LEU B 147 13.48 18.72 37.56
CA LEU B 147 13.04 17.42 37.02
C LEU B 147 12.04 16.74 37.94
N LEU B 148 12.24 16.89 39.25
CA LEU B 148 11.47 16.12 40.21
C LEU B 148 10.34 16.91 40.85
N LYS B 149 10.16 18.17 40.46
CA LYS B 149 9.13 18.98 41.08
C LYS B 149 7.75 18.40 40.83
N GLY B 150 6.93 18.37 41.88
CA GLY B 150 5.56 17.87 41.77
C GLY B 150 5.40 16.39 41.49
N ILE B 151 6.51 15.66 41.51
CA ILE B 151 6.50 14.24 41.11
C ILE B 151 6.15 13.29 42.25
N ARG B 152 5.38 12.25 41.93
CA ARG B 152 4.97 11.25 42.91
C ARG B 152 5.74 9.92 42.77
N VAL B 153 6.01 9.52 41.53
CA VAL B 153 6.73 8.27 41.28
C VAL B 153 7.80 8.48 40.22
N LEU B 154 8.94 7.82 40.40
CA LEU B 154 9.97 7.80 39.38
C LEU B 154 10.11 6.39 38.85
N HIS B 155 10.04 6.23 37.53
CA HIS B 155 10.20 4.90 36.92
C HIS B 155 11.40 4.83 36.00
N VAL B 156 12.14 3.72 36.08
CA VAL B 156 13.26 3.45 35.17
C VAL B 156 13.46 1.94 35.02
N SER B 157 14.18 1.52 33.98
CA SER B 157 14.35 0.08 33.73
C SER B 157 15.81 -0.34 33.61
N GLY B 158 16.02 -1.66 33.59
CA GLY B 158 17.36 -2.22 33.51
C GLY B 158 18.04 -2.00 32.16
N ILE B 159 17.28 -1.59 31.16
CA ILE B 159 17.84 -1.32 29.83
C ILE B 159 18.71 -0.06 29.87
N THR B 160 18.19 0.99 30.50
CA THR B 160 18.93 2.24 30.64
C THR B 160 20.27 2.09 31.36
N ILE B 161 20.27 1.36 32.49
CA ILE B 161 21.51 1.23 33.26
C ILE B 161 22.49 0.27 32.59
N ALA B 162 22.02 -0.56 31.68
CA ALA B 162 22.94 -1.44 30.95
C ALA B 162 23.73 -0.72 29.85
N LEU B 163 23.30 0.48 29.48
CA LEU B 163 23.89 1.17 28.33
C LEU B 163 25.32 1.70 28.56
N SER B 164 25.60 2.18 29.77
CA SER B 164 26.94 2.65 30.09
C SER B 164 27.09 2.90 31.58
N THR B 165 28.33 3.05 32.04
CA THR B 165 28.60 3.36 33.43
C THR B 165 27.94 4.68 33.80
N PHE B 166 28.05 5.66 32.89
CA PHE B 166 27.44 6.95 33.13
C PHE B 166 25.95 6.87 33.42
N TRP B 167 25.19 6.08 32.65
CA TRP B 167 23.74 5.99 32.87
C TRP B 167 23.40 5.22 34.15
N LEU B 168 24.11 4.13 34.41
CA LEU B 168 24.00 3.44 35.69
C LEU B 168 24.17 4.41 36.86
N GLU B 169 25.25 5.20 36.82
CA GLU B 169 25.57 6.10 37.93
C GLU B 169 24.66 7.32 37.97
N MET B 170 24.23 7.75 36.80
CA MET B 170 23.26 8.83 36.69
C MET B 170 21.87 8.48 37.22
N VAL B 171 21.42 7.27 36.94
CA VAL B 171 20.11 6.82 37.40
C VAL B 171 20.17 6.66 38.93
N VAL B 172 21.29 6.14 39.44
CA VAL B 172 21.44 5.97 40.88
C VAL B 172 21.35 7.32 41.59
N LYS B 173 22.02 8.30 40.98
CA LYS B 173 22.07 9.65 41.59
C LYS B 173 20.68 10.26 41.64
N ILE B 174 19.92 10.10 40.57
CA ILE B 174 18.58 10.67 40.49
C ILE B 174 17.65 9.94 41.45
N ILE B 175 17.78 8.60 41.50
CA ILE B 175 17.05 7.80 42.49
C ILE B 175 17.28 8.32 43.90
N ARG B 176 18.53 8.43 44.32
CA ARG B 176 18.83 8.82 45.70
C ARG B 176 18.25 10.18 45.96
N GLU B 177 18.40 11.09 45.02
CA GLU B 177 17.83 12.40 45.22
C GLU B 177 16.33 12.28 45.32
N ALA B 178 15.77 11.40 44.50
CA ALA B 178 14.32 11.25 44.45
C ALA B 178 13.76 10.78 45.78
N LYS B 179 14.40 9.78 46.35
CA LYS B 179 13.92 9.23 47.60
C LYS B 179 13.95 10.32 48.63
N ARG B 180 15.00 11.12 48.59
CA ARG B 180 15.19 12.16 49.59
C ARG B 180 13.95 13.00 49.69
N ASN B 181 13.29 13.19 48.56
CA ASN B 181 12.13 14.06 48.51
C ASN B 181 10.80 13.33 48.68
N GLY B 182 10.88 12.05 49.09
CA GLY B 182 9.68 11.23 49.32
C GLY B 182 9.00 10.77 48.04
N ILE B 183 9.79 10.61 46.99
CA ILE B 183 9.25 10.10 45.73
C ILE B 183 9.44 8.57 45.70
N LYS B 184 8.37 7.87 45.32
CA LYS B 184 8.40 6.42 45.20
C LYS B 184 9.19 5.97 43.98
N ILE B 185 9.86 4.83 44.10
CA ILE B 185 10.76 4.38 43.04
C ILE B 185 10.28 3.10 42.41
N SER B 186 9.93 3.19 41.13
CA SER B 186 9.49 2.06 40.34
C SER B 186 10.62 1.58 39.43
N PHE B 187 10.99 0.31 39.54
CA PHE B 187 12.10 -0.23 38.77
C PHE B 187 11.69 -1.50 38.04
N ASP B 188 11.87 -1.48 36.73
CA ASP B 188 11.54 -2.59 35.85
C ASP B 188 12.85 -3.32 35.54
N MET B 189 13.01 -4.54 36.05
CA MET B 189 14.27 -5.27 35.84
C MET B 189 14.66 -5.25 34.35
N ASN B 190 13.79 -5.83 33.53
CA ASN B 190 13.97 -5.85 32.09
C ASN B 190 15.38 -6.24 31.64
N TYR B 191 15.89 -7.35 32.17
CA TYR B 191 17.22 -7.83 31.74
C TYR B 191 17.22 -8.15 30.26
N ARG B 192 18.19 -7.60 29.53
CA ARG B 192 18.37 -7.93 28.12
C ARG B 192 19.73 -8.59 27.94
N ALA B 193 19.76 -9.82 27.45
CA ALA B 193 21.03 -10.52 27.29
C ALA B 193 21.94 -9.81 26.29
N LYS B 194 21.35 -9.25 25.23
CA LYS B 194 22.13 -8.60 24.17
C LYS B 194 22.80 -7.30 24.61
N LEU B 195 22.57 -6.89 25.86
CA LEU B 195 23.17 -5.66 26.37
C LEU B 195 24.32 -5.95 27.32
N TRP B 196 24.21 -7.04 28.08
CA TRP B 196 25.28 -7.41 29.03
C TRP B 196 25.21 -8.85 29.57
N GLU B 197 26.32 -9.28 30.17
CA GLU B 197 26.41 -10.59 30.80
C GLU B 197 25.66 -10.61 32.12
N LEU B 198 25.21 -11.80 32.52
CA LEU B 198 24.48 -11.94 33.77
C LEU B 198 25.23 -11.34 34.96
N GLU B 199 26.54 -11.59 35.01
CA GLU B 199 27.37 -11.14 36.13
C GLU B 199 27.39 -9.61 36.25
N ALA B 200 27.66 -8.93 35.14
CA ALA B 200 27.65 -7.48 35.09
C ALA B 200 26.28 -6.92 35.49
N ALA B 201 25.23 -7.47 34.89
CA ALA B 201 23.88 -7.05 35.25
C ALA B 201 23.61 -7.26 36.74
N LYS B 202 23.94 -8.44 37.23
CA LYS B 202 23.78 -8.79 38.63
C LYS B 202 24.39 -7.74 39.56
N ARG B 203 25.62 -7.35 39.27
CA ARG B 203 26.33 -6.35 40.08
C ARG B 203 25.59 -5.02 40.08
N ALA B 204 25.09 -4.64 38.90
CA ALA B 204 24.35 -3.39 38.76
C ALA B 204 23.00 -3.46 39.46
N TYR B 205 22.26 -4.55 39.24
CA TYR B 205 20.98 -4.70 39.90
C TYR B 205 21.17 -4.65 41.42
N GLN B 206 22.31 -5.15 41.89
CA GLN B 206 22.58 -5.15 43.33
C GLN B 206 22.72 -3.73 43.90
N GLN B 207 23.07 -2.77 43.05
CA GLN B 207 23.12 -1.38 43.48
C GLN B 207 21.74 -0.69 43.44
N LEU B 208 20.87 -1.15 42.55
CA LEU B 208 19.57 -0.51 42.39
C LEU B 208 18.51 -1.11 43.33
N LEU B 209 18.47 -2.43 43.39
CA LEU B 209 17.43 -3.14 44.15
C LEU B 209 17.18 -2.59 45.55
N PRO B 210 18.24 -2.28 46.32
CA PRO B 210 18.00 -1.76 47.68
C PRO B 210 17.26 -0.40 47.70
N LEU B 211 17.19 0.27 46.55
CA LEU B 211 16.57 1.59 46.46
C LEU B 211 15.13 1.58 45.92
N VAL B 212 14.63 0.40 45.58
CA VAL B 212 13.35 0.27 44.89
C VAL B 212 12.11 0.11 45.80
N ASP B 213 10.98 0.67 45.37
CA ASP B 213 9.70 0.49 46.06
C ASP B 213 8.83 -0.53 45.35
N TYR B 214 8.62 -0.32 44.06
CA TYR B 214 7.80 -1.18 43.21
C TYR B 214 8.69 -1.82 42.14
N CYS B 215 8.75 -3.15 42.14
CA CYS B 215 9.67 -3.84 41.26
C CYS B 215 8.97 -4.78 40.29
N SER B 216 9.20 -4.58 39.00
CA SER B 216 8.76 -5.55 38.01
C SER B 216 9.82 -6.62 37.93
N ALA B 217 9.59 -7.74 38.59
CA ALA B 217 10.53 -8.85 38.56
C ALA B 217 9.72 -10.13 38.54
N GLY B 218 10.25 -11.15 37.87
CA GLY B 218 9.57 -12.41 37.74
C GLY B 218 10.39 -13.55 38.32
N GLN B 219 10.07 -14.76 37.89
CA GLN B 219 10.63 -15.98 38.46
C GLN B 219 12.11 -16.13 38.08
N MET B 220 12.41 -15.87 36.82
CA MET B 220 13.78 -15.94 36.35
C MET B 220 14.66 -14.83 36.89
N ASP B 221 14.07 -13.71 37.23
CA ASP B 221 14.81 -12.66 37.88
C ASP B 221 15.24 -13.07 39.27
N ALA B 222 14.32 -13.67 40.02
CA ALA B 222 14.61 -14.12 41.37
C ALA B 222 15.80 -15.06 41.38
N VAL B 223 15.79 -16.07 40.52
CA VAL B 223 16.93 -16.95 40.40
C VAL B 223 18.16 -16.22 39.93
N ALA B 224 17.96 -15.30 39.00
CA ALA B 224 19.07 -14.79 38.21
C ALA B 224 19.85 -13.79 39.01
N PHE B 225 19.12 -12.98 39.77
CA PHE B 225 19.66 -11.74 40.25
C PHE B 225 19.35 -11.56 41.71
N PHE B 226 18.47 -12.38 42.26
CA PHE B 226 18.24 -12.27 43.70
C PHE B 226 18.93 -13.38 44.47
N GLU B 227 19.72 -14.19 43.77
CA GLU B 227 20.38 -15.32 44.42
C GLU B 227 19.34 -16.20 45.09
N ILE B 228 18.12 -16.17 44.59
CA ILE B 228 17.09 -17.06 45.08
C ILE B 228 17.23 -18.45 44.48
N SER B 229 16.92 -19.47 45.27
CA SER B 229 16.99 -20.84 44.81
C SER B 229 15.93 -21.15 43.75
N SER B 230 16.31 -21.99 42.80
CA SER B 230 15.41 -22.38 41.72
C SER B 230 14.19 -23.13 42.22
N GLU B 231 14.42 -23.99 43.20
CA GLU B 231 13.36 -24.77 43.81
C GLU B 231 12.30 -23.95 44.55
N THR B 232 12.71 -22.88 45.20
CA THR B 232 11.80 -22.18 46.09
C THR B 232 10.49 -21.76 45.43
N THR B 233 9.40 -22.05 46.10
CA THR B 233 8.07 -21.81 45.59
C THR B 233 7.59 -20.39 45.74
N ASP B 234 7.80 -19.84 46.93
CA ASP B 234 7.37 -18.49 47.20
C ASP B 234 8.50 -17.50 46.94
N TYR B 235 8.85 -17.34 45.67
CA TYR B 235 9.96 -16.47 45.30
C TYR B 235 9.73 -15.03 45.69
N TYR B 236 8.52 -14.55 45.56
CA TYR B 236 8.26 -13.17 45.91
C TYR B 236 8.53 -12.92 47.36
N GLN B 237 8.14 -13.85 48.21
CA GLN B 237 8.42 -13.69 49.63
C GLN B 237 9.91 -13.60 49.85
N ALA B 238 10.67 -14.53 49.23
CA ALA B 238 12.11 -14.59 49.46
C ALA B 238 12.85 -13.38 48.89
N MET B 239 12.38 -12.89 47.76
CA MET B 239 12.92 -11.68 47.14
C MET B 239 12.72 -10.49 48.08
N HIS B 240 11.50 -10.41 48.68
CA HIS B 240 11.20 -9.36 49.64
C HIS B 240 12.08 -9.47 50.88
N ASP B 241 12.30 -10.69 51.35
CA ASP B 241 13.24 -10.92 52.45
C ASP B 241 14.63 -10.37 52.09
N LYS B 242 15.06 -10.64 50.85
CA LYS B 242 16.38 -10.21 50.41
C LYS B 242 16.47 -8.69 50.44
N TYR B 243 15.38 -8.02 49.95
CA TYR B 243 15.35 -6.57 49.88
C TYR B 243 14.03 -6.05 50.47
N PRO B 244 13.91 -6.10 51.81
CA PRO B 244 12.69 -5.75 52.56
C PRO B 244 12.09 -4.40 52.20
N ASN B 245 12.94 -3.52 51.58
CA ASN B 245 12.52 -2.20 51.12
C ASN B 245 11.49 -2.22 49.99
N ILE B 246 11.42 -3.34 49.27
CA ILE B 246 10.52 -3.45 48.10
C ILE B 246 9.09 -3.83 48.50
N GLU B 247 8.22 -2.84 48.50
CA GLU B 247 6.86 -2.97 48.99
C GLU B 247 5.98 -3.86 48.11
N LEU B 248 6.33 -3.96 46.82
CA LEU B 248 5.45 -4.61 45.87
C LEU B 248 6.17 -5.12 44.63
N PHE B 249 5.91 -6.37 44.24
CA PHE B 249 6.41 -6.89 42.98
C PHE B 249 5.27 -7.06 41.97
N TYR B 250 5.54 -6.81 40.71
CA TYR B 250 4.52 -7.08 39.70
C TYR B 250 5.16 -7.67 38.46
N ALA B 251 4.55 -8.74 37.93
CA ALA B 251 4.92 -9.26 36.62
C ALA B 251 3.76 -9.92 35.89
N THR B 252 3.97 -10.28 34.63
CA THR B 252 3.05 -11.20 33.98
C THR B 252 3.70 -12.58 33.85
N LYS B 253 2.86 -13.61 33.86
CA LYS B 253 3.29 -14.95 33.49
C LYS B 253 2.78 -15.20 32.08
N ARG B 254 3.71 -15.37 31.15
CA ARG B 254 3.38 -15.56 29.76
C ARG B 254 3.65 -17.00 29.41
N THR B 255 2.67 -17.68 28.81
CA THR B 255 2.92 -19.00 28.27
C THR B 255 2.92 -18.88 26.76
N VAL B 256 4.07 -19.19 26.17
CA VAL B 256 4.27 -19.00 24.74
C VAL B 256 3.97 -20.30 24.04
N ILE B 257 2.79 -20.41 23.45
CA ILE B 257 2.42 -21.61 22.70
C ILE B 257 2.97 -21.54 21.27
N SER B 258 2.84 -20.37 20.65
CA SER B 258 3.46 -20.11 19.36
C SER B 258 3.65 -18.62 19.26
N ALA B 259 4.18 -18.16 18.12
CA ALA B 259 4.28 -16.73 17.86
C ALA B 259 2.89 -16.10 17.68
N SER B 260 1.86 -16.93 17.55
CA SER B 260 0.52 -16.41 17.33
C SER B 260 -0.45 -16.75 18.45
N HIS B 261 0.04 -17.36 19.53
CA HIS B 261 -0.83 -17.86 20.57
C HIS B 261 -0.10 -17.86 21.90
N HIS B 262 -0.44 -16.92 22.77
CA HIS B 262 0.15 -16.85 24.10
C HIS B 262 -0.96 -16.90 25.14
N LEU B 263 -0.66 -17.44 26.32
CA LEU B 263 -1.52 -17.30 27.48
C LEU B 263 -0.88 -16.24 28.37
N LEU B 264 -1.69 -15.41 29.02
CA LEU B 264 -1.14 -14.29 29.77
C LEU B 264 -1.91 -14.09 31.06
N GLN B 265 -1.18 -14.02 32.17
CA GLN B 265 -1.79 -13.88 33.48
C GLN B 265 -0.95 -12.93 34.32
N GLY B 266 -1.59 -11.92 34.92
CA GLY B 266 -0.85 -10.94 35.73
C GLY B 266 -0.66 -11.35 37.18
N HIS B 267 0.53 -11.09 37.71
CA HIS B 267 0.84 -11.33 39.13
C HIS B 267 1.11 -10.00 39.81
N LEU B 268 0.76 -9.92 41.10
CA LEU B 268 1.04 -8.72 41.87
C LEU B 268 1.17 -9.12 43.34
N TRP B 269 2.39 -9.00 43.87
CA TRP B 269 2.69 -9.40 45.25
C TRP B 269 2.93 -8.18 46.15
N THR B 270 2.28 -8.17 47.31
CA THR B 270 2.51 -7.11 48.29
C THR B 270 1.94 -7.53 49.63
N GLN B 271 2.62 -7.12 50.70
CA GLN B 271 2.19 -7.43 52.05
C GLN B 271 1.97 -8.93 52.26
N GLY B 272 2.87 -9.74 51.71
CA GLY B 272 2.87 -11.18 52.00
C GLY B 272 1.91 -12.04 51.20
N GLU B 273 1.25 -11.46 50.17
CA GLU B 273 0.30 -12.20 49.34
C GLU B 273 0.53 -11.94 47.85
N CYS B 274 0.40 -12.98 47.03
CA CYS B 274 0.37 -12.83 45.58
C CYS B 274 -1.09 -12.73 45.13
N TRP B 275 -1.39 -11.73 44.32
CA TRP B 275 -2.71 -11.57 43.73
C TRP B 275 -2.58 -11.86 42.24
N GLU B 276 -3.50 -12.64 41.67
CA GLU B 276 -3.39 -12.97 40.26
CA GLU B 276 -3.40 -13.05 40.27
C GLU B 276 -4.69 -12.73 39.49
N SER B 277 -4.54 -12.30 38.24
CA SER B 277 -5.70 -12.05 37.38
C SER B 277 -6.16 -13.37 36.78
N GLU B 278 -7.23 -13.32 35.99
CA GLU B 278 -7.63 -14.48 35.21
C GLU B 278 -6.59 -14.66 34.11
N GLU B 279 -6.49 -15.86 33.57
CA GLU B 279 -5.54 -16.12 32.49
C GLU B 279 -6.21 -15.88 31.12
N TYR B 280 -5.61 -15.01 30.30
CA TYR B 280 -6.15 -14.78 28.96
C TYR B 280 -5.47 -15.64 27.92
N ALA B 281 -6.25 -16.13 26.96
CA ALA B 281 -5.67 -16.74 25.79
C ALA B 281 -5.66 -15.69 24.65
N ILE B 282 -4.47 -15.35 24.16
CA ILE B 282 -4.35 -14.35 23.11
C ILE B 282 -3.99 -15.01 21.78
N TYR B 283 -4.91 -15.01 20.83
CA TYR B 283 -4.61 -15.45 19.48
CA TYR B 283 -4.59 -15.46 19.47
C TYR B 283 -5.54 -14.86 18.43
N PRO B 284 -5.05 -14.52 17.25
CA PRO B 284 -3.62 -14.46 16.92
C PRO B 284 -2.99 -13.28 17.64
N ILE B 285 -1.72 -13.01 17.36
CA ILE B 285 -1.08 -11.88 18.02
C ILE B 285 -0.73 -10.82 16.97
N VAL B 286 -1.26 -9.61 17.14
CA VAL B 286 -0.94 -8.56 16.18
C VAL B 286 0.48 -8.01 16.43
N ASP B 287 0.76 -7.55 17.66
CA ASP B 287 2.06 -6.96 17.98
C ASP B 287 2.31 -7.00 19.47
N ARG B 288 3.04 -8.01 19.94
CA ARG B 288 3.32 -8.14 21.38
C ARG B 288 4.24 -7.04 21.94
N VAL B 289 4.86 -6.25 21.07
CA VAL B 289 5.88 -5.34 21.56
C VAL B 289 5.23 -4.29 22.43
N GLY B 290 5.84 -4.00 23.57
CA GLY B 290 5.28 -2.99 24.48
C GLY B 290 4.15 -3.51 25.35
N GLY B 291 3.91 -4.82 25.29
CA GLY B 291 2.87 -5.46 26.09
C GLY B 291 3.24 -5.37 27.57
N GLY B 292 4.50 -5.68 27.88
CA GLY B 292 5.05 -5.52 29.24
C GLY B 292 4.96 -4.10 29.77
N ASP B 293 5.17 -3.14 28.87
CA ASP B 293 5.11 -1.75 29.24
C ASP B 293 3.68 -1.31 29.52
N ALA B 294 2.70 -1.87 28.79
CA ALA B 294 1.30 -1.57 29.08
C ALA B 294 0.92 -2.12 30.46
N TYR B 295 1.35 -3.35 30.75
CA TYR B 295 1.19 -3.86 32.11
C TYR B 295 1.76 -2.89 33.11
N THR B 296 3.07 -2.65 32.99
CA THR B 296 3.77 -1.81 33.95
C THR B 296 3.02 -0.50 34.20
N ALA B 297 2.56 0.16 33.15
CA ALA B 297 1.86 1.44 33.29
C ALA B 297 0.54 1.28 34.04
N ALA B 298 -0.18 0.21 33.71
CA ALA B 298 -1.49 -0.03 34.29
C ALA B 298 -1.36 -0.36 35.77
N VAL B 299 -0.34 -1.14 36.14
CA VAL B 299 -0.07 -1.41 37.58
C VAL B 299 0.19 -0.11 38.32
N LEU B 300 1.07 0.71 37.76
CA LEU B 300 1.41 1.98 38.39
C LEU B 300 0.15 2.85 38.53
N HIS B 301 -0.67 2.86 37.49
CA HIS B 301 -1.92 3.62 37.54
C HIS B 301 -2.78 3.19 38.74
N GLY B 302 -2.84 1.88 39.00
CA GLY B 302 -3.66 1.39 40.10
C GLY B 302 -3.08 1.84 41.43
N ILE B 303 -1.77 1.67 41.58
CA ILE B 303 -1.10 2.06 42.80
C ILE B 303 -1.37 3.54 43.07
N LEU B 304 -1.15 4.35 42.05
CA LEU B 304 -1.41 5.79 42.12
C LEU B 304 -2.85 6.16 42.44
N SER B 305 -3.81 5.34 42.01
CA SER B 305 -5.22 5.65 42.25
C SER B 305 -5.63 5.06 43.60
N GLU B 306 -4.67 4.42 44.26
CA GLU B 306 -4.93 3.76 45.54
C GLU B 306 -6.00 2.68 45.43
N TRP B 307 -6.00 1.92 44.34
CA TRP B 307 -6.89 0.78 44.21
C TRP B 307 -6.44 -0.36 45.11
N ARG B 308 -7.28 -1.36 45.26
CA ARG B 308 -6.91 -2.62 45.90
C ARG B 308 -6.03 -3.43 44.93
N PRO B 309 -5.24 -4.38 45.47
CA PRO B 309 -4.36 -5.18 44.63
C PRO B 309 -5.12 -6.04 43.63
N ASP B 310 -6.29 -6.55 44.02
CA ASP B 310 -7.07 -7.37 43.08
C ASP B 310 -7.62 -6.56 41.91
N GLU B 311 -8.01 -5.31 42.17
CA GLU B 311 -8.52 -4.42 41.12
C GLU B 311 -7.39 -4.03 40.20
N THR B 312 -6.21 -3.81 40.78
CA THR B 312 -5.06 -3.38 40.01
C THR B 312 -4.57 -4.47 39.07
N VAL B 313 -4.32 -5.67 39.60
CA VAL B 313 -3.81 -6.73 38.74
C VAL B 313 -4.81 -7.08 37.64
N LYS B 314 -6.09 -7.05 37.98
CA LYS B 314 -7.11 -7.32 36.98
C LYS B 314 -7.06 -6.28 35.87
N PHE B 315 -7.06 -5.00 36.25
CA PHE B 315 -7.05 -3.90 35.28
C PHE B 315 -5.81 -3.92 34.42
N ALA B 316 -4.67 -4.10 35.06
CA ALA B 316 -3.40 -4.09 34.33
C ALA B 316 -3.29 -5.26 33.33
N THR B 317 -3.78 -6.43 33.71
CA THR B 317 -3.64 -7.59 32.81
C THR B 317 -4.52 -7.38 31.59
N ALA B 318 -5.72 -6.86 31.81
CA ALA B 318 -6.61 -6.53 30.70
C ALA B 318 -5.94 -5.52 29.78
N ALA B 319 -5.29 -4.51 30.36
CA ALA B 319 -4.55 -3.53 29.57
C ALA B 319 -3.48 -4.19 28.69
N ALA B 320 -2.68 -5.04 29.33
CA ALA B 320 -1.61 -5.72 28.59
C ALA B 320 -2.17 -6.59 27.50
N GLY B 321 -3.23 -7.33 27.82
CA GLY B 321 -3.88 -8.18 26.83
C GLY B 321 -4.32 -7.41 25.60
N LEU B 322 -5.04 -6.31 25.79
CA LEU B 322 -5.54 -5.51 24.69
C LEU B 322 -4.42 -4.92 23.83
N LYS B 323 -3.31 -4.56 24.47
CA LYS B 323 -2.13 -4.03 23.73
C LYS B 323 -1.63 -4.99 22.63
N HIS B 324 -1.72 -6.30 22.88
CA HIS B 324 -1.24 -7.26 21.87
C HIS B 324 -1.98 -7.16 20.52
N SER B 325 -3.13 -6.49 20.51
CA SER B 325 -3.90 -6.31 19.26
C SER B 325 -3.57 -5.04 18.47
N ILE B 326 -2.57 -4.29 18.91
CA ILE B 326 -2.29 -2.98 18.33
C ILE B 326 -0.86 -2.89 17.85
N HIS B 327 -0.67 -2.61 16.55
CA HIS B 327 0.65 -2.45 15.97
C HIS B 327 1.32 -1.29 16.65
N GLY B 328 2.63 -1.40 16.86
CA GLY B 328 3.41 -0.33 17.48
C GLY B 328 3.70 -0.60 18.94
N ASP B 329 4.32 0.38 19.62
CA ASP B 329 4.83 0.18 20.98
C ASP B 329 3.89 0.63 22.10
N ILE B 330 2.98 1.55 21.82
CA ILE B 330 2.20 2.13 22.91
C ILE B 330 0.75 1.65 22.91
N ASN B 331 0.10 1.76 24.07
CA ASN B 331 -1.27 1.25 24.28
C ASN B 331 -2.25 2.39 24.08
N PRO B 332 -3.13 2.29 23.07
CA PRO B 332 -3.98 3.41 22.68
C PRO B 332 -5.25 3.59 23.52
N PHE B 333 -5.59 2.64 24.38
CA PHE B 333 -6.87 2.65 25.09
C PHE B 333 -6.97 3.60 26.30
N ASP B 334 -8.16 4.13 26.53
CA ASP B 334 -8.40 4.93 27.72
C ASP B 334 -8.82 4.01 28.85
N GLU B 335 -8.80 4.53 30.07
CA GLU B 335 -9.12 3.73 31.26
C GLU B 335 -10.47 3.02 31.14
N LYS B 336 -11.47 3.79 30.75
CA LYS B 336 -12.84 3.27 30.64
C LYS B 336 -12.92 2.04 29.71
N THR B 337 -12.26 2.11 28.55
CA THR B 337 -12.24 0.99 27.62
C THR B 337 -11.60 -0.24 28.25
N ILE B 338 -10.46 -0.04 28.89
CA ILE B 338 -9.75 -1.11 29.57
C ILE B 338 -10.59 -1.70 30.71
N ALA B 339 -11.18 -0.83 31.52
CA ALA B 339 -11.98 -1.28 32.65
C ALA B 339 -13.23 -2.04 32.18
N ASP B 340 -13.85 -1.59 31.10
CA ASP B 340 -15.04 -2.27 30.57
C ASP B 340 -14.69 -3.68 30.10
N PHE B 341 -13.54 -3.84 29.46
CA PHE B 341 -13.10 -5.16 29.01
C PHE B 341 -12.84 -6.07 30.20
N ALA B 342 -12.09 -5.54 31.16
CA ALA B 342 -11.76 -6.31 32.35
C ALA B 342 -13.01 -6.80 33.07
N ALA B 343 -14.00 -5.93 33.21
CA ALA B 343 -15.24 -6.29 33.91
C ALA B 343 -16.11 -7.19 33.04
N ASP B 344 -15.76 -7.28 31.77
CA ASP B 344 -16.60 -8.03 30.83
C ASP B 344 -16.30 -9.52 30.88
N LYS B 345 -15.11 -9.91 30.43
CA LYS B 345 -14.73 -11.31 30.36
C LYS B 345 -14.41 -11.84 31.75
N LYS C 25 5.08 35.69 20.68
CA LYS C 25 3.73 36.34 20.79
C LYS C 25 2.63 35.37 20.40
N GLN C 26 1.46 35.57 21.00
CA GLN C 26 0.38 34.59 20.96
C GLN C 26 -0.81 34.97 20.09
N VAL C 27 -1.41 33.96 19.46
CA VAL C 27 -2.50 34.17 18.53
C VAL C 27 -3.71 33.29 18.86
N VAL C 28 -4.91 33.87 18.75
CA VAL C 28 -6.14 33.12 18.94
C VAL C 28 -6.88 33.00 17.61
N THR C 29 -7.46 31.84 17.35
CA THR C 29 -8.25 31.67 16.14
C THR C 29 -9.59 30.96 16.40
N ILE C 30 -10.50 31.08 15.44
CA ILE C 30 -11.85 30.52 15.58
C ILE C 30 -12.22 29.79 14.29
N GLY C 31 -12.65 28.55 14.42
CA GLY C 31 -12.99 27.82 13.22
C GLY C 31 -13.19 26.34 13.43
N GLU C 32 -13.75 25.72 12.41
CA GLU C 32 -14.10 24.31 12.47
C GLU C 32 -12.99 23.44 11.89
N LEU C 33 -12.73 22.30 12.53
CA LEU C 33 -11.83 21.29 11.99
C LEU C 33 -12.60 20.27 11.18
N LEU C 34 -12.07 19.88 10.03
CA LEU C 34 -12.70 18.91 9.16
C LEU C 34 -11.79 17.72 8.98
N MET C 35 -12.36 16.55 8.77
CA MET C 35 -11.51 15.47 8.32
C MET C 35 -11.59 15.42 6.80
N ARG C 36 -10.45 15.54 6.14
CA ARG C 36 -10.44 15.41 4.70
C ARG C 36 -10.16 13.95 4.31
N LEU C 37 -10.89 13.44 3.33
CA LEU C 37 -10.73 12.07 2.81
C LEU C 37 -10.42 12.11 1.33
N SER C 38 -9.21 11.69 0.96
CA SER C 38 -8.59 11.98 -0.33
C SER C 38 -8.35 10.71 -1.15
N THR C 39 -8.60 10.77 -2.46
CA THR C 39 -8.20 9.66 -3.35
C THR C 39 -6.73 9.84 -3.70
N GLN C 40 -6.11 8.78 -4.20
CA GLN C 40 -4.71 8.84 -4.61
C GLN C 40 -4.64 9.45 -6.02
N GLN C 41 -3.46 9.88 -6.43
CA GLN C 41 -3.27 10.46 -7.76
C GLN C 41 -3.80 9.54 -8.86
N GLY C 42 -4.54 10.12 -9.80
CA GLY C 42 -5.06 9.38 -10.97
C GLY C 42 -6.23 8.45 -10.67
N ILE C 43 -6.68 8.44 -9.43
CA ILE C 43 -7.81 7.57 -9.08
C ILE C 43 -9.06 8.40 -8.79
N PRO C 44 -10.13 8.19 -9.57
CA PRO C 44 -11.37 8.91 -9.30
C PRO C 44 -12.16 8.27 -8.18
N PHE C 45 -13.11 9.02 -7.61
CA PHE C 45 -14.00 8.46 -6.61
C PHE C 45 -14.55 7.10 -7.00
N SER C 46 -14.96 6.96 -8.26
CA SER C 46 -15.69 5.75 -8.66
C SER C 46 -14.81 4.52 -8.65
N GLN C 47 -13.50 4.69 -8.59
CA GLN C 47 -12.56 3.57 -8.58
C GLN C 47 -11.73 3.43 -7.32
N THR C 48 -11.99 4.27 -6.34
CA THR C 48 -11.16 4.27 -5.14
CA THR C 48 -11.23 4.32 -5.11
C THR C 48 -11.59 3.17 -4.17
N THR C 49 -10.61 2.53 -3.55
CA THR C 49 -10.90 1.48 -2.56
C THR C 49 -10.47 1.88 -1.15
N ALA C 50 -9.72 2.97 -1.06
CA ALA C 50 -9.29 3.51 0.23
C ALA C 50 -9.19 5.02 0.14
N LEU C 51 -9.42 5.72 1.24
CA LEU C 51 -9.22 7.16 1.25
C LEU C 51 -8.16 7.51 2.29
N ASP C 52 -7.22 8.38 1.91
CA ASP C 52 -6.25 8.94 2.86
C ASP C 52 -6.87 10.02 3.73
N ILE C 53 -6.51 10.04 5.01
CA ILE C 53 -7.08 10.98 5.97
C ILE C 53 -6.14 12.13 6.27
N HIS C 54 -6.68 13.35 6.34
CA HIS C 54 -5.93 14.52 6.83
C HIS C 54 -6.90 15.39 7.63
N ILE C 55 -6.44 15.91 8.77
CA ILE C 55 -7.24 16.85 9.55
C ILE C 55 -6.85 18.26 9.14
N GLY C 56 -7.84 19.14 9.01
CA GLY C 56 -7.56 20.50 8.59
C GLY C 56 -8.74 21.41 8.84
N GLY C 57 -8.62 22.64 8.35
CA GLY C 57 -9.61 23.69 8.60
C GLY C 57 -8.85 24.98 8.41
N ALA C 58 -9.38 25.91 7.61
CA ALA C 58 -8.66 27.15 7.30
C ALA C 58 -8.00 27.75 8.53
N GLU C 59 -8.80 28.01 9.57
CA GLU C 59 -8.27 28.70 10.75
C GLU C 59 -7.35 27.77 11.56
N ALA C 60 -7.78 26.52 11.73
CA ALA C 60 -6.95 25.51 12.36
C ALA C 60 -5.58 25.34 11.67
N ASN C 61 -5.57 25.41 10.35
CA ASN C 61 -4.32 25.30 9.61
C ASN C 61 -3.46 26.51 9.92
N VAL C 62 -4.09 27.69 9.95
CA VAL C 62 -3.34 28.88 10.27
C VAL C 62 -2.71 28.74 11.65
N ALA C 63 -3.47 28.18 12.60
CA ALA C 63 -2.96 28.00 13.96
C ALA C 63 -1.75 27.06 13.98
N VAL C 64 -1.88 25.90 13.34
CA VAL C 64 -0.76 24.96 13.29
C VAL C 64 0.48 25.60 12.65
N ASN C 65 0.29 26.28 11.53
CA ASN C 65 1.42 26.88 10.82
C ASN C 65 2.10 27.96 11.66
N LEU C 66 1.32 28.76 12.38
CA LEU C 66 1.90 29.78 13.27
C LEU C 66 2.76 29.10 14.32
N SER C 67 2.21 28.02 14.88
CA SER C 67 2.91 27.29 15.93
C SER C 67 4.22 26.69 15.41
N LYS C 68 4.23 26.32 14.13
CA LYS C 68 5.43 25.82 13.49
C LYS C 68 6.51 26.89 13.55
N LEU C 69 6.07 28.13 13.54
CA LEU C 69 6.99 29.27 13.48
C LEU C 69 7.27 29.88 14.85
N GLY C 70 6.89 29.17 15.92
CA GLY C 70 7.23 29.60 17.27
C GLY C 70 6.14 30.35 18.03
N HIS C 71 5.00 30.60 17.40
CA HIS C 71 3.95 31.33 18.09
C HIS C 71 2.99 30.40 18.83
N PRO C 72 2.92 30.53 20.17
CA PRO C 72 1.92 29.78 20.92
C PRO C 72 0.54 30.18 20.41
N THR C 73 -0.26 29.19 20.05
CA THR C 73 -1.59 29.44 19.50
CA THR C 73 -1.59 29.46 19.51
C THR C 73 -2.65 28.66 20.25
N ARG C 74 -3.89 29.10 20.10
CA ARG C 74 -5.05 28.46 20.72
C ARG C 74 -6.23 28.64 19.79
N ILE C 75 -7.21 27.76 19.90
CA ILE C 75 -8.34 27.80 18.98
C ILE C 75 -9.65 27.51 19.68
N ALA C 76 -10.59 28.42 19.48
CA ALA C 76 -11.97 28.21 19.93
C ALA C 76 -12.67 27.34 18.87
N THR C 77 -12.99 26.10 19.23
CA THR C 77 -13.65 25.21 18.29
C THR C 77 -14.54 24.16 18.98
N VAL C 78 -15.29 23.40 18.18
CA VAL C 78 -16.19 22.38 18.73
C VAL C 78 -16.04 21.06 18.00
N VAL C 79 -15.92 19.97 18.77
CA VAL C 79 -15.86 18.62 18.21
C VAL C 79 -16.74 17.65 18.98
N PRO C 80 -17.20 16.58 18.33
CA PRO C 80 -18.00 15.60 19.06
C PRO C 80 -17.12 14.78 20.01
N ALA C 81 -17.69 14.38 21.14
CA ALA C 81 -16.99 13.56 22.12
C ALA C 81 -16.95 12.12 21.62
N ASN C 82 -16.39 11.92 20.45
CA ASN C 82 -16.20 10.56 19.96
C ASN C 82 -14.81 10.41 19.35
N PRO C 83 -14.40 9.17 19.03
CA PRO C 83 -13.07 8.92 18.49
C PRO C 83 -12.69 9.74 17.25
N ILE C 84 -13.66 10.12 16.44
CA ILE C 84 -13.34 10.90 15.26
C ILE C 84 -13.06 12.34 15.69
N GLY C 85 -13.93 12.89 16.52
CA GLY C 85 -13.65 14.19 17.14
C GLY C 85 -12.29 14.19 17.83
N LYS C 86 -11.94 13.07 18.45
CA LYS C 86 -10.67 12.96 19.15
C LYS C 86 -9.48 13.11 18.20
N MET C 87 -9.62 12.62 16.97
CA MET C 87 -8.54 12.67 16.01
C MET C 87 -8.22 14.13 15.72
N ALA C 88 -9.27 14.94 15.70
CA ALA C 88 -9.13 16.36 15.46
C ALA C 88 -8.33 16.98 16.59
N VAL C 89 -8.62 16.56 17.82
CA VAL C 89 -7.94 17.09 19.01
C VAL C 89 -6.48 16.62 19.03
N GLU C 90 -6.25 15.35 18.75
CA GLU C 90 -4.89 14.80 18.73
C GLU C 90 -4.01 15.47 17.66
N HIS C 91 -4.62 15.83 16.53
CA HIS C 91 -3.93 16.63 15.52
C HIS C 91 -3.45 17.99 16.09
N LEU C 92 -4.29 18.65 16.88
CA LEU C 92 -3.89 19.89 17.55
C LEU C 92 -2.71 19.67 18.51
N TRP C 93 -2.79 18.61 19.30
CA TRP C 93 -1.73 18.27 20.26
C TRP C 93 -0.40 18.05 19.55
N ARG C 94 -0.43 17.18 18.54
CA ARG C 94 0.75 16.83 17.77
C ARG C 94 1.45 18.08 17.26
N HIS C 95 0.69 19.13 16.95
CA HIS C 95 1.26 20.35 16.38
C HIS C 95 1.30 21.49 17.38
N GLN C 96 1.08 21.14 18.64
CA GLN C 96 1.20 22.04 19.79
C GLN C 96 0.31 23.28 19.74
N VAL C 97 -0.89 23.15 19.19
CA VAL C 97 -1.89 24.20 19.32
C VAL C 97 -2.64 23.93 20.61
N ASP C 98 -2.85 24.97 21.40
CA ASP C 98 -3.56 24.88 22.68
C ASP C 98 -4.97 24.36 22.46
N THR C 99 -5.38 23.36 23.24
CA THR C 99 -6.72 22.80 23.11
C THR C 99 -7.68 23.18 24.25
N ALA C 100 -7.20 23.97 25.21
CA ALA C 100 -8.03 24.34 26.35
C ALA C 100 -9.40 24.91 25.97
N PHE C 101 -9.54 25.44 24.76
CA PHE C 101 -10.80 26.07 24.37
C PHE C 101 -11.57 25.26 23.32
N VAL C 102 -11.19 24.00 23.15
CA VAL C 102 -11.94 23.08 22.32
C VAL C 102 -13.12 22.63 23.16
N VAL C 103 -14.32 22.70 22.60
CA VAL C 103 -15.53 22.30 23.33
C VAL C 103 -16.10 21.02 22.72
N GLU C 104 -16.46 20.06 23.56
CA GLU C 104 -17.02 18.79 23.09
C GLU C 104 -18.54 18.85 23.09
N ALA C 105 -19.16 18.62 21.94
CA ALA C 105 -20.62 18.62 21.87
C ALA C 105 -21.11 18.14 20.51
N GLY C 106 -22.40 17.83 20.43
CA GLY C 106 -23.00 17.37 19.17
C GLY C 106 -22.63 15.95 18.78
N ASP C 107 -22.81 15.62 17.50
CA ASP C 107 -22.89 14.22 17.04
C ASP C 107 -21.86 13.79 16.00
N ARG C 108 -21.21 14.76 15.36
CA ARG C 108 -20.32 14.37 14.26
C ARG C 108 -19.28 15.40 13.91
N LEU C 109 -18.14 14.92 13.43
CA LEU C 109 -17.14 15.81 12.87
C LEU C 109 -17.43 15.99 11.38
N GLY C 110 -17.37 17.22 10.90
CA GLY C 110 -17.55 17.51 9.49
C GLY C 110 -16.44 16.89 8.65
N THR C 111 -16.76 16.50 7.43
CA THR C 111 -15.77 15.89 6.57
C THR C 111 -15.92 16.47 5.18
N TYR C 112 -14.95 16.18 4.31
CA TYR C 112 -15.13 16.39 2.90
C TYR C 112 -14.24 15.43 2.15
N TYR C 113 -14.65 15.12 0.92
CA TYR C 113 -13.98 14.14 0.11
C TYR C 113 -13.27 14.92 -0.97
N LEU C 114 -12.01 14.56 -1.24
CA LEU C 114 -11.26 15.24 -2.26
C LEU C 114 -10.74 14.25 -3.31
N GLU C 115 -11.16 14.43 -4.56
CA GLU C 115 -10.69 13.60 -5.65
C GLU C 115 -9.53 14.32 -6.26
N SER C 116 -8.43 13.60 -6.35
CA SER C 116 -7.18 14.13 -6.83
CA SER C 116 -7.19 14.20 -6.80
C SER C 116 -7.33 14.68 -8.25
N GLY C 117 -6.56 15.72 -8.58
CA GLY C 117 -6.48 16.25 -9.93
C GLY C 117 -5.02 16.32 -10.35
N THR C 118 -4.79 16.12 -11.64
CA THR C 118 -3.46 16.14 -12.22
C THR C 118 -3.62 16.65 -13.66
N ALA C 119 -2.64 17.41 -14.14
CA ALA C 119 -2.65 17.90 -15.52
C ALA C 119 -3.96 18.59 -15.88
N LEU C 120 -4.69 18.08 -16.88
CA LEU C 120 -5.90 18.79 -17.31
C LEU C 120 -7.06 18.63 -16.34
N LYS C 121 -7.03 17.59 -15.51
CA LYS C 121 -8.16 17.31 -14.63
C LYS C 121 -7.99 18.00 -13.29
N ALA C 122 -8.86 18.96 -13.02
CA ALA C 122 -8.84 19.69 -11.74
C ALA C 122 -9.30 18.79 -10.57
N PRO C 123 -8.75 19.05 -9.38
CA PRO C 123 -9.29 18.39 -8.19
C PRO C 123 -10.78 18.65 -8.04
N SER C 124 -11.49 17.71 -7.43
CA SER C 124 -12.93 17.81 -7.26
C SER C 124 -13.27 17.55 -5.77
N VAL C 125 -14.15 18.35 -5.19
CA VAL C 125 -14.49 18.20 -3.77
C VAL C 125 -15.98 17.91 -3.57
N VAL C 126 -16.29 17.14 -2.53
CA VAL C 126 -17.67 16.90 -2.11
C VAL C 126 -17.72 17.14 -0.61
N TYR C 127 -18.44 18.17 -0.18
CA TYR C 127 -18.51 18.44 1.24
C TYR C 127 -19.48 17.52 1.97
N ASP C 128 -19.13 17.14 3.19
CA ASP C 128 -20.04 16.43 4.07
C ASP C 128 -19.92 17.05 5.46
N ARG C 129 -20.12 18.36 5.53
CA ARG C 129 -19.80 19.15 6.71
C ARG C 129 -21.05 19.69 7.39
N GLN C 130 -22.18 19.67 6.70
CA GLN C 130 -23.42 20.09 7.36
C GLN C 130 -23.73 19.21 8.56
N HIS C 131 -24.44 19.79 9.52
CA HIS C 131 -24.90 19.09 10.72
C HIS C 131 -23.76 18.65 11.64
N SER C 132 -22.56 19.15 11.40
CA SER C 132 -21.46 18.89 12.30
C SER C 132 -21.70 19.54 13.67
N SER C 133 -20.99 19.08 14.69
CA SER C 133 -21.02 19.71 16.01
C SER C 133 -20.79 21.21 15.92
N PHE C 134 -19.73 21.60 15.21
CA PHE C 134 -19.42 23.01 15.07
C PHE C 134 -20.56 23.76 14.39
N ALA C 135 -21.03 23.21 13.27
CA ALA C 135 -22.09 23.86 12.50
C ALA C 135 -23.37 24.04 13.31
N ARG C 136 -23.74 23.02 14.08
CA ARG C 136 -25.00 23.10 14.83
C ARG C 136 -24.87 23.76 16.20
N HIS C 137 -23.67 24.17 16.57
CA HIS C 137 -23.44 24.67 17.91
C HIS C 137 -24.14 26.00 18.10
N LYS C 138 -24.82 26.17 19.22
CA LYS C 138 -25.58 27.40 19.50
C LYS C 138 -25.36 27.88 20.92
N SER C 139 -24.26 27.44 21.53
CA SER C 139 -24.04 27.70 22.94
C SER C 139 -22.80 28.54 23.16
N MET C 140 -22.88 29.54 24.05
CA MET C 140 -21.72 30.38 24.35
C MET C 140 -20.88 29.77 25.47
N ASP C 141 -19.94 28.90 25.10
CA ASP C 141 -19.19 28.10 26.06
C ASP C 141 -17.75 28.56 26.26
N TRP C 142 -17.48 29.82 25.93
CA TRP C 142 -16.13 30.36 26.05
C TRP C 142 -16.06 31.57 26.97
N ASP C 143 -15.24 31.47 28.01
CA ASP C 143 -14.94 32.62 28.86
C ASP C 143 -13.97 33.55 28.11
N LEU C 144 -14.48 34.69 27.68
CA LEU C 144 -13.72 35.58 26.78
C LEU C 144 -12.45 36.16 27.39
N SER C 145 -12.54 36.62 28.63
CA SER C 145 -11.36 37.13 29.33
C SER C 145 -10.22 36.10 29.34
N GLU C 146 -10.58 34.82 29.36
CA GLU C 146 -9.58 33.76 29.35
C GLU C 146 -9.14 33.46 27.93
N LEU C 147 -10.10 33.54 27.01
CA LEU C 147 -9.85 33.22 25.61
C LEU C 147 -8.94 34.26 24.97
N LEU C 148 -9.05 35.50 25.43
CA LEU C 148 -8.30 36.60 24.83
C LEU C 148 -7.07 37.03 25.64
N LYS C 149 -6.80 36.33 26.74
CA LYS C 149 -5.70 36.67 27.63
C LYS C 149 -4.32 36.45 27.00
N GLY C 150 -3.45 37.46 27.11
CA GLY C 150 -2.10 37.36 26.57
C GLY C 150 -2.04 37.18 25.05
N ILE C 151 -3.04 37.71 24.36
CA ILE C 151 -3.13 37.57 22.90
C ILE C 151 -2.76 38.89 22.21
N ARG C 152 -2.19 38.78 21.00
CA ARG C 152 -1.84 39.97 20.22
C ARG C 152 -2.72 40.07 18.97
N VAL C 153 -3.06 38.92 18.39
CA VAL C 153 -3.90 38.89 17.21
C VAL C 153 -5.05 37.87 17.31
N LEU C 154 -6.17 38.24 16.72
CA LEU C 154 -7.29 37.34 16.55
C LEU C 154 -7.50 37.13 15.09
N HIS C 155 -7.57 35.87 14.70
CA HIS C 155 -7.75 35.51 13.31
C HIS C 155 -9.02 34.71 13.06
N VAL C 156 -9.73 35.05 12.00
CA VAL C 156 -10.91 34.30 11.59
C VAL C 156 -11.12 34.42 10.08
N SER C 157 -11.97 33.53 9.53
CA SER C 157 -12.21 33.53 8.09
C SER C 157 -13.71 33.56 7.76
N GLY C 158 -14.00 33.90 6.50
CA GLY C 158 -15.38 33.91 6.01
C GLY C 158 -16.06 32.55 6.03
N ILE C 159 -15.29 31.49 6.23
CA ILE C 159 -15.86 30.13 6.28
C ILE C 159 -16.70 29.99 7.52
N THR C 160 -16.15 30.41 8.65
CA THR C 160 -16.83 30.30 9.92
C THR C 160 -18.10 31.14 9.99
N ILE C 161 -18.02 32.39 9.57
CA ILE C 161 -19.18 33.28 9.70
C ILE C 161 -20.32 32.87 8.76
N ALA C 162 -20.00 32.06 7.76
CA ALA C 162 -21.01 31.58 6.81
C ALA C 162 -21.80 30.37 7.35
N LEU C 163 -21.28 29.75 8.40
CA LEU C 163 -21.86 28.47 8.83
C LEU C 163 -23.22 28.63 9.49
N SER C 164 -23.40 29.73 10.20
CA SER C 164 -24.68 29.98 10.83
C SER C 164 -24.76 31.42 11.33
N THR C 165 -25.97 31.89 11.60
CA THR C 165 -26.12 33.24 12.06
C THR C 165 -25.55 33.34 13.48
N PHE C 166 -25.65 32.24 14.23
CA PHE C 166 -24.99 32.17 15.52
C PHE C 166 -23.49 32.43 15.42
N TRP C 167 -22.82 31.77 14.48
CA TRP C 167 -21.37 31.95 14.33
C TRP C 167 -21.00 33.33 13.80
N LEU C 168 -21.80 33.84 12.87
CA LEU C 168 -21.63 35.21 12.39
C LEU C 168 -21.62 36.17 13.57
N GLU C 169 -22.65 36.07 14.41
CA GLU C 169 -22.80 37.03 15.53
C GLU C 169 -21.85 36.71 16.67
N MET C 170 -21.42 35.45 16.77
CA MET C 170 -20.43 35.09 17.78
C MET C 170 -19.06 35.67 17.42
N VAL C 171 -18.66 35.53 16.16
CA VAL C 171 -17.40 36.12 15.70
C VAL C 171 -17.43 37.64 15.87
N VAL C 172 -18.56 38.26 15.55
CA VAL C 172 -18.68 39.71 15.76
C VAL C 172 -18.50 40.10 17.23
N LYS C 173 -19.10 39.31 18.14
CA LYS C 173 -19.02 39.64 19.58
C LYS C 173 -17.60 39.51 20.09
N ILE C 174 -16.85 38.55 19.54
CA ILE C 174 -15.48 38.28 20.00
C ILE C 174 -14.51 39.34 19.52
N ILE C 175 -14.50 39.58 18.17
CA ILE C 175 -13.75 40.68 17.61
C ILE C 175 -14.00 41.99 18.38
N ARG C 176 -15.26 42.32 18.71
CA ARG C 176 -15.53 43.55 19.46
C ARG C 176 -14.90 43.52 20.85
N GLU C 177 -15.01 42.41 21.56
CA GLU C 177 -14.37 42.31 22.87
C GLU C 177 -12.87 42.45 22.64
N ALA C 178 -12.36 41.66 21.69
CA ALA C 178 -10.91 41.71 21.33
C ALA C 178 -10.42 43.21 21.06
N LYS C 179 -11.14 43.91 20.17
CA LYS C 179 -10.78 45.29 19.81
C LYS C 179 -10.71 46.25 21.03
N ARG C 180 -11.64 46.07 21.96
CA ARG C 180 -11.61 46.86 23.22
C ARG C 180 -10.30 46.63 23.96
N ASN C 181 -9.83 45.38 23.95
CA ASN C 181 -8.62 45.03 24.69
C ASN C 181 -7.33 45.35 23.93
N GLY C 182 -7.48 46.03 22.78
CA GLY C 182 -6.32 46.47 21.99
C GLY C 182 -5.72 45.41 21.06
N ILE C 183 -6.48 44.34 20.82
CA ILE C 183 -5.99 43.24 19.96
C ILE C 183 -6.23 43.49 18.48
N LYS C 184 -5.21 43.12 17.64
CA LYS C 184 -5.34 43.28 16.20
C LYS C 184 -6.29 42.24 15.62
N ILE C 185 -6.97 42.60 14.54
CA ILE C 185 -7.94 41.71 13.91
C ILE C 185 -7.48 41.25 12.53
N SER C 186 -7.30 39.95 12.39
CA SER C 186 -6.94 39.33 11.12
C SER C 186 -8.14 38.62 10.54
N PHE C 187 -8.49 38.97 9.31
CA PHE C 187 -9.65 38.38 8.65
C PHE C 187 -9.29 37.85 7.27
N ASP C 188 -9.74 36.62 7.01
CA ASP C 188 -9.52 35.98 5.74
C ASP C 188 -10.87 35.87 5.04
N MET C 189 -11.10 36.66 3.99
CA MET C 189 -12.39 36.65 3.27
C MET C 189 -12.86 35.21 2.99
N ASN C 190 -12.01 34.45 2.31
CA ASN C 190 -12.24 33.03 2.11
C ASN C 190 -13.71 32.75 1.78
N TYR C 191 -14.20 33.38 0.73
CA TYR C 191 -15.57 33.19 0.29
C TYR C 191 -15.72 31.82 -0.34
N ARG C 192 -16.79 31.11 0.01
CA ARG C 192 -17.00 29.77 -0.55
C ARG C 192 -18.36 29.68 -1.22
N ALA C 193 -18.36 29.48 -2.54
CA ALA C 193 -19.62 29.40 -3.27
C ALA C 193 -20.53 28.38 -2.57
N LYS C 194 -19.95 27.24 -2.21
CA LYS C 194 -20.66 26.15 -1.56
C LYS C 194 -21.43 26.55 -0.31
N LEU C 195 -20.93 27.55 0.42
CA LEU C 195 -21.52 27.90 1.72
C LEU C 195 -22.64 28.90 1.68
N TRP C 196 -22.60 29.86 0.75
CA TRP C 196 -23.62 30.91 0.65
C TRP C 196 -23.65 31.74 -0.64
N GLU C 197 -24.77 32.42 -0.84
CA GLU C 197 -24.97 33.30 -2.00
C GLU C 197 -24.10 34.54 -1.83
N LEU C 198 -23.70 35.15 -2.94
CA LEU C 198 -22.84 36.32 -2.87
C LEU C 198 -23.48 37.44 -2.06
N GLU C 199 -24.76 37.69 -2.30
CA GLU C 199 -25.42 38.79 -1.62
C GLU C 199 -25.49 38.61 -0.13
N ALA C 200 -25.79 37.42 0.34
CA ALA C 200 -25.81 37.19 1.77
C ALA C 200 -24.40 37.32 2.29
N ALA C 201 -23.44 36.79 1.54
CA ALA C 201 -22.07 36.86 1.95
C ALA C 201 -21.65 38.31 2.00
N LYS C 202 -21.98 39.01 0.93
CA LYS C 202 -21.70 40.44 0.81
C LYS C 202 -22.15 41.22 2.05
N ARG C 203 -23.35 40.89 2.53
CA ARG C 203 -23.96 41.60 3.66
C ARG C 203 -23.25 41.25 4.97
N ALA C 204 -22.90 39.97 5.14
CA ALA C 204 -22.09 39.53 6.27
C ALA C 204 -20.74 40.25 6.27
N TYR C 205 -20.07 40.20 5.11
CA TYR C 205 -18.77 40.87 4.98
C TYR C 205 -18.86 42.35 5.36
N GLN C 206 -19.97 43.01 5.03
CA GLN C 206 -20.12 44.43 5.34
C GLN C 206 -20.14 44.70 6.85
N GLN C 207 -20.48 43.64 7.65
CA GLN C 207 -20.44 43.77 9.10
C GLN C 207 -19.02 43.57 9.64
N LEU C 208 -18.27 42.64 9.04
CA LEU C 208 -16.91 42.30 9.51
C LEU C 208 -15.86 43.33 9.13
N LEU C 209 -15.79 43.70 7.86
CA LEU C 209 -14.70 44.55 7.32
C LEU C 209 -14.37 45.86 8.09
N PRO C 210 -15.39 46.63 8.45
CA PRO C 210 -15.12 47.88 9.25
C PRO C 210 -14.33 47.59 10.52
N LEU C 211 -14.28 46.30 10.88
CA LEU C 211 -13.66 45.83 12.12
C LEU C 211 -12.29 45.19 11.97
N VAL C 212 -11.75 45.14 10.74
CA VAL C 212 -10.52 44.39 10.45
C VAL C 212 -9.22 45.24 10.33
N ASP C 213 -8.11 44.68 10.79
CA ASP C 213 -6.80 45.35 10.69
C ASP C 213 -5.98 44.80 9.52
N TYR C 214 -5.98 43.48 9.40
CA TYR C 214 -5.25 42.78 8.36
C TYR C 214 -6.23 41.93 7.59
N CYS C 215 -6.40 42.24 6.30
CA CYS C 215 -7.39 41.53 5.49
C CYS C 215 -6.76 40.71 4.37
N SER C 216 -7.07 39.42 4.32
CA SER C 216 -6.71 38.64 3.15
C SER C 216 -7.80 38.77 2.08
N ALA C 217 -7.53 39.58 1.07
CA ALA C 217 -8.51 39.82 0.02
C ALA C 217 -7.84 39.99 -1.33
N GLY C 218 -8.40 39.34 -2.35
CA GLY C 218 -7.91 39.46 -3.72
C GLY C 218 -8.81 40.36 -4.54
N GLN C 219 -8.52 40.47 -5.84
CA GLN C 219 -9.33 41.32 -6.70
C GLN C 219 -10.75 40.78 -6.87
N MET C 220 -10.92 39.46 -6.80
CA MET C 220 -12.25 38.87 -6.88
C MET C 220 -13.09 39.42 -5.74
N ASP C 221 -12.51 39.40 -4.55
CA ASP C 221 -13.15 39.97 -3.36
C ASP C 221 -13.47 41.44 -3.61
N ALA C 222 -12.47 42.19 -4.07
CA ALA C 222 -12.63 43.64 -4.29
C ALA C 222 -13.88 43.98 -5.12
N VAL C 223 -14.11 43.19 -6.17
CA VAL C 223 -15.24 43.45 -7.06
C VAL C 223 -16.56 42.96 -6.46
N ALA C 224 -16.55 41.74 -5.93
CA ALA C 224 -17.75 41.12 -5.39
C ALA C 224 -18.20 41.77 -4.09
N PHE C 225 -17.25 42.06 -3.20
CA PHE C 225 -17.60 42.47 -1.84
C PHE C 225 -17.29 43.93 -1.46
N PHE C 226 -16.32 44.54 -2.12
CA PHE C 226 -15.98 45.94 -1.81
C PHE C 226 -16.57 46.91 -2.84
N GLU C 227 -17.42 46.39 -3.72
CA GLU C 227 -18.05 47.21 -4.75
C GLU C 227 -17.04 48.04 -5.54
N ILE C 228 -15.88 47.46 -5.84
CA ILE C 228 -14.87 48.13 -6.65
C ILE C 228 -15.02 47.73 -8.11
N SER C 229 -15.15 48.73 -8.99
CA SER C 229 -15.22 48.45 -10.41
C SER C 229 -14.11 47.49 -10.80
N SER C 230 -14.43 46.56 -11.70
CA SER C 230 -13.43 45.59 -12.16
C SER C 230 -12.42 46.27 -13.07
N GLU C 231 -12.78 47.48 -13.53
CA GLU C 231 -11.86 48.30 -14.29
C GLU C 231 -10.65 48.61 -13.43
N THR C 232 -10.91 49.09 -12.21
CA THR C 232 -9.87 49.51 -11.27
C THR C 232 -8.64 48.58 -11.26
N THR C 233 -7.47 49.16 -11.52
CA THR C 233 -6.21 48.42 -11.50
C THR C 233 -5.70 48.35 -10.08
N ASP C 234 -5.71 49.48 -9.39
CA ASP C 234 -5.31 49.52 -7.99
C ASP C 234 -6.52 49.29 -7.09
N TYR C 235 -6.92 48.03 -6.97
CA TYR C 235 -8.12 47.69 -6.19
C TYR C 235 -7.90 47.87 -4.70
N TYR C 236 -6.65 47.55 -4.24
CA TYR C 236 -6.31 47.71 -2.82
C TYR C 236 -6.49 49.14 -2.34
N GLN C 237 -6.05 50.09 -3.15
CA GLN C 237 -6.10 51.49 -2.77
C GLN C 237 -7.60 51.96 -2.62
N ALA C 238 -8.43 51.25 -3.59
CA ALA C 238 -9.87 51.59 -3.57
C ALA C 238 -10.53 50.89 -2.37
N MET C 239 -10.09 49.68 -2.09
CA MET C 239 -10.62 48.94 -0.98
C MET C 239 -10.28 49.70 0.28
N HIS C 240 -9.10 50.28 0.33
CA HIS C 240 -8.71 51.06 1.48
C HIS C 240 -9.57 52.31 1.63
N ASP C 241 -9.93 52.91 0.52
CA ASP C 241 -10.73 54.13 0.59
C ASP C 241 -12.03 53.73 1.26
N LYS C 242 -12.58 52.60 0.85
CA LYS C 242 -13.82 52.09 1.39
C LYS C 242 -13.71 51.71 2.86
N TYR C 243 -12.59 51.12 3.24
CA TYR C 243 -12.37 50.70 4.62
C TYR C 243 -10.99 51.14 5.09
N PRO C 244 -10.90 52.41 5.45
CA PRO C 244 -9.69 53.06 5.87
C PRO C 244 -9.10 52.46 7.13
N ASN C 245 -9.94 51.77 7.88
CA ASN C 245 -9.49 51.06 9.06
C ASN C 245 -8.55 49.89 8.74
N ILE C 246 -8.63 49.35 7.54
CA ILE C 246 -7.81 48.20 7.20
C ILE C 246 -6.37 48.65 6.92
N GLU C 247 -5.49 48.33 7.85
CA GLU C 247 -4.06 48.68 7.78
C GLU C 247 -3.29 47.97 6.61
N LEU C 248 -3.46 46.66 6.44
CA LEU C 248 -2.85 45.99 5.26
C LEU C 248 -3.66 44.83 4.71
N PHE C 249 -3.64 44.71 3.38
CA PHE C 249 -4.25 43.58 2.69
C PHE C 249 -3.14 42.63 2.26
N TYR C 250 -3.49 41.36 2.06
CA TYR C 250 -2.51 40.41 1.55
C TYR C 250 -3.22 39.29 0.83
N ALA C 251 -2.57 38.72 -0.17
CA ALA C 251 -3.13 37.62 -0.93
C ALA C 251 -2.07 37.09 -1.87
N THR C 252 -2.35 35.96 -2.50
CA THR C 252 -1.47 35.48 -3.55
C THR C 252 -2.14 35.70 -4.91
N LYS C 253 -1.35 35.95 -5.93
CA LYS C 253 -1.89 35.94 -7.26
C LYS C 253 -1.52 34.60 -7.86
N ARG C 254 -2.55 33.81 -8.17
CA ARG C 254 -2.37 32.45 -8.65
C ARG C 254 -2.74 32.38 -10.13
N THR C 255 -1.80 31.94 -10.95
CA THR C 255 -2.08 31.74 -12.36
C THR C 255 -2.17 30.24 -12.59
N VAL C 256 -3.39 29.76 -12.79
CA VAL C 256 -3.62 28.34 -13.00
C VAL C 256 -3.40 27.98 -14.47
N ILE C 257 -2.32 27.25 -14.75
CA ILE C 257 -2.09 26.78 -16.11
C ILE C 257 -2.76 25.40 -16.26
N SER C 258 -2.60 24.55 -15.26
CA SER C 258 -3.31 23.30 -15.21
C SER C 258 -3.40 22.92 -13.75
N ALA C 259 -3.95 21.74 -13.47
CA ALA C 259 -4.03 21.23 -12.11
C ALA C 259 -2.63 20.86 -11.57
N SER C 260 -1.64 20.80 -12.46
CA SER C 260 -0.27 20.43 -12.08
C SER C 260 0.74 21.58 -12.26
N HIS C 261 0.25 22.75 -12.66
CA HIS C 261 1.17 23.82 -12.99
C HIS C 261 0.54 25.17 -12.68
N HIS C 262 0.99 25.79 -11.58
CA HIS C 262 0.51 27.10 -11.16
C HIS C 262 1.70 28.06 -11.08
N LEU C 263 1.43 29.34 -11.31
CA LEU C 263 2.35 30.41 -10.95
C LEU C 263 1.80 31.06 -9.68
N LEU C 264 2.67 31.41 -8.75
CA LEU C 264 2.23 31.96 -7.48
C LEU C 264 3.13 33.12 -7.11
N GLN C 265 2.50 34.23 -6.74
CA GLN C 265 3.21 35.45 -6.42
C GLN C 265 2.45 36.09 -5.28
N GLY C 266 3.16 36.46 -4.22
CA GLY C 266 2.49 37.06 -3.07
C GLY C 266 2.37 38.56 -3.26
N HIS C 267 1.26 39.12 -2.77
CA HIS C 267 1.05 40.56 -2.70
C HIS C 267 0.82 40.95 -1.24
N LEU C 268 1.37 42.08 -0.85
CA LEU C 268 1.10 42.66 0.45
C LEU C 268 1.04 44.19 0.31
N TRP C 269 -0.13 44.76 0.62
CA TRP C 269 -0.40 46.19 0.43
C TRP C 269 -0.51 46.86 1.78
N THR C 270 0.25 47.95 1.98
CA THR C 270 0.20 48.66 3.23
C THR C 270 0.71 50.09 3.06
N GLN C 271 -0.07 51.03 3.63
CA GLN C 271 0.19 52.47 3.56
C GLN C 271 0.55 52.93 2.15
N GLY C 272 -0.33 52.65 1.17
CA GLY C 272 -0.21 53.24 -0.17
C GLY C 272 0.61 52.45 -1.15
N GLU C 273 1.24 51.37 -0.68
CA GLU C 273 2.13 50.58 -1.54
C GLU C 273 1.78 49.10 -1.58
N CYS C 274 1.79 48.54 -2.79
CA CYS C 274 1.71 47.11 -2.99
C CYS C 274 3.15 46.63 -3.12
N TRP C 275 3.48 45.55 -2.40
CA TRP C 275 4.79 44.90 -2.44
C TRP C 275 4.65 43.46 -2.96
N GLU C 276 5.42 43.10 -3.98
CA GLU C 276 5.31 41.77 -4.57
C GLU C 276 6.53 40.90 -4.29
N SER C 277 6.32 39.59 -4.25
CA SER C 277 7.43 38.63 -4.18
C SER C 277 7.90 38.31 -5.60
N GLU C 278 8.90 37.44 -5.75
CA GLU C 278 9.17 36.92 -7.10
C GLU C 278 7.96 36.07 -7.46
N GLU C 279 7.78 35.77 -8.74
CA GLU C 279 6.73 34.85 -9.13
C GLU C 279 7.32 33.44 -9.23
N TYR C 280 6.75 32.50 -8.49
CA TYR C 280 7.20 31.09 -8.52
C TYR C 280 6.41 30.26 -9.52
N ALA C 281 7.12 29.38 -10.22
CA ALA C 281 6.49 28.38 -11.05
C ALA C 281 6.49 27.07 -10.26
N ILE C 282 5.29 26.53 -9.99
CA ILE C 282 5.16 25.31 -9.22
C ILE C 282 4.65 24.19 -10.11
N TYR C 283 5.46 23.16 -10.29
CA TYR C 283 5.06 22.01 -11.09
CA TYR C 283 5.06 22.01 -11.09
C TYR C 283 6.01 20.83 -10.83
N PRO C 284 5.46 19.63 -10.61
CA PRO C 284 4.01 19.38 -10.53
C PRO C 284 3.49 19.91 -9.21
N ILE C 285 2.20 19.73 -8.95
CA ILE C 285 1.64 20.12 -7.66
C ILE C 285 1.30 18.88 -6.85
N VAL C 286 1.87 18.75 -5.66
CA VAL C 286 1.56 17.60 -4.81
C VAL C 286 0.18 17.76 -4.14
N ASP C 287 -0.01 18.88 -3.44
CA ASP C 287 -1.27 19.12 -2.75
C ASP C 287 -1.38 20.61 -2.46
N ARG C 288 -2.17 21.32 -3.26
CA ARG C 288 -2.35 22.78 -3.07
C ARG C 288 -3.18 23.11 -1.84
N VAL C 289 -3.83 22.13 -1.23
CA VAL C 289 -4.76 22.43 -0.13
C VAL C 289 -3.98 23.00 1.05
N GLY C 290 -4.46 24.11 1.61
CA GLY C 290 -3.78 24.71 2.74
C GLY C 290 -2.64 25.64 2.36
N GLY C 291 -2.42 25.84 1.06
CA GLY C 291 -1.36 26.73 0.60
C GLY C 291 -1.69 28.17 0.99
N GLY C 292 -2.97 28.54 0.90
CA GLY C 292 -3.39 29.90 1.26
C GLY C 292 -3.24 30.10 2.77
N ASP C 293 -3.51 29.04 3.54
CA ASP C 293 -3.36 29.09 4.98
C ASP C 293 -1.89 29.20 5.37
N ALA C 294 -1.02 28.65 4.54
CA ALA C 294 0.40 28.73 4.80
C ALA C 294 0.85 30.15 4.54
N TYR C 295 0.32 30.74 3.47
CA TYR C 295 0.61 32.14 3.16
C TYR C 295 0.09 33.01 4.30
N THR C 296 -1.15 32.80 4.69
CA THR C 296 -1.73 33.64 5.75
C THR C 296 -0.89 33.58 7.01
N ALA C 297 -0.51 32.37 7.42
CA ALA C 297 0.25 32.20 8.65
C ALA C 297 1.62 32.85 8.52
N ALA C 298 2.22 32.75 7.34
CA ALA C 298 3.56 33.31 7.14
C ALA C 298 3.51 34.84 7.20
N VAL C 299 2.46 35.42 6.61
CA VAL C 299 2.33 36.86 6.61
C VAL C 299 2.18 37.34 8.03
N LEU C 300 1.30 36.69 8.79
CA LEU C 300 1.07 37.05 10.19
C LEU C 300 2.39 36.94 10.96
N HIS C 301 3.15 35.88 10.71
CA HIS C 301 4.45 35.74 11.38
C HIS C 301 5.30 36.99 11.15
N GLY C 302 5.32 37.46 9.91
CA GLY C 302 6.13 38.63 9.54
C GLY C 302 5.61 39.90 10.18
N ILE C 303 4.28 40.03 10.22
CA ILE C 303 3.65 41.16 10.90
C ILE C 303 3.98 41.15 12.40
N LEU C 304 3.97 39.97 13.00
CA LEU C 304 4.23 39.82 14.43
C LEU C 304 5.69 40.00 14.80
N SER C 305 6.59 39.71 13.87
CA SER C 305 8.03 39.84 14.11
C SER C 305 8.49 41.26 13.77
N GLU C 306 7.57 42.07 13.28
CA GLU C 306 7.87 43.45 12.91
C GLU C 306 8.86 43.55 11.76
N TRP C 307 8.86 42.56 10.87
CA TRP C 307 9.70 42.60 9.68
C TRP C 307 9.20 43.69 8.74
N ARG C 308 10.03 44.07 7.79
CA ARG C 308 9.59 45.03 6.78
C ARG C 308 8.67 44.36 5.75
N PRO C 309 7.86 45.16 5.06
CA PRO C 309 6.90 44.61 4.10
C PRO C 309 7.56 43.66 3.08
N ASP C 310 8.69 44.06 2.50
CA ASP C 310 9.32 43.22 1.49
C ASP C 310 9.82 41.89 2.05
N GLU C 311 10.24 41.89 3.31
CA GLU C 311 10.66 40.67 3.97
C GLU C 311 9.48 39.73 4.11
N THR C 312 8.41 40.24 4.70
CA THR C 312 7.25 39.42 5.00
C THR C 312 6.67 38.76 3.74
N VAL C 313 6.40 39.59 2.73
CA VAL C 313 5.85 39.08 1.47
C VAL C 313 6.77 38.03 0.82
N LYS C 314 8.08 38.18 0.98
CA LYS C 314 8.99 37.22 0.35
C LYS C 314 8.98 35.91 1.11
N PHE C 315 9.02 36.01 2.43
CA PHE C 315 9.01 34.84 3.29
C PHE C 315 7.72 34.05 3.12
N ALA C 316 6.59 34.78 3.14
CA ALA C 316 5.27 34.14 3.10
C ALA C 316 5.00 33.46 1.77
N THR C 317 5.39 34.09 0.67
CA THR C 317 5.21 33.45 -0.63
C THR C 317 6.04 32.16 -0.72
N ALA C 318 7.24 32.18 -0.13
CA ALA C 318 8.09 31.00 -0.10
C ALA C 318 7.45 29.88 0.72
N ALA C 319 6.85 30.26 1.85
CA ALA C 319 6.21 29.28 2.71
C ALA C 319 5.06 28.60 1.99
N ALA C 320 4.26 29.41 1.32
CA ALA C 320 3.10 28.92 0.58
C ALA C 320 3.55 28.02 -0.57
N GLY C 321 4.65 28.41 -1.22
CA GLY C 321 5.14 27.64 -2.36
C GLY C 321 5.55 26.25 -1.93
N LEU C 322 6.31 26.17 -0.84
CA LEU C 322 6.79 24.90 -0.30
C LEU C 322 5.65 24.00 0.13
N LYS C 323 4.59 24.56 0.73
CA LYS C 323 3.45 23.77 1.17
C LYS C 323 2.83 22.93 0.03
N HIS C 324 2.91 23.45 -1.19
CA HIS C 324 2.34 22.75 -2.34
C HIS C 324 2.98 21.39 -2.56
N SER C 325 4.18 21.17 -2.01
CA SER C 325 4.90 19.91 -2.18
C SER C 325 4.59 18.87 -1.11
N ILE C 326 3.68 19.21 -0.19
CA ILE C 326 3.37 18.35 0.96
C ILE C 326 1.90 17.93 1.00
N HIS C 327 1.66 16.62 1.08
CA HIS C 327 0.33 16.10 1.29
C HIS C 327 -0.22 16.55 2.63
N GLY C 328 -1.51 16.86 2.64
CA GLY C 328 -2.19 17.25 3.86
C GLY C 328 -2.44 18.74 3.92
N ASP C 329 -2.94 19.20 5.05
CA ASP C 329 -3.41 20.59 5.16
C ASP C 329 -2.42 21.56 5.76
N ILE C 330 -1.44 21.05 6.48
CA ILE C 330 -0.56 21.93 7.23
C ILE C 330 0.85 21.96 6.65
N ASN C 331 1.57 23.04 6.93
CA ASN C 331 2.92 23.27 6.44
C ASN C 331 3.91 22.80 7.48
N PRO C 332 4.76 21.83 7.12
CA PRO C 332 5.63 21.16 8.09
C PRO C 332 6.98 21.84 8.32
N PHE C 333 7.25 22.93 7.61
CA PHE C 333 8.60 23.47 7.61
C PHE C 333 8.84 24.43 8.74
N ASP C 334 10.05 24.41 9.31
CA ASP C 334 10.43 25.43 10.26
C ASP C 334 10.87 26.72 9.57
N GLU C 335 11.00 27.77 10.36
CA GLU C 335 11.31 29.09 9.82
C GLU C 335 12.60 29.13 9.03
N LYS C 336 13.64 28.51 9.56
CA LYS C 336 14.96 28.51 8.92
C LYS C 336 14.89 27.87 7.52
N THR C 337 14.19 26.74 7.43
CA THR C 337 14.00 26.07 6.16
C THR C 337 13.33 26.99 5.15
N ILE C 338 12.29 27.68 5.59
CA ILE C 338 11.56 28.59 4.73
C ILE C 338 12.42 29.80 4.33
N ALA C 339 13.09 30.39 5.32
CA ALA C 339 13.97 31.52 5.06
C ALA C 339 15.11 31.15 4.12
N ASP C 340 15.68 29.97 4.27
CA ASP C 340 16.77 29.55 3.40
C ASP C 340 16.26 29.40 1.97
N PHE C 341 15.07 28.83 1.82
CA PHE C 341 14.53 28.68 0.47
C PHE C 341 14.30 30.05 -0.16
N ALA C 342 13.70 30.95 0.60
CA ALA C 342 13.42 32.30 0.11
C ALA C 342 14.72 33.00 -0.31
N ALA C 343 15.79 32.76 0.44
CA ALA C 343 17.06 33.44 0.18
C ALA C 343 17.75 32.87 -1.06
N ASP C 344 17.43 31.64 -1.42
CA ASP C 344 18.03 31.01 -2.60
C ASP C 344 17.44 31.54 -3.91
N LYS C 345 16.14 31.86 -3.88
CA LYS C 345 15.46 32.39 -5.05
C LYS C 345 15.85 33.85 -5.37
N SER C 346 16.68 34.46 -4.51
CA SER C 346 17.15 35.84 -4.73
C SER C 346 18.59 35.89 -5.26
N LYS D 25 35.77 -7.09 -20.55
CA LYS D 25 36.76 -6.64 -19.59
C LYS D 25 36.19 -6.51 -18.17
N GLN D 26 36.95 -6.99 -17.20
CA GLN D 26 36.54 -6.98 -15.80
C GLN D 26 36.94 -5.72 -15.03
N VAL D 27 36.11 -5.35 -14.07
CA VAL D 27 36.33 -4.16 -13.31
C VAL D 27 36.26 -4.47 -11.82
N VAL D 28 37.18 -3.91 -11.05
CA VAL D 28 37.10 -4.02 -9.61
C VAL D 28 36.80 -2.66 -8.99
N THR D 29 36.07 -2.66 -7.90
CA THR D 29 35.81 -1.42 -7.21
C THR D 29 35.92 -1.56 -5.70
N ILE D 30 36.02 -0.42 -5.03
CA ILE D 30 36.17 -0.37 -3.58
C ILE D 30 35.17 0.65 -3.05
N GLY D 31 34.39 0.28 -2.05
CA GLY D 31 33.32 1.18 -1.60
C GLY D 31 32.37 0.61 -0.58
N GLU D 32 31.66 1.50 0.11
CA GLU D 32 30.70 1.08 1.12
C GLU D 32 29.31 1.01 0.51
N LEU D 33 28.57 -0.02 0.89
CA LEU D 33 27.15 -0.10 0.60
C LEU D 33 26.32 0.47 1.76
N LEU D 34 25.30 1.24 1.40
CA LEU D 34 24.42 1.81 2.40
C LEU D 34 22.99 1.37 2.14
N MET D 35 22.19 1.31 3.20
CA MET D 35 20.75 1.18 3.01
C MET D 35 20.14 2.54 3.06
N ARG D 36 19.47 2.93 1.97
CA ARG D 36 18.73 4.18 1.93
CA ARG D 36 18.73 4.18 1.91
C ARG D 36 17.29 3.92 2.39
N LEU D 37 16.79 4.80 3.24
CA LEU D 37 15.42 4.71 3.72
C LEU D 37 14.69 5.98 3.32
N SER D 38 13.71 5.85 2.41
CA SER D 38 13.09 6.96 1.69
C SER D 38 11.62 7.17 2.05
N THR D 39 11.20 8.43 2.19
CA THR D 39 9.78 8.73 2.32
C THR D 39 9.13 8.71 0.94
N GLN D 40 7.82 8.55 0.89
CA GLN D 40 7.10 8.59 -0.38
C GLN D 40 6.96 10.05 -0.84
N GLN D 41 6.68 10.24 -2.13
CA GLN D 41 6.46 11.57 -2.68
C GLN D 41 5.48 12.39 -1.84
N GLY D 42 5.84 13.63 -1.53
CA GLY D 42 4.98 14.51 -0.76
C GLY D 42 4.86 14.27 0.74
N ILE D 43 5.61 13.31 1.27
CA ILE D 43 5.50 12.96 2.69
C ILE D 43 6.79 13.36 3.38
N PRO D 44 6.69 14.28 4.35
CA PRO D 44 7.90 14.67 5.10
C PRO D 44 8.23 13.63 6.14
N PHE D 45 9.47 13.69 6.65
CA PHE D 45 9.86 12.80 7.73
C PHE D 45 8.81 12.81 8.82
N SER D 46 8.31 14.00 9.19
CA SER D 46 7.44 14.11 10.39
C SER D 46 6.08 13.44 10.24
N GLN D 47 5.72 13.04 9.04
CA GLN D 47 4.41 12.40 8.84
C GLN D 47 4.54 10.98 8.28
N THR D 48 5.76 10.50 8.10
CA THR D 48 5.94 9.20 7.46
CA THR D 48 5.98 9.19 7.47
C THR D 48 5.69 8.03 8.42
N THR D 49 5.04 6.98 7.94
CA THR D 49 4.78 5.80 8.78
C THR D 49 5.49 4.58 8.24
N ALA D 50 6.15 4.74 7.10
CA ALA D 50 6.93 3.66 6.49
C ALA D 50 8.04 4.25 5.66
N LEU D 51 9.10 3.47 5.47
CA LEU D 51 10.22 3.92 4.66
C LEU D 51 10.55 2.85 3.63
N ASP D 52 10.71 3.27 2.37
CA ASP D 52 11.15 2.38 1.30
C ASP D 52 12.65 2.15 1.36
N ILE D 53 13.07 0.91 1.13
CA ILE D 53 14.46 0.49 1.25
C ILE D 53 15.10 0.41 -0.11
N HIS D 54 16.28 0.98 -0.24
CA HIS D 54 17.13 0.75 -1.38
C HIS D 54 18.58 0.55 -0.98
N ILE D 55 19.22 -0.48 -1.51
CA ILE D 55 20.63 -0.69 -1.25
C ILE D 55 21.43 0.03 -2.33
N GLY D 56 22.49 0.71 -1.95
CA GLY D 56 23.32 1.39 -2.91
C GLY D 56 24.57 2.00 -2.29
N GLY D 57 25.40 2.60 -3.14
CA GLY D 57 26.64 3.25 -2.72
C GLY D 57 27.31 3.60 -4.01
N ALA D 58 27.98 4.75 -4.08
CA ALA D 58 28.55 5.21 -5.33
C ALA D 58 29.29 4.11 -6.14
N GLU D 59 30.26 3.46 -5.51
CA GLU D 59 31.08 2.50 -6.24
C GLU D 59 30.32 1.21 -6.51
N ALA D 60 29.48 0.81 -5.57
CA ALA D 60 28.66 -0.37 -5.73
C ALA D 60 27.64 -0.20 -6.85
N ASN D 61 27.16 1.03 -7.03
CA ASN D 61 26.21 1.35 -8.10
C ASN D 61 26.93 1.23 -9.45
N VAL D 62 28.16 1.73 -9.48
CA VAL D 62 28.96 1.63 -10.69
C VAL D 62 29.21 0.14 -11.02
N ALA D 63 29.54 -0.67 -10.03
CA ALA D 63 29.72 -2.13 -10.26
C ALA D 63 28.44 -2.78 -10.84
N VAL D 64 27.31 -2.51 -10.19
CA VAL D 64 26.03 -3.06 -10.64
C VAL D 64 25.72 -2.61 -12.06
N ASN D 65 25.90 -1.31 -12.31
CA ASN D 65 25.61 -0.72 -13.61
C ASN D 65 26.50 -1.28 -14.71
N LEU D 66 27.78 -1.43 -14.41
CA LEU D 66 28.71 -2.07 -15.36
C LEU D 66 28.30 -3.51 -15.64
N SER D 67 27.91 -4.21 -14.58
CA SER D 67 27.50 -5.60 -14.75
C SER D 67 26.25 -5.69 -15.63
N LYS D 68 25.38 -4.68 -15.56
CA LYS D 68 24.18 -4.61 -16.42
C LYS D 68 24.57 -4.53 -17.88
N LEU D 69 25.74 -3.94 -18.15
CA LEU D 69 26.19 -3.71 -19.51
C LEU D 69 27.15 -4.81 -19.93
N GLY D 70 27.20 -5.88 -19.13
CA GLY D 70 27.89 -7.11 -19.52
C GLY D 70 29.29 -7.28 -18.97
N HIS D 71 29.73 -6.38 -18.10
CA HIS D 71 31.08 -6.48 -17.54
C HIS D 71 31.08 -7.25 -16.22
N PRO D 72 31.88 -8.31 -16.12
CA PRO D 72 31.97 -8.97 -14.83
C PRO D 72 32.66 -8.03 -13.86
N THR D 73 32.05 -7.81 -12.69
CA THR D 73 32.60 -6.87 -11.72
C THR D 73 32.76 -7.50 -10.32
N ARG D 74 33.56 -6.85 -9.48
CA ARG D 74 33.78 -7.32 -8.14
C ARG D 74 34.01 -6.12 -7.26
N ILE D 75 33.74 -6.25 -5.97
CA ILE D 75 33.88 -5.14 -5.05
C ILE D 75 34.53 -5.58 -3.75
N ALA D 76 35.56 -4.85 -3.33
CA ALA D 76 36.14 -5.04 -2.01
C ALA D 76 35.27 -4.20 -1.08
N THR D 77 34.66 -4.83 -0.09
CA THR D 77 33.81 -4.09 0.83
C THR D 77 33.62 -4.84 2.15
N VAL D 78 32.94 -4.20 3.10
CA VAL D 78 32.71 -4.77 4.43
C VAL D 78 31.25 -4.59 4.86
N VAL D 79 30.65 -5.65 5.40
CA VAL D 79 29.29 -5.59 5.94
C VAL D 79 29.28 -6.35 7.27
N PRO D 80 28.31 -6.06 8.14
CA PRO D 80 28.25 -6.83 9.38
C PRO D 80 27.65 -8.22 9.12
N ALA D 81 27.98 -9.15 10.01
CA ALA D 81 27.48 -10.52 9.94
C ALA D 81 26.08 -10.59 10.54
N ASN D 82 25.17 -9.79 10.02
CA ASN D 82 23.79 -9.84 10.46
C ASN D 82 22.87 -9.79 9.25
N PRO D 83 21.55 -9.91 9.47
CA PRO D 83 20.58 -9.88 8.38
C PRO D 83 20.60 -8.62 7.53
N ILE D 84 20.93 -7.48 8.13
CA ILE D 84 20.99 -6.24 7.35
C ILE D 84 22.21 -6.23 6.41
N GLY D 85 23.35 -6.66 6.92
CA GLY D 85 24.52 -6.81 6.06
C GLY D 85 24.22 -7.78 4.93
N LYS D 86 23.50 -8.87 5.25
CA LYS D 86 23.14 -9.87 4.24
C LYS D 86 22.25 -9.32 3.13
N MET D 87 21.37 -8.36 3.44
CA MET D 87 20.60 -7.67 2.40
C MET D 87 21.51 -6.96 1.38
N ALA D 88 22.56 -6.34 1.88
CA ALA D 88 23.54 -5.70 1.01
C ALA D 88 24.24 -6.73 0.11
N VAL D 89 24.61 -7.88 0.67
CA VAL D 89 25.22 -8.94 -0.12
C VAL D 89 24.23 -9.49 -1.15
N GLU D 90 22.98 -9.69 -0.72
CA GLU D 90 21.91 -10.19 -1.60
C GLU D 90 21.69 -9.27 -2.80
N HIS D 91 21.76 -7.97 -2.55
CA HIS D 91 21.70 -6.95 -3.61
C HIS D 91 22.80 -7.20 -4.68
N LEU D 92 24.01 -7.50 -4.23
CA LEU D 92 25.10 -7.79 -5.16
C LEU D 92 24.83 -9.07 -5.97
N TRP D 93 24.45 -10.15 -5.30
CA TRP D 93 24.14 -11.42 -6.00
C TRP D 93 23.07 -11.24 -7.07
N ARG D 94 22.08 -10.44 -6.75
CA ARG D 94 20.91 -10.25 -7.59
C ARG D 94 21.30 -9.55 -8.88
N HIS D 95 22.33 -8.72 -8.78
CA HIS D 95 22.78 -7.94 -9.93
C HIS D 95 24.09 -8.48 -10.50
N GLN D 96 24.44 -9.68 -10.04
CA GLN D 96 25.59 -10.42 -10.54
C GLN D 96 26.93 -9.73 -10.31
N VAL D 97 27.07 -9.07 -9.18
CA VAL D 97 28.37 -8.58 -8.77
C VAL D 97 29.03 -9.63 -7.87
N ASP D 98 30.27 -10.01 -8.23
CA ASP D 98 31.03 -11.02 -7.51
C ASP D 98 31.22 -10.57 -6.07
N THR D 99 30.92 -11.47 -5.11
CA THR D 99 31.00 -11.10 -3.71
C THR D 99 32.15 -11.78 -2.98
N ALA D 100 33.07 -12.38 -3.74
CA ALA D 100 34.17 -13.14 -3.12
C ALA D 100 34.99 -12.27 -2.16
N PHE D 101 34.96 -10.96 -2.39
CA PHE D 101 35.81 -10.01 -1.67
C PHE D 101 35.02 -9.10 -0.74
N VAL D 102 33.84 -9.57 -0.37
CA VAL D 102 33.07 -8.99 0.70
C VAL D 102 33.58 -9.60 2.00
N VAL D 103 33.97 -8.75 2.95
CA VAL D 103 34.41 -9.22 4.25
C VAL D 103 33.35 -8.93 5.29
N GLU D 104 33.13 -9.89 6.19
CA GLU D 104 32.15 -9.72 7.25
C GLU D 104 32.84 -9.28 8.55
N ALA D 105 32.46 -8.14 9.09
CA ALA D 105 33.06 -7.64 10.33
C ALA D 105 32.26 -6.46 10.87
N GLY D 106 32.49 -6.11 12.13
CA GLY D 106 31.82 -4.97 12.75
C GLY D 106 30.37 -5.19 13.15
N ASP D 107 29.66 -4.10 13.45
CA ASP D 107 28.37 -4.18 14.14
C ASP D 107 27.16 -3.65 13.36
N ARG D 108 27.39 -2.90 12.28
CA ARG D 108 26.25 -2.28 11.60
C ARG D 108 26.50 -1.94 10.15
N LEU D 109 25.45 -2.03 9.36
CA LEU D 109 25.47 -1.45 8.02
C LEU D 109 25.09 0.04 8.11
N GLY D 110 25.80 0.88 7.37
CA GLY D 110 25.47 2.32 7.35
C GLY D 110 24.16 2.55 6.59
N THR D 111 23.45 3.63 6.95
CA THR D 111 22.17 3.93 6.34
C THR D 111 22.11 5.43 6.11
N TYR D 112 21.14 5.87 5.34
CA TYR D 112 20.75 7.26 5.32
C TYR D 112 19.26 7.41 5.09
N TYR D 113 18.69 8.49 5.59
CA TYR D 113 17.27 8.74 5.40
C TYR D 113 17.12 9.80 4.31
N LEU D 114 16.19 9.61 3.38
CA LEU D 114 15.97 10.57 2.31
CA LEU D 114 15.97 10.60 2.32
C LEU D 114 14.52 11.03 2.29
N GLU D 115 14.32 12.33 2.48
CA GLU D 115 12.99 12.89 2.46
C GLU D 115 12.77 13.37 1.03
N SER D 116 11.73 12.83 0.40
CA SER D 116 11.45 13.12 -1.00
CA SER D 116 11.43 13.12 -0.99
C SER D 116 11.25 14.62 -1.24
N GLY D 117 11.62 15.09 -2.41
CA GLY D 117 11.39 16.47 -2.78
C GLY D 117 10.65 16.48 -4.12
N THR D 118 9.84 17.51 -4.32
CA THR D 118 9.05 17.68 -5.53
C THR D 118 8.89 19.19 -5.73
N ALA D 119 8.95 19.65 -6.99
CA ALA D 119 8.70 21.05 -7.33
C ALA D 119 9.63 21.96 -6.52
N LEU D 120 9.08 22.92 -5.78
CA LEU D 120 9.94 23.87 -5.08
C LEU D 120 10.75 23.26 -3.93
N LYS D 121 10.30 22.14 -3.39
CA LYS D 121 10.90 21.57 -2.18
C LYS D 121 11.98 20.55 -2.55
N ALA D 122 13.24 20.88 -2.23
CA ALA D 122 14.36 19.99 -2.52
C ALA D 122 14.34 18.73 -1.64
N PRO D 123 14.85 17.60 -2.16
CA PRO D 123 15.04 16.44 -1.30
C PRO D 123 15.95 16.83 -0.14
N SER D 124 15.86 16.08 0.94
CA SER D 124 16.61 16.39 2.16
C SER D 124 17.16 15.05 2.67
N VAL D 125 18.38 15.01 3.19
CA VAL D 125 19.01 13.74 3.59
C VAL D 125 19.51 13.82 5.03
N VAL D 126 19.41 12.72 5.77
CA VAL D 126 19.98 12.64 7.12
C VAL D 126 20.86 11.41 7.13
N TYR D 127 22.16 11.59 7.27
CA TYR D 127 23.03 10.43 7.23
C TYR D 127 23.07 9.70 8.57
N ASP D 128 23.25 8.40 8.50
CA ASP D 128 23.46 7.57 9.67
C ASP D 128 24.44 6.46 9.27
N ARG D 129 25.59 6.88 8.76
CA ARG D 129 26.59 5.97 8.17
C ARG D 129 27.82 5.83 9.08
N GLN D 130 27.97 6.76 10.00
CA GLN D 130 29.08 6.67 10.96
C GLN D 130 29.05 5.37 11.76
N HIS D 131 30.25 4.90 12.13
CA HIS D 131 30.43 3.72 12.97
C HIS D 131 30.06 2.42 12.27
N SER D 132 29.85 2.50 10.96
CA SER D 132 29.51 1.32 10.19
C SER D 132 30.69 0.32 10.16
N SER D 133 30.40 -0.92 9.80
CA SER D 133 31.45 -1.92 9.69
C SER D 133 32.55 -1.41 8.76
N PHE D 134 32.14 -0.88 7.62
CA PHE D 134 33.09 -0.32 6.67
C PHE D 134 33.89 0.83 7.25
N ALA D 135 33.21 1.85 7.75
CA ALA D 135 33.90 3.04 8.25
C ALA D 135 34.89 2.73 9.37
N ARG D 136 34.60 1.69 10.15
CA ARG D 136 35.42 1.35 11.32
C ARG D 136 36.51 0.33 11.01
N HIS D 137 36.45 -0.23 9.82
CA HIS D 137 37.37 -1.30 9.43
C HIS D 137 38.81 -0.79 9.43
N LYS D 138 39.71 -1.58 10.00
CA LYS D 138 41.11 -1.20 10.12
C LYS D 138 42.02 -2.38 9.83
N SER D 139 41.48 -3.38 9.14
CA SER D 139 42.21 -4.63 8.96
C SER D 139 42.41 -4.98 7.48
N MET D 140 43.64 -5.24 7.11
CA MET D 140 43.98 -5.55 5.73
C MET D 140 43.49 -6.97 5.40
N ASP D 141 42.29 -7.09 4.83
CA ASP D 141 41.68 -8.41 4.62
C ASP D 141 41.56 -8.85 3.16
N TRP D 142 42.40 -8.31 2.28
CA TRP D 142 42.28 -8.64 0.86
C TRP D 142 43.59 -9.08 0.23
N ASP D 143 43.57 -10.22 -0.44
CA ASP D 143 44.76 -10.69 -1.11
C ASP D 143 44.73 -9.94 -2.43
N LEU D 144 45.68 -9.03 -2.58
CA LEU D 144 45.69 -8.14 -3.73
C LEU D 144 45.93 -8.85 -5.05
N SER D 145 46.81 -9.84 -5.06
CA SER D 145 47.05 -10.58 -6.29
C SER D 145 45.72 -11.22 -6.73
N GLU D 146 44.91 -11.56 -5.75
CA GLU D 146 43.62 -12.21 -5.99
C GLU D 146 42.56 -11.21 -6.42
N LEU D 147 42.44 -10.13 -5.64
CA LEU D 147 41.50 -9.05 -5.92
C LEU D 147 41.72 -8.46 -7.32
N LEU D 148 42.97 -8.43 -7.77
CA LEU D 148 43.32 -7.76 -9.02
C LEU D 148 43.48 -8.68 -10.23
N LYS D 149 43.39 -9.99 -10.02
CA LYS D 149 43.58 -10.94 -11.11
C LYS D 149 42.57 -10.81 -12.25
N GLY D 150 43.07 -10.59 -13.46
CA GLY D 150 42.23 -10.50 -14.65
C GLY D 150 41.50 -9.18 -14.77
N ILE D 151 41.85 -8.22 -13.91
CA ILE D 151 41.14 -6.94 -13.87
C ILE D 151 41.72 -5.98 -14.91
N ARG D 152 40.84 -5.25 -15.60
CA ARG D 152 41.27 -4.26 -16.58
C ARG D 152 41.23 -2.84 -15.99
N VAL D 153 40.22 -2.57 -15.16
CA VAL D 153 40.02 -1.25 -14.59
C VAL D 153 39.74 -1.33 -13.09
N LEU D 154 40.30 -0.39 -12.34
CA LEU D 154 40.02 -0.29 -10.92
C LEU D 154 39.29 1.03 -10.76
N HIS D 155 38.15 1.02 -10.07
CA HIS D 155 37.37 2.24 -9.88
C HIS D 155 37.13 2.53 -8.39
N VAL D 156 37.27 3.80 -8.02
CA VAL D 156 36.96 4.23 -6.66
C VAL D 156 36.59 5.71 -6.63
N SER D 157 35.95 6.15 -5.55
CA SER D 157 35.50 7.54 -5.45
C SER D 157 36.03 8.24 -4.21
N GLY D 158 35.86 9.55 -4.16
CA GLY D 158 36.29 10.34 -3.00
C GLY D 158 35.49 10.08 -1.72
N ILE D 159 34.34 9.44 -1.84
CA ILE D 159 33.57 9.06 -0.65
C ILE D 159 34.35 8.07 0.20
N THR D 160 34.86 7.02 -0.43
CA THR D 160 35.61 5.99 0.29
C THR D 160 36.84 6.54 1.01
N ILE D 161 37.63 7.37 0.32
CA ILE D 161 38.87 7.86 0.92
C ILE D 161 38.63 8.88 2.03
N ALA D 162 37.42 9.43 2.08
CA ALA D 162 37.07 10.41 3.10
C ALA D 162 36.68 9.75 4.40
N LEU D 163 36.36 8.46 4.36
CA LEU D 163 35.83 7.81 5.53
C LEU D 163 36.88 7.66 6.65
N SER D 164 38.13 7.44 6.28
CA SER D 164 39.18 7.29 7.29
C SER D 164 40.58 7.20 6.70
N THR D 165 41.57 7.44 7.53
CA THR D 165 42.96 7.38 7.08
C THR D 165 43.26 5.98 6.55
N PHE D 166 42.77 4.98 7.26
CA PHE D 166 42.97 3.60 6.84
C PHE D 166 42.48 3.39 5.41
N TRP D 167 41.31 3.94 5.09
CA TRP D 167 40.73 3.78 3.75
C TRP D 167 41.48 4.56 2.68
N LEU D 168 41.82 5.80 2.99
CA LEU D 168 42.64 6.61 2.09
C LEU D 168 43.94 5.86 1.77
N GLU D 169 44.60 5.36 2.79
CA GLU D 169 45.88 4.70 2.57
C GLU D 169 45.72 3.35 1.89
N MET D 170 44.67 2.63 2.26
CA MET D 170 44.39 1.35 1.64
C MET D 170 44.18 1.54 0.13
N VAL D 171 43.36 2.52 -0.23
CA VAL D 171 43.04 2.79 -1.63
C VAL D 171 44.30 3.14 -2.44
N VAL D 172 45.12 4.05 -1.90
CA VAL D 172 46.38 4.40 -2.55
C VAL D 172 47.23 3.15 -2.73
N LYS D 173 47.35 2.36 -1.68
CA LYS D 173 48.14 1.13 -1.71
C LYS D 173 47.66 0.22 -2.84
N ILE D 174 46.35 0.04 -2.94
CA ILE D 174 45.77 -0.81 -3.98
C ILE D 174 45.93 -0.22 -5.39
N ILE D 175 45.75 1.10 -5.50
CA ILE D 175 45.98 1.79 -6.78
C ILE D 175 47.38 1.48 -7.31
N ARG D 176 48.38 1.59 -6.42
CA ARG D 176 49.76 1.44 -6.83
C ARG D 176 50.05 0.03 -7.31
N GLU D 177 49.54 -0.94 -6.58
CA GLU D 177 49.68 -2.33 -6.96
C GLU D 177 48.99 -2.61 -8.29
N ALA D 178 47.82 -2.01 -8.47
CA ALA D 178 47.10 -2.11 -9.74
C ALA D 178 47.89 -1.48 -10.91
N LYS D 179 48.47 -0.31 -10.69
CA LYS D 179 49.25 0.35 -11.76
C LYS D 179 50.43 -0.50 -12.22
N ARG D 180 51.03 -1.24 -11.28
CA ARG D 180 52.19 -2.08 -11.61
C ARG D 180 51.80 -3.26 -12.50
N ASN D 181 50.51 -3.57 -12.49
CA ASN D 181 49.99 -4.64 -13.33
C ASN D 181 49.35 -4.05 -14.57
N GLY D 182 49.59 -2.77 -14.84
CA GLY D 182 49.00 -2.09 -16.01
C GLY D 182 47.48 -1.93 -15.98
N ILE D 183 46.88 -2.04 -14.79
CA ILE D 183 45.45 -1.82 -14.64
C ILE D 183 45.16 -0.31 -14.69
N LYS D 184 44.13 0.07 -15.45
CA LYS D 184 43.74 1.49 -15.55
C LYS D 184 42.99 1.96 -14.31
N ILE D 185 43.28 3.20 -13.89
CA ILE D 185 42.67 3.75 -12.68
C ILE D 185 41.57 4.75 -12.98
N SER D 186 40.35 4.42 -12.57
CA SER D 186 39.22 5.34 -12.69
C SER D 186 38.92 5.97 -11.33
N PHE D 187 38.84 7.30 -11.29
CA PHE D 187 38.57 7.99 -10.02
C PHE D 187 37.42 8.98 -10.12
N ASP D 188 36.47 8.87 -9.21
CA ASP D 188 35.30 9.75 -9.18
C ASP D 188 35.47 10.69 -7.98
N MET D 189 35.75 11.97 -8.22
CA MET D 189 36.04 12.90 -7.11
C MET D 189 34.97 12.78 -6.04
N ASN D 190 33.73 12.94 -6.47
CA ASN D 190 32.56 12.85 -5.60
C ASN D 190 32.77 13.50 -4.25
N TYR D 191 33.01 14.81 -4.24
CA TYR D 191 33.26 15.50 -2.99
C TYR D 191 31.95 15.67 -2.25
N ARG D 192 31.96 15.36 -0.96
CA ARG D 192 30.78 15.46 -0.11
C ARG D 192 31.10 16.32 1.09
N ALA D 193 30.51 17.50 1.15
CA ALA D 193 30.76 18.43 2.24
C ALA D 193 30.51 17.77 3.60
N LYS D 194 29.48 16.93 3.64
CA LYS D 194 29.08 16.29 4.88
C LYS D 194 30.16 15.33 5.40
N LEU D 195 31.08 14.91 4.55
CA LEU D 195 32.12 13.93 4.95
C LEU D 195 33.45 14.53 5.33
N TRP D 196 33.80 15.70 4.76
CA TRP D 196 35.06 16.37 5.12
C TRP D 196 35.19 17.77 4.55
N GLU D 197 36.00 18.57 5.23
CA GLU D 197 36.27 19.95 4.85
C GLU D 197 37.02 20.02 3.53
N LEU D 198 36.93 21.17 2.86
CA LEU D 198 37.57 21.34 1.55
C LEU D 198 39.08 21.15 1.62
N GLU D 199 39.71 21.61 2.70
CA GLU D 199 41.16 21.49 2.83
C GLU D 199 41.65 20.04 3.00
N ALA D 200 41.00 19.29 3.88
CA ALA D 200 41.33 17.88 4.04
C ALA D 200 41.10 17.09 2.75
N ALA D 201 39.91 17.26 2.16
CA ALA D 201 39.62 16.63 0.88
C ALA D 201 40.75 16.93 -0.11
N LYS D 202 41.11 18.21 -0.21
CA LYS D 202 42.13 18.67 -1.14
C LYS D 202 43.46 17.95 -0.94
N ARG D 203 43.94 17.90 0.29
CA ARG D 203 45.18 17.19 0.60
C ARG D 203 45.13 15.76 0.08
N ALA D 204 44.02 15.08 0.38
CA ALA D 204 43.85 13.70 -0.04
C ALA D 204 43.77 13.57 -1.57
N TYR D 205 42.96 14.41 -2.21
CA TYR D 205 42.85 14.34 -3.67
C TYR D 205 44.20 14.52 -4.36
N GLN D 206 45.04 15.41 -3.82
CA GLN D 206 46.34 15.66 -4.43
C GLN D 206 47.27 14.44 -4.40
N GLN D 207 47.00 13.50 -3.50
CA GLN D 207 47.79 12.28 -3.42
C GLN D 207 47.27 11.23 -4.40
N LEU D 208 45.99 11.30 -4.74
CA LEU D 208 45.38 10.36 -5.69
C LEU D 208 45.57 10.81 -7.13
N LEU D 209 45.30 12.09 -7.39
CA LEU D 209 45.23 12.56 -8.77
C LEU D 209 46.43 12.21 -9.67
N PRO D 210 47.67 12.24 -9.13
CA PRO D 210 48.76 11.90 -10.05
C PRO D 210 48.75 10.43 -10.48
N LEU D 211 47.88 9.64 -9.86
CA LEU D 211 47.81 8.20 -10.12
C LEU D 211 46.63 7.77 -11.00
N VAL D 212 45.79 8.74 -11.39
CA VAL D 212 44.54 8.47 -12.09
C VAL D 212 44.65 8.52 -13.62
N ASP D 213 43.92 7.64 -14.29
CA ASP D 213 43.83 7.65 -15.75
C ASP D 213 42.54 8.32 -16.22
N TYR D 214 41.41 7.90 -15.64
CA TYR D 214 40.10 8.48 -15.97
C TYR D 214 39.48 9.14 -14.75
N CYS D 215 39.07 10.40 -14.90
CA CYS D 215 38.63 11.17 -13.75
C CYS D 215 37.27 11.83 -13.94
N SER D 216 36.35 11.52 -13.03
CA SER D 216 35.08 12.22 -13.03
C SER D 216 35.21 13.46 -12.18
N ALA D 217 35.19 14.61 -12.83
CA ALA D 217 35.36 15.87 -12.15
C ALA D 217 34.74 16.95 -13.02
N GLY D 218 34.11 17.94 -12.39
CA GLY D 218 33.51 19.04 -13.12
C GLY D 218 34.13 20.37 -12.76
N GLN D 219 33.52 21.46 -13.22
CA GLN D 219 34.07 22.80 -12.97
C GLN D 219 34.22 23.16 -11.49
N MET D 220 33.26 22.77 -10.66
CA MET D 220 33.40 23.08 -9.24
C MET D 220 34.63 22.40 -8.65
N ASP D 221 34.86 21.15 -9.03
CA ASP D 221 36.06 20.42 -8.62
C ASP D 221 37.32 21.14 -9.10
N ALA D 222 37.29 21.61 -10.33
CA ALA D 222 38.41 22.33 -10.91
C ALA D 222 38.84 23.47 -9.99
N VAL D 223 37.87 24.25 -9.54
CA VAL D 223 38.15 25.44 -8.74
C VAL D 223 38.58 25.05 -7.32
N ALA D 224 37.89 24.07 -6.75
CA ALA D 224 38.17 23.68 -5.36
C ALA D 224 39.47 22.88 -5.23
N PHE D 225 39.71 21.95 -6.16
CA PHE D 225 40.77 20.95 -5.97
C PHE D 225 41.92 20.97 -6.98
N PHE D 226 41.76 21.66 -8.09
CA PHE D 226 42.83 21.73 -9.10
C PHE D 226 43.44 23.12 -9.22
N GLU D 227 43.20 24.00 -8.25
CA GLU D 227 43.78 25.34 -8.28
C GLU D 227 43.35 26.16 -9.49
N ILE D 228 42.37 25.67 -10.24
CA ILE D 228 41.91 26.39 -11.41
C ILE D 228 41.12 27.60 -10.99
N SER D 229 41.32 28.72 -11.66
CA SER D 229 40.56 29.92 -11.36
C SER D 229 39.13 29.77 -11.84
N SER D 230 38.19 30.38 -11.14
CA SER D 230 36.79 30.28 -11.53
C SER D 230 36.66 30.93 -12.89
N GLU D 231 37.58 31.85 -13.15
CA GLU D 231 37.65 32.56 -14.41
C GLU D 231 37.94 31.71 -15.65
N THR D 232 38.82 30.71 -15.55
CA THR D 232 39.20 29.96 -16.73
C THR D 232 38.05 29.25 -17.44
N THR D 233 37.91 29.52 -18.73
CA THR D 233 36.89 28.89 -19.54
C THR D 233 37.12 27.40 -19.83
N ASP D 234 38.35 27.06 -20.24
CA ASP D 234 38.71 25.69 -20.53
C ASP D 234 39.38 25.08 -19.32
N TYR D 235 38.56 24.64 -18.37
CA TYR D 235 39.08 24.09 -17.13
C TYR D 235 39.63 22.68 -17.30
N TYR D 236 38.99 21.87 -18.13
CA TYR D 236 39.51 20.53 -18.40
C TYR D 236 40.93 20.55 -18.95
N GLN D 237 41.23 21.51 -19.82
CA GLN D 237 42.57 21.60 -20.36
C GLN D 237 43.55 21.98 -19.26
N ALA D 238 43.14 22.86 -18.36
CA ALA D 238 44.01 23.30 -17.29
C ALA D 238 44.15 22.18 -16.25
N MET D 239 43.09 21.41 -16.06
CA MET D 239 43.17 20.27 -15.16
C MET D 239 44.14 19.21 -15.70
N HIS D 240 44.08 18.94 -17.00
CA HIS D 240 45.02 18.03 -17.63
C HIS D 240 46.43 18.59 -17.55
N ASP D 241 46.57 19.89 -17.76
CA ASP D 241 47.88 20.54 -17.69
C ASP D 241 48.53 20.31 -16.32
N LYS D 242 47.75 20.36 -15.26
CA LYS D 242 48.26 20.13 -13.92
C LYS D 242 48.57 18.67 -13.69
N TYR D 243 47.69 17.78 -14.13
CA TYR D 243 47.90 16.35 -14.01
C TYR D 243 47.86 15.66 -15.37
N PRO D 244 48.94 15.79 -16.16
CA PRO D 244 49.07 15.27 -17.52
C PRO D 244 48.87 13.76 -17.60
N ASN D 245 49.00 13.08 -16.46
CA ASN D 245 48.73 11.64 -16.40
C ASN D 245 47.26 11.27 -16.68
N ILE D 246 46.36 12.23 -16.52
CA ILE D 246 44.92 11.99 -16.71
C ILE D 246 44.53 12.09 -18.19
N GLU D 247 44.15 10.97 -18.80
CA GLU D 247 43.89 10.96 -20.22
C GLU D 247 42.50 11.47 -20.52
N LEU D 248 41.61 11.32 -19.55
CA LEU D 248 40.20 11.55 -19.83
C LEU D 248 39.44 12.07 -18.60
N PHE D 249 38.65 13.14 -18.81
CA PHE D 249 37.75 13.68 -17.77
C PHE D 249 36.31 13.52 -18.23
N TYR D 250 35.43 13.21 -17.31
CA TYR D 250 34.03 13.08 -17.65
C TYR D 250 33.15 13.61 -16.52
N ALA D 251 32.02 14.23 -16.88
CA ALA D 251 31.04 14.69 -15.88
C ALA D 251 29.77 15.13 -16.59
N THR D 252 28.71 15.34 -15.82
CA THR D 252 27.50 15.93 -16.39
C THR D 252 27.43 17.38 -15.96
N LYS D 253 26.89 18.23 -16.83
CA LYS D 253 26.46 19.56 -16.43
C LYS D 253 24.96 19.50 -16.11
N ARG D 254 24.62 19.73 -14.85
CA ARG D 254 23.24 19.71 -14.39
C ARG D 254 22.74 21.12 -14.16
N THR D 255 21.59 21.46 -14.73
CA THR D 255 20.95 22.75 -14.44
C THR D 255 19.68 22.47 -13.64
N VAL D 256 19.68 22.86 -12.36
CA VAL D 256 18.56 22.59 -11.49
C VAL D 256 17.56 23.71 -11.59
N ILE D 257 16.42 23.43 -12.20
CA ILE D 257 15.36 24.43 -12.26
C ILE D 257 14.50 24.27 -11.02
N SER D 258 14.20 23.03 -10.66
CA SER D 258 13.44 22.74 -9.47
C SER D 258 13.78 21.32 -9.10
N ALA D 259 13.22 20.84 -7.99
CA ALA D 259 13.39 19.44 -7.60
C ALA D 259 12.71 18.48 -8.59
N SER D 260 11.87 19.01 -9.48
CA SER D 260 11.20 18.16 -10.48
C SER D 260 11.60 18.45 -11.93
N HIS D 261 12.62 19.30 -12.13
CA HIS D 261 12.95 19.75 -13.46
C HIS D 261 14.44 20.11 -13.54
N HIS D 262 15.22 19.22 -14.14
CA HIS D 262 16.65 19.46 -14.41
C HIS D 262 16.93 19.44 -15.92
N LEU D 263 17.96 20.17 -16.34
CA LEU D 263 18.57 19.98 -17.66
C LEU D 263 19.86 19.18 -17.42
N LEU D 264 20.20 18.28 -18.32
CA LEU D 264 21.33 17.39 -18.09
C LEU D 264 22.06 17.22 -19.39
N GLN D 265 23.38 17.41 -19.36
CA GLN D 265 24.22 17.32 -20.53
C GLN D 265 25.54 16.66 -20.14
N GLY D 266 25.95 15.66 -20.91
CA GLY D 266 27.21 14.99 -20.62
C GLY D 266 28.41 15.69 -21.27
N HIS D 267 29.53 15.71 -20.56
CA HIS D 267 30.82 16.20 -21.08
C HIS D 267 31.81 15.08 -20.96
N LEU D 268 32.70 14.98 -21.94
CA LEU D 268 33.79 14.05 -21.92
C LEU D 268 34.97 14.71 -22.62
N TRP D 269 36.05 14.92 -21.87
CA TRP D 269 37.24 15.59 -22.39
C TRP D 269 38.39 14.61 -22.54
N THR D 270 39.03 14.62 -23.70
CA THR D 270 40.24 13.82 -23.91
C THR D 270 40.93 14.29 -25.19
N GLN D 271 42.27 14.21 -25.20
CA GLN D 271 43.03 14.57 -26.39
C GLN D 271 42.80 16.03 -26.77
N GLY D 272 42.67 16.90 -25.77
CA GLY D 272 42.53 18.32 -26.03
C GLY D 272 41.16 18.78 -26.50
N GLU D 273 40.15 17.90 -26.49
CA GLU D 273 38.82 18.29 -26.94
C GLU D 273 37.70 17.89 -26.00
N CYS D 274 36.77 18.81 -25.75
CA CYS D 274 35.57 18.48 -25.00
C CYS D 274 34.48 17.98 -25.96
N TRP D 275 33.95 16.81 -25.68
CA TRP D 275 32.83 16.26 -26.44
C TRP D 275 31.58 16.33 -25.58
N GLU D 276 30.50 16.88 -26.14
CA GLU D 276 29.25 17.14 -25.41
C GLU D 276 28.10 16.35 -26.00
N SER D 277 27.21 15.84 -25.14
CA SER D 277 25.99 15.21 -25.63
C SER D 277 24.98 16.29 -25.95
N GLU D 278 23.79 15.89 -26.39
CA GLU D 278 22.68 16.82 -26.43
C GLU D 278 22.24 17.11 -25.00
N GLU D 279 21.56 18.22 -24.82
CA GLU D 279 21.02 18.55 -23.52
C GLU D 279 19.60 18.00 -23.35
N TYR D 280 19.39 17.19 -22.32
CA TYR D 280 18.06 16.65 -22.05
C TYR D 280 17.34 17.47 -21.01
N ALA D 281 16.04 17.68 -21.22
CA ALA D 281 15.16 18.22 -20.18
C ALA D 281 14.48 17.05 -19.48
N ILE D 282 14.67 16.94 -18.18
CA ILE D 282 14.12 15.85 -17.41
C ILE D 282 13.04 16.38 -16.48
N TYR D 283 11.78 16.02 -16.76
CA TYR D 283 10.69 16.40 -15.87
CA TYR D 283 10.68 16.42 -15.90
C TYR D 283 9.46 15.53 -16.09
N PRO D 284 8.83 15.10 -14.99
CA PRO D 284 9.28 15.33 -13.61
C PRO D 284 10.46 14.39 -13.31
N ILE D 285 10.90 14.35 -12.07
CA ILE D 285 12.03 13.53 -11.68
C ILE D 285 11.55 12.45 -10.72
N VAL D 286 11.72 11.19 -11.09
CA VAL D 286 11.33 10.11 -10.17
C VAL D 286 12.35 9.97 -9.05
N ASP D 287 13.61 9.76 -9.41
CA ASP D 287 14.66 9.57 -8.41
C ASP D 287 16.03 9.85 -9.02
N ARG D 288 16.60 11.02 -8.71
CA ARG D 288 17.91 11.43 -9.26
C ARG D 288 19.07 10.63 -8.65
N VAL D 289 18.82 9.93 -7.55
CA VAL D 289 19.92 9.30 -6.81
C VAL D 289 20.54 8.21 -7.68
N GLY D 290 21.86 8.21 -7.75
CA GLY D 290 22.58 7.26 -8.63
C GLY D 290 22.63 7.70 -10.08
N GLY D 291 22.06 8.85 -10.40
CA GLY D 291 22.13 9.35 -11.77
C GLY D 291 23.59 9.48 -12.16
N GLY D 292 24.39 10.03 -11.26
CA GLY D 292 25.83 10.17 -11.49
C GLY D 292 26.53 8.85 -11.71
N ASP D 293 26.17 7.84 -10.93
CA ASP D 293 26.78 6.52 -11.03
C ASP D 293 26.41 5.80 -12.33
N ALA D 294 25.19 6.03 -12.80
CA ALA D 294 24.80 5.54 -14.14
C ALA D 294 25.70 6.13 -15.22
N TYR D 295 25.93 7.43 -15.16
CA TYR D 295 26.78 8.14 -16.11
C TYR D 295 28.18 7.54 -16.07
N THR D 296 28.75 7.46 -14.87
CA THR D 296 30.07 6.91 -14.70
C THR D 296 30.20 5.51 -15.29
N ALA D 297 29.27 4.62 -14.94
CA ALA D 297 29.32 3.25 -15.44
C ALA D 297 29.26 3.23 -16.97
N ALA D 298 28.46 4.12 -17.53
CA ALA D 298 28.25 4.12 -18.97
C ALA D 298 29.50 4.65 -19.67
N VAL D 299 30.16 5.65 -19.09
CA VAL D 299 31.44 6.11 -19.66
C VAL D 299 32.48 4.98 -19.64
N LEU D 300 32.63 4.33 -18.50
CA LEU D 300 33.60 3.23 -18.41
C LEU D 300 33.30 2.13 -19.43
N HIS D 301 32.01 1.87 -19.64
CA HIS D 301 31.59 0.91 -20.66
C HIS D 301 32.11 1.30 -22.04
N GLY D 302 31.90 2.57 -22.41
CA GLY D 302 32.35 3.07 -23.70
C GLY D 302 33.85 2.98 -23.83
N ILE D 303 34.56 3.33 -22.76
CA ILE D 303 36.01 3.25 -22.78
C ILE D 303 36.48 1.80 -22.98
N LEU D 304 35.92 0.89 -22.19
CA LEU D 304 36.27 -0.52 -22.26
C LEU D 304 35.90 -1.13 -23.61
N SER D 305 34.85 -0.61 -24.23
CA SER D 305 34.44 -1.07 -25.53
C SER D 305 35.20 -0.35 -26.65
N GLU D 306 36.10 0.55 -26.27
CA GLU D 306 36.89 1.31 -27.24
C GLU D 306 36.06 2.12 -28.26
N TRP D 307 34.94 2.67 -27.80
CA TRP D 307 34.12 3.53 -28.65
C TRP D 307 34.80 4.88 -28.87
N ARG D 308 34.37 5.59 -29.91
CA ARG D 308 34.75 7.00 -30.06
C ARG D 308 34.13 7.81 -28.91
N PRO D 309 34.77 8.93 -28.55
CA PRO D 309 34.28 9.80 -27.47
C PRO D 309 32.88 10.38 -27.74
N ASP D 310 32.58 10.77 -28.97
CA ASP D 310 31.21 11.23 -29.22
C ASP D 310 30.18 10.12 -28.94
N GLU D 311 30.49 8.89 -29.34
CA GLU D 311 29.58 7.78 -29.06
C GLU D 311 29.44 7.54 -27.55
N THR D 312 30.56 7.68 -26.84
CA THR D 312 30.57 7.42 -25.41
C THR D 312 29.76 8.46 -24.62
N VAL D 313 29.95 9.74 -24.92
CA VAL D 313 29.25 10.77 -24.14
C VAL D 313 27.76 10.72 -24.41
N LYS D 314 27.40 10.42 -25.66
CA LYS D 314 25.99 10.31 -26.08
C LYS D 314 25.25 9.13 -25.41
N PHE D 315 25.91 7.98 -25.33
CA PHE D 315 25.37 6.80 -24.69
C PHE D 315 25.27 6.99 -23.17
N ALA D 316 26.33 7.50 -22.57
CA ALA D 316 26.39 7.69 -21.13
C ALA D 316 25.35 8.70 -20.62
N THR D 317 25.15 9.79 -21.36
CA THR D 317 24.17 10.78 -20.95
C THR D 317 22.76 10.19 -21.07
N ALA D 318 22.50 9.44 -22.13
CA ALA D 318 21.19 8.76 -22.23
C ALA D 318 20.98 7.85 -21.02
N ALA D 319 22.04 7.13 -20.63
CA ALA D 319 21.93 6.22 -19.49
C ALA D 319 21.57 6.96 -18.22
N ALA D 320 22.24 8.09 -17.99
CA ALA D 320 22.02 8.84 -16.75
C ALA D 320 20.63 9.44 -16.77
N GLY D 321 20.21 9.92 -17.94
CA GLY D 321 18.88 10.50 -18.09
C GLY D 321 17.77 9.52 -17.75
N LEU D 322 17.88 8.31 -18.31
CA LEU D 322 16.89 7.26 -18.07
C LEU D 322 16.87 6.86 -16.59
N LYS D 323 18.03 6.83 -15.95
CA LYS D 323 18.08 6.47 -14.52
C LYS D 323 17.16 7.37 -13.67
N HIS D 324 17.04 8.63 -14.04
CA HIS D 324 16.23 9.56 -13.26
C HIS D 324 14.74 9.10 -13.16
N SER D 325 14.29 8.23 -14.07
CA SER D 325 12.89 7.74 -14.04
C SER D 325 12.70 6.48 -13.21
N ILE D 326 13.73 6.07 -12.48
CA ILE D 326 13.68 4.76 -11.79
C ILE D 326 13.97 4.92 -10.31
N HIS D 327 13.03 4.52 -9.45
CA HIS D 327 13.27 4.50 -8.02
C HIS D 327 14.46 3.61 -7.67
N GLY D 328 15.30 4.06 -6.74
CA GLY D 328 16.41 3.21 -6.27
C GLY D 328 17.72 3.72 -6.83
N ASP D 329 18.81 3.12 -6.41
CA ASP D 329 20.15 3.52 -6.77
C ASP D 329 20.73 3.11 -8.12
N ILE D 330 20.27 2.01 -8.66
CA ILE D 330 20.97 1.41 -9.78
C ILE D 330 20.14 1.56 -11.04
N ASN D 331 20.79 1.44 -12.18
CA ASN D 331 20.16 1.65 -13.45
C ASN D 331 19.81 0.30 -14.03
N PRO D 332 18.51 0.06 -14.30
CA PRO D 332 18.05 -1.27 -14.66
C PRO D 332 18.18 -1.63 -16.12
N PHE D 333 18.51 -0.67 -16.97
CA PHE D 333 18.38 -0.86 -18.41
C PHE D 333 19.54 -1.62 -19.07
N ASP D 334 19.23 -2.44 -20.07
CA ASP D 334 20.29 -3.11 -20.81
C ASP D 334 20.93 -2.17 -21.84
N GLU D 335 22.01 -2.61 -22.47
CA GLU D 335 22.73 -1.70 -23.35
C GLU D 335 21.88 -1.29 -24.54
N LYS D 336 21.17 -2.26 -25.11
CA LYS D 336 20.33 -2.03 -26.27
C LYS D 336 19.24 -0.97 -26.01
N THR D 337 18.65 -1.00 -24.82
CA THR D 337 17.59 -0.05 -24.49
C THR D 337 18.13 1.36 -24.43
N ILE D 338 19.30 1.50 -23.79
CA ILE D 338 19.97 2.79 -23.69
C ILE D 338 20.41 3.30 -25.06
N ALA D 339 21.05 2.42 -25.84
CA ALA D 339 21.50 2.81 -27.17
C ALA D 339 20.32 3.24 -28.03
N ASP D 340 19.22 2.50 -27.96
CA ASP D 340 18.04 2.82 -28.76
C ASP D 340 17.53 4.21 -28.39
N PHE D 341 17.54 4.53 -27.10
CA PHE D 341 17.06 5.83 -26.68
C PHE D 341 17.99 6.97 -27.14
N ALA D 342 19.29 6.75 -27.05
CA ALA D 342 20.25 7.75 -27.48
C ALA D 342 20.10 8.04 -28.97
N ALA D 343 19.74 7.00 -29.73
CA ALA D 343 19.58 7.14 -31.19
C ALA D 343 18.28 7.86 -31.57
N ASP D 344 17.26 7.82 -30.72
CA ASP D 344 16.04 8.52 -31.02
C ASP D 344 16.27 10.02 -30.86
N LYS D 345 17.17 10.36 -29.96
CA LYS D 345 17.49 11.74 -29.65
C LYS D 345 18.08 12.46 -30.87
N SER D 346 18.88 11.73 -31.66
CA SER D 346 19.50 12.29 -32.85
C SER D 346 18.61 12.11 -34.08
N LYS E 25 28.23 -30.13 -1.53
CA LYS E 25 27.70 -31.17 -2.47
C LYS E 25 26.65 -30.59 -3.41
N GLN E 26 26.90 -30.71 -4.71
CA GLN E 26 26.06 -30.09 -5.73
C GLN E 26 24.84 -30.93 -6.13
N VAL E 27 23.77 -30.22 -6.44
CA VAL E 27 22.52 -30.84 -6.84
C VAL E 27 22.08 -30.15 -8.13
N VAL E 28 21.56 -30.92 -9.07
CA VAL E 28 21.01 -30.32 -10.27
C VAL E 28 19.55 -30.70 -10.35
N THR E 29 18.73 -29.83 -10.93
CA THR E 29 17.33 -30.15 -11.11
C THR E 29 16.78 -29.70 -12.48
N ILE E 30 15.58 -30.16 -12.81
CA ILE E 30 14.92 -29.84 -14.06
C ILE E 30 13.48 -29.48 -13.69
N GLY E 31 12.97 -28.37 -14.18
CA GLY E 31 11.60 -27.97 -13.85
C GLY E 31 11.24 -26.59 -14.36
N GLU E 32 9.94 -26.34 -14.48
CA GLU E 32 9.42 -25.08 -15.01
C GLU E 32 9.32 -24.04 -13.90
N LEU E 33 9.65 -22.80 -14.21
CA LEU E 33 9.43 -21.71 -13.25
C LEU E 33 8.13 -21.02 -13.62
N LEU E 34 7.30 -20.72 -12.63
CA LEU E 34 6.04 -20.03 -12.90
C LEU E 34 5.98 -18.72 -12.16
N MET E 35 5.21 -17.78 -12.66
CA MET E 35 4.91 -16.58 -11.88
C MET E 35 3.55 -16.72 -11.23
N ARG E 36 3.53 -16.72 -9.90
CA ARG E 36 2.28 -16.76 -9.16
CA ARG E 36 2.28 -16.76 -9.18
C ARG E 36 1.78 -15.33 -8.97
N LEU E 37 0.48 -15.11 -9.17
CA LEU E 37 -0.14 -13.80 -8.97
C LEU E 37 -1.22 -13.97 -7.92
N SER E 38 -1.00 -13.37 -6.75
CA SER E 38 -1.76 -13.70 -5.56
C SER E 38 -2.63 -12.54 -5.09
N THR E 39 -3.82 -12.83 -4.60
CA THR E 39 -4.66 -11.79 -3.99
C THR E 39 -4.19 -11.68 -2.56
N GLN E 40 -4.52 -10.56 -1.93
CA GLN E 40 -4.25 -10.33 -0.52
C GLN E 40 -5.27 -11.09 0.36
N GLN E 41 -4.92 -11.27 1.63
CA GLN E 41 -5.81 -11.98 2.54
C GLN E 41 -7.19 -11.34 2.57
N GLY E 42 -8.23 -12.18 2.48
CA GLY E 42 -9.60 -11.71 2.54
C GLY E 42 -10.15 -11.02 1.31
N ILE E 43 -9.36 -11.00 0.24
CA ILE E 43 -9.77 -10.33 -0.99
C ILE E 43 -9.99 -11.37 -2.08
N PRO E 44 -11.23 -11.49 -2.59
CA PRO E 44 -11.44 -12.43 -3.69
C PRO E 44 -10.99 -11.83 -5.03
N PHE E 45 -10.80 -12.68 -6.02
CA PHE E 45 -10.41 -12.25 -7.36
C PHE E 45 -11.31 -11.12 -7.80
N SER E 46 -12.58 -11.19 -7.50
CA SER E 46 -13.53 -10.27 -8.08
C SER E 46 -13.47 -8.88 -7.46
N GLN E 47 -12.77 -8.74 -6.35
CA GLN E 47 -12.55 -7.46 -5.70
C GLN E 47 -11.09 -6.99 -5.70
N THR E 48 -10.19 -7.75 -6.29
CA THR E 48 -8.77 -7.42 -6.24
CA THR E 48 -8.75 -7.45 -6.28
C THR E 48 -8.41 -6.31 -7.24
N THR E 49 -7.52 -5.41 -6.85
CA THR E 49 -7.08 -4.34 -7.76
C THR E 49 -5.59 -4.45 -8.06
N ALA E 50 -4.93 -5.36 -7.38
CA ALA E 50 -3.49 -5.58 -7.54
C ALA E 50 -3.17 -7.02 -7.19
N LEU E 51 -2.19 -7.61 -7.86
CA LEU E 51 -1.81 -8.98 -7.54
C LEU E 51 -0.33 -8.98 -7.14
N ASP E 52 -0.02 -9.64 -6.02
CA ASP E 52 1.37 -9.78 -5.59
C ASP E 52 2.06 -10.87 -6.42
N ILE E 53 3.32 -10.63 -6.77
CA ILE E 53 4.07 -11.54 -7.61
C ILE E 53 5.00 -12.43 -6.80
N HIS E 54 5.03 -13.71 -7.13
CA HIS E 54 6.06 -14.60 -6.63
C HIS E 54 6.52 -15.56 -7.73
N ILE E 55 7.83 -15.73 -7.84
CA ILE E 55 8.37 -16.71 -8.78
C ILE E 55 8.61 -18.04 -8.07
N GLY E 56 8.27 -19.14 -8.72
CA GLY E 56 8.41 -20.41 -8.05
C GLY E 56 8.15 -21.58 -8.96
N GLY E 57 8.32 -22.77 -8.41
CA GLY E 57 8.12 -24.01 -9.18
C GLY E 57 8.71 -25.12 -8.35
N ALA E 58 8.06 -26.29 -8.31
CA ALA E 58 8.45 -27.31 -7.34
C ALA E 58 9.95 -27.59 -7.33
N GLU E 59 10.55 -27.76 -8.50
CA GLU E 59 11.97 -28.12 -8.57
C GLU E 59 12.86 -26.93 -8.26
N ALA E 60 12.46 -25.76 -8.76
CA ALA E 60 13.19 -24.51 -8.52
C ALA E 60 13.16 -24.14 -7.03
N ASN E 61 12.03 -24.37 -6.39
CA ASN E 61 11.96 -24.14 -4.94
C ASN E 61 12.92 -25.05 -4.19
N VAL E 62 13.04 -26.29 -4.65
CA VAL E 62 13.98 -27.24 -4.05
C VAL E 62 15.42 -26.77 -4.28
N ALA E 63 15.72 -26.39 -5.53
CA ALA E 63 17.01 -25.82 -5.85
C ALA E 63 17.34 -24.65 -4.90
N VAL E 64 16.46 -23.65 -4.84
CA VAL E 64 16.69 -22.47 -4.03
C VAL E 64 16.83 -22.84 -2.56
N ASN E 65 15.99 -23.77 -2.09
CA ASN E 65 16.03 -24.14 -0.68
C ASN E 65 17.33 -24.86 -0.33
N LEU E 66 17.81 -25.70 -1.25
CA LEU E 66 19.09 -26.37 -1.05
C LEU E 66 20.23 -25.36 -0.98
N SER E 67 20.17 -24.34 -1.85
CA SER E 67 21.19 -23.29 -1.87
CA SER E 67 21.20 -23.30 -1.86
C SER E 67 21.21 -22.54 -0.54
N LYS E 68 20.03 -22.27 -0.02
CA LYS E 68 19.91 -21.68 1.29
C LYS E 68 20.63 -22.50 2.37
N LEU E 69 20.77 -23.81 2.15
CA LEU E 69 21.41 -24.68 3.13
C LEU E 69 22.86 -24.99 2.80
N GLY E 70 23.40 -24.27 1.82
CA GLY E 70 24.83 -24.33 1.54
C GLY E 70 25.23 -25.23 0.39
N HIS E 71 24.25 -25.80 -0.29
CA HIS E 71 24.54 -26.67 -1.44
C HIS E 71 24.50 -25.92 -2.78
N PRO E 72 25.64 -25.86 -3.47
CA PRO E 72 25.63 -25.31 -4.83
C PRO E 72 24.62 -26.09 -5.68
N THR E 73 23.68 -25.38 -6.30
CA THR E 73 22.68 -26.02 -7.15
C THR E 73 22.65 -25.40 -8.55
N ARG E 74 22.09 -26.15 -9.49
CA ARG E 74 21.91 -25.68 -10.85
C ARG E 74 20.59 -26.25 -11.36
N ILE E 75 20.04 -25.66 -12.42
CA ILE E 75 18.74 -26.08 -12.91
C ILE E 75 18.66 -25.96 -14.42
N ALA E 76 18.17 -27.03 -15.05
CA ALA E 76 17.90 -27.04 -16.49
C ALA E 76 16.47 -26.59 -16.72
N THR E 77 16.29 -25.47 -17.40
CA THR E 77 14.94 -24.95 -17.58
C THR E 77 14.85 -23.97 -18.77
N VAL E 78 13.64 -23.45 -19.01
CA VAL E 78 13.37 -22.67 -20.22
C VAL E 78 12.45 -21.50 -19.88
N VAL E 79 12.77 -20.34 -20.44
CA VAL E 79 11.98 -19.13 -20.26
C VAL E 79 12.02 -18.34 -21.56
N PRO E 80 11.04 -17.46 -21.76
CA PRO E 80 11.05 -16.64 -22.97
C PRO E 80 12.11 -15.55 -22.87
N ALA E 81 12.57 -15.07 -24.03
CA ALA E 81 13.48 -13.93 -24.08
C ALA E 81 12.72 -12.61 -23.97
N ASN E 82 12.04 -12.41 -22.84
CA ASN E 82 11.40 -11.12 -22.55
C ASN E 82 11.53 -10.78 -21.08
N PRO E 83 11.09 -9.57 -20.69
CA PRO E 83 11.22 -9.11 -19.31
C PRO E 83 10.59 -10.04 -18.28
N ILE E 84 9.51 -10.74 -18.64
CA ILE E 84 8.89 -11.65 -17.69
C ILE E 84 9.77 -12.91 -17.54
N GLY E 85 10.29 -13.42 -18.65
CA GLY E 85 11.25 -14.53 -18.57
C GLY E 85 12.44 -14.11 -17.72
N LYS E 86 12.92 -12.89 -17.94
CA LYS E 86 14.05 -12.36 -17.20
C LYS E 86 13.82 -12.31 -15.69
N MET E 87 12.57 -12.07 -15.28
CA MET E 87 12.25 -12.03 -13.86
C MET E 87 12.48 -13.40 -13.24
N ALA E 88 12.16 -14.46 -13.97
CA ALA E 88 12.40 -15.80 -13.44
C ALA E 88 13.91 -16.02 -13.33
N VAL E 89 14.66 -15.51 -14.29
CA VAL E 89 16.10 -15.65 -14.25
C VAL E 89 16.69 -14.89 -13.05
N GLU E 90 16.23 -13.67 -12.83
CA GLU E 90 16.72 -12.85 -11.74
C GLU E 90 16.42 -13.51 -10.39
N HIS E 91 15.29 -14.22 -10.31
CA HIS E 91 14.90 -14.91 -9.09
C HIS E 91 15.99 -15.93 -8.74
N LEU E 92 16.49 -16.61 -9.76
CA LEU E 92 17.54 -17.62 -9.59
C LEU E 92 18.87 -17.01 -9.13
N TRP E 93 19.28 -15.91 -9.78
CA TRP E 93 20.50 -15.18 -9.38
C TRP E 93 20.42 -14.70 -7.93
N ARG E 94 19.26 -14.18 -7.56
CA ARG E 94 19.05 -13.64 -6.23
C ARG E 94 19.37 -14.72 -5.19
N HIS E 95 19.04 -15.97 -5.51
CA HIS E 95 19.16 -17.06 -4.55
C HIS E 95 20.34 -17.97 -4.86
N GLN E 96 21.20 -17.52 -5.76
CA GLN E 96 22.45 -18.19 -6.05
C GLN E 96 22.26 -19.58 -6.65
N VAL E 97 21.21 -19.76 -7.43
CA VAL E 97 21.09 -20.95 -8.26
C VAL E 97 21.79 -20.66 -9.58
N ASP E 98 22.64 -21.61 -10.00
CA ASP E 98 23.38 -21.54 -11.27
C ASP E 98 22.38 -21.43 -12.43
N THR E 99 22.63 -20.52 -13.36
CA THR E 99 21.68 -20.31 -14.45
C THR E 99 22.29 -20.58 -15.81
N ALA E 100 23.50 -21.14 -15.81
CA ALA E 100 24.17 -21.47 -17.04
C ALA E 100 23.32 -22.41 -17.91
N PHE E 101 22.39 -23.12 -17.29
CA PHE E 101 21.62 -24.15 -18.03
C PHE E 101 20.16 -23.77 -18.16
N VAL E 102 19.90 -22.48 -17.98
CA VAL E 102 18.64 -21.88 -18.37
C VAL E 102 18.73 -21.62 -19.87
N VAL E 103 17.72 -22.07 -20.62
CA VAL E 103 17.67 -21.85 -22.07
C VAL E 103 16.58 -20.85 -22.37
N GLU E 104 16.83 -19.95 -23.32
CA GLU E 104 15.84 -18.94 -23.70
C GLU E 104 15.14 -19.31 -24.99
N ALA E 105 13.82 -19.45 -24.95
CA ALA E 105 13.05 -19.90 -26.12
C ALA E 105 11.56 -19.67 -25.91
N GLY E 106 10.79 -19.68 -26.99
CA GLY E 106 9.32 -19.58 -26.88
C GLY E 106 8.79 -18.20 -26.52
N ASP E 107 7.53 -18.14 -26.10
CA ASP E 107 6.77 -16.89 -26.13
C ASP E 107 6.19 -16.39 -24.81
N ARG E 108 6.22 -17.20 -23.76
CA ARG E 108 5.57 -16.77 -22.55
C ARG E 108 6.04 -17.54 -21.34
N LEU E 109 6.07 -16.86 -20.19
CA LEU E 109 6.28 -17.56 -18.94
C LEU E 109 4.92 -18.05 -18.43
N GLY E 110 4.88 -19.33 -18.04
CA GLY E 110 3.68 -19.87 -17.37
C GLY E 110 3.33 -19.07 -16.13
N THR E 111 2.03 -18.93 -15.85
CA THR E 111 1.57 -18.24 -14.65
C THR E 111 0.41 -18.99 -13.98
N TYR E 112 0.11 -18.61 -12.76
CA TYR E 112 -1.16 -19.00 -12.17
C TYR E 112 -1.63 -17.97 -11.16
N TYR E 113 -2.94 -17.92 -10.94
CA TYR E 113 -3.54 -16.94 -10.06
C TYR E 113 -3.93 -17.69 -8.80
N LEU E 114 -3.71 -17.07 -7.65
CA LEU E 114 -4.08 -17.70 -6.40
C LEU E 114 -4.91 -16.77 -5.56
N GLU E 115 -6.12 -17.19 -5.25
CA GLU E 115 -6.97 -16.41 -4.41
C GLU E 115 -6.79 -16.88 -2.96
N SER E 116 -6.32 -15.98 -2.11
CA SER E 116 -6.04 -16.33 -0.72
CA SER E 116 -6.04 -16.30 -0.70
C SER E 116 -7.21 -17.00 -0.01
N GLY E 117 -6.90 -17.89 0.94
CA GLY E 117 -7.91 -18.56 1.77
C GLY E 117 -7.60 -18.31 3.23
N THR E 118 -8.64 -18.24 4.06
CA THR E 118 -8.52 -18.00 5.51
C THR E 118 -9.70 -18.70 6.19
N ALA E 119 -9.46 -19.30 7.35
CA ALA E 119 -10.53 -19.87 8.14
C ALA E 119 -11.34 -20.90 7.32
N LEU E 120 -12.65 -20.76 7.24
CA LEU E 120 -13.43 -21.77 6.52
C LEU E 120 -13.18 -21.80 5.01
N LYS E 121 -12.72 -20.68 4.44
CA LYS E 121 -12.58 -20.55 2.98
C LYS E 121 -11.21 -20.98 2.47
N ALA E 122 -11.17 -22.03 1.67
CA ALA E 122 -9.91 -22.55 1.14
C ALA E 122 -9.38 -21.68 0.05
N PRO E 123 -8.04 -21.64 -0.10
CA PRO E 123 -7.39 -20.97 -1.23
C PRO E 123 -7.95 -21.54 -2.52
N SER E 124 -7.91 -20.77 -3.61
CA SER E 124 -8.45 -21.22 -4.87
C SER E 124 -7.48 -20.80 -5.97
N VAL E 125 -7.22 -21.69 -6.92
CA VAL E 125 -6.22 -21.41 -7.95
C VAL E 125 -6.82 -21.43 -9.36
N VAL E 126 -6.33 -20.57 -10.25
CA VAL E 126 -6.67 -20.65 -11.67
C VAL E 126 -5.36 -20.71 -12.41
N TYR E 127 -5.04 -21.86 -13.01
CA TYR E 127 -3.77 -22.00 -13.72
C TYR E 127 -3.82 -21.30 -15.07
N ASP E 128 -2.68 -20.72 -15.45
CA ASP E 128 -2.52 -20.15 -16.79
C ASP E 128 -1.12 -20.52 -17.30
N ARG E 129 -0.79 -21.81 -17.26
CA ARG E 129 0.57 -22.31 -17.53
C ARG E 129 0.71 -22.96 -18.89
N GLN E 130 -0.41 -23.15 -19.59
CA GLN E 130 -0.40 -23.78 -20.90
C GLN E 130 0.38 -22.93 -21.88
N HIS E 131 1.03 -23.60 -22.84
CA HIS E 131 1.75 -22.92 -23.92
C HIS E 131 2.97 -22.13 -23.45
N SER E 132 3.39 -22.33 -22.20
CA SER E 132 4.65 -21.74 -21.72
C SER E 132 5.84 -22.25 -22.55
N SER E 133 6.90 -21.44 -22.58
CA SER E 133 8.13 -21.84 -23.26
C SER E 133 8.55 -23.21 -22.78
N PHE E 134 8.50 -23.41 -21.46
CA PHE E 134 8.91 -24.69 -20.91
C PHE E 134 8.02 -25.81 -21.43
N ALA E 135 6.71 -25.63 -21.34
CA ALA E 135 5.75 -26.63 -21.83
C ALA E 135 5.86 -26.94 -23.33
N ARG E 136 6.15 -25.92 -24.14
CA ARG E 136 6.19 -26.10 -25.61
C ARG E 136 7.52 -26.67 -26.11
N HIS E 137 8.55 -26.59 -25.28
CA HIS E 137 9.93 -26.86 -25.72
C HIS E 137 10.12 -28.28 -26.24
N LYS E 138 10.73 -28.40 -27.42
CA LYS E 138 10.96 -29.70 -28.05
C LYS E 138 12.39 -29.83 -28.53
N SER E 139 13.33 -29.16 -27.87
CA SER E 139 14.69 -29.16 -28.39
C SER E 139 15.71 -29.58 -27.34
N MET E 140 16.58 -30.50 -27.72
CA MET E 140 17.61 -31.00 -26.83
C MET E 140 18.76 -29.99 -26.68
N ASP E 141 18.59 -29.02 -25.79
CA ASP E 141 19.52 -27.89 -25.67
C ASP E 141 20.52 -27.99 -24.53
N TRP E 142 20.64 -29.19 -23.95
CA TRP E 142 21.54 -29.37 -22.82
C TRP E 142 22.66 -30.36 -23.12
N ASP E 143 23.89 -29.93 -22.82
CA ASP E 143 25.05 -30.79 -22.91
C ASP E 143 25.08 -31.59 -21.60
N LEU E 144 24.79 -32.88 -21.68
CA LEU E 144 24.60 -33.66 -20.46
C LEU E 144 25.85 -33.73 -19.59
N SER E 145 27.02 -33.77 -20.23
CA SER E 145 28.30 -33.88 -19.51
C SER E 145 28.67 -32.61 -18.74
N GLU E 146 28.21 -31.45 -19.21
CA GLU E 146 28.38 -30.20 -18.48
C GLU E 146 27.39 -30.16 -17.32
N LEU E 147 26.12 -30.37 -17.65
CA LEU E 147 25.04 -30.30 -16.67
C LEU E 147 25.32 -31.16 -15.42
N LEU E 148 25.88 -32.34 -15.61
CA LEU E 148 26.09 -33.28 -14.51
C LEU E 148 27.50 -33.27 -13.93
N LYS E 149 28.37 -32.44 -14.50
CA LYS E 149 29.71 -32.26 -13.95
C LYS E 149 29.65 -31.88 -12.46
N GLY E 150 30.34 -32.65 -11.63
CA GLY E 150 30.44 -32.34 -10.20
C GLY E 150 29.14 -32.43 -9.42
N ILE E 151 28.24 -33.33 -9.85
CA ILE E 151 26.93 -33.46 -9.23
C ILE E 151 26.83 -34.68 -8.34
N ARG E 152 26.26 -34.53 -7.14
CA ARG E 152 26.12 -35.68 -6.24
C ARG E 152 24.69 -36.20 -6.22
N VAL E 153 23.73 -35.32 -6.55
CA VAL E 153 22.31 -35.69 -6.59
C VAL E 153 21.56 -35.00 -7.74
N LEU E 154 20.72 -35.76 -8.43
CA LEU E 154 19.79 -35.19 -9.39
C LEU E 154 18.36 -35.30 -8.87
N HIS E 155 17.66 -34.18 -8.84
CA HIS E 155 16.29 -34.15 -8.35
C HIS E 155 15.28 -33.71 -9.43
N VAL E 156 14.14 -34.38 -9.46
CA VAL E 156 13.06 -33.95 -10.35
C VAL E 156 11.71 -34.47 -9.88
N SER E 157 10.62 -33.85 -10.36
CA SER E 157 9.28 -34.21 -9.88
C SER E 157 8.31 -34.68 -10.97
N GLY E 158 7.21 -35.28 -10.51
CA GLY E 158 6.08 -35.65 -11.37
C GLY E 158 5.52 -34.53 -12.24
N ILE E 159 5.67 -33.28 -11.80
CA ILE E 159 5.14 -32.15 -12.58
C ILE E 159 5.80 -32.07 -13.96
N THR E 160 7.13 -32.02 -13.94
CA THR E 160 7.93 -31.91 -15.17
C THR E 160 7.62 -33.01 -16.20
N ILE E 161 7.60 -34.27 -15.76
CA ILE E 161 7.36 -35.37 -16.69
C ILE E 161 5.90 -35.46 -17.15
N ALA E 162 5.00 -34.74 -16.48
CA ALA E 162 3.59 -34.70 -16.86
C ALA E 162 3.34 -33.74 -18.02
N LEU E 163 4.27 -32.82 -18.22
CA LEU E 163 4.05 -31.67 -19.12
C LEU E 163 4.02 -32.06 -20.58
N SER E 164 4.79 -33.08 -20.94
CA SER E 164 4.80 -33.57 -22.31
C SER E 164 5.69 -34.78 -22.40
N THR E 165 5.58 -35.47 -23.53
CA THR E 165 6.39 -36.63 -23.85
C THR E 165 7.86 -36.24 -23.95
N PHE E 166 8.11 -35.07 -24.54
CA PHE E 166 9.46 -34.57 -24.66
C PHE E 166 10.13 -34.53 -23.28
N TRP E 167 9.41 -34.01 -22.29
CA TRP E 167 9.98 -33.88 -20.95
C TRP E 167 10.11 -35.22 -20.23
N LEU E 168 9.13 -36.10 -20.41
CA LEU E 168 9.25 -37.40 -19.81
C LEU E 168 10.48 -38.08 -20.41
N GLU E 169 10.62 -37.99 -21.72
CA GLU E 169 11.74 -38.63 -22.38
C GLU E 169 13.08 -38.06 -21.98
N MET E 170 13.13 -36.73 -21.86
CA MET E 170 14.35 -36.03 -21.48
C MET E 170 14.78 -36.39 -20.06
N VAL E 171 13.82 -36.51 -19.16
CA VAL E 171 14.11 -36.82 -17.78
C VAL E 171 14.69 -38.23 -17.68
N VAL E 172 14.10 -39.13 -18.45
CA VAL E 172 14.59 -40.50 -18.52
C VAL E 172 16.05 -40.54 -19.01
N LYS E 173 16.34 -39.93 -20.17
CA LYS E 173 17.71 -39.87 -20.68
C LYS E 173 18.67 -39.41 -19.59
N ILE E 174 18.37 -38.24 -19.03
CA ILE E 174 19.24 -37.61 -18.05
C ILE E 174 19.49 -38.49 -16.81
N ILE E 175 18.43 -39.14 -16.32
CA ILE E 175 18.59 -40.06 -15.19
C ILE E 175 19.51 -41.24 -15.53
N ARG E 176 19.25 -41.88 -16.67
CA ARG E 176 20.09 -43.00 -17.10
C ARG E 176 21.55 -42.53 -17.17
N GLU E 177 21.75 -41.37 -17.78
CA GLU E 177 23.08 -40.77 -17.88
C GLU E 177 23.69 -40.48 -16.49
N ALA E 178 22.87 -39.94 -15.58
CA ALA E 178 23.31 -39.64 -14.22
C ALA E 178 23.66 -40.92 -13.47
N LYS E 179 22.76 -41.90 -13.59
CA LYS E 179 22.93 -43.20 -12.97
C LYS E 179 24.28 -43.83 -13.33
N ARG E 180 24.66 -43.72 -14.60
CA ARG E 180 25.94 -44.29 -15.05
C ARG E 180 27.14 -43.60 -14.41
N ASN E 181 26.94 -42.36 -13.97
CA ASN E 181 28.01 -41.55 -13.39
C ASN E 181 28.10 -41.70 -11.87
N GLY E 182 27.28 -42.58 -11.30
CA GLY E 182 27.22 -42.72 -9.85
C GLY E 182 26.47 -41.60 -9.13
N ILE E 183 25.54 -40.96 -9.82
CA ILE E 183 24.74 -39.88 -9.23
C ILE E 183 23.43 -40.39 -8.62
N LYS E 184 23.16 -39.99 -7.38
CA LYS E 184 21.91 -40.34 -6.69
C LYS E 184 20.69 -39.69 -7.35
N ILE E 185 19.59 -40.41 -7.43
CA ILE E 185 18.35 -39.87 -8.01
C ILE E 185 17.28 -39.57 -6.94
N SER E 186 16.89 -38.30 -6.88
CA SER E 186 15.82 -37.84 -5.99
C SER E 186 14.58 -37.55 -6.81
N PHE E 187 13.44 -38.10 -6.36
CA PHE E 187 12.18 -37.98 -7.13
C PHE E 187 10.97 -37.67 -6.27
N ASP E 188 10.27 -36.61 -6.65
CA ASP E 188 9.09 -36.15 -5.95
C ASP E 188 7.87 -36.61 -6.78
N MET E 189 7.09 -37.58 -6.28
CA MET E 189 5.95 -38.07 -7.07
C MET E 189 5.19 -36.85 -7.60
N ASN E 190 4.76 -35.99 -6.67
CA ASN E 190 4.07 -34.72 -7.01
C ASN E 190 3.04 -34.90 -8.12
N TYR E 191 2.15 -35.88 -7.95
CA TYR E 191 1.07 -36.09 -8.89
C TYR E 191 0.12 -34.91 -8.91
N ARG E 192 -0.25 -34.42 -10.10
CA ARG E 192 -1.21 -33.31 -10.20
C ARG E 192 -2.35 -33.70 -11.13
N ALA E 193 -3.56 -33.80 -10.56
CA ALA E 193 -4.72 -34.23 -11.33
C ALA E 193 -4.94 -33.38 -12.59
N LYS E 194 -4.76 -32.07 -12.45
CA LYS E 194 -4.97 -31.14 -13.56
C LYS E 194 -4.07 -31.40 -14.76
N LEU E 195 -2.98 -32.14 -14.55
CA LEU E 195 -1.96 -32.28 -15.58
C LEU E 195 -2.09 -33.57 -16.37
N TRP E 196 -2.60 -34.60 -15.72
CA TRP E 196 -2.82 -35.87 -16.39
C TRP E 196 -3.61 -36.82 -15.48
N GLU E 197 -4.15 -37.87 -16.10
CA GLU E 197 -5.00 -38.82 -15.39
C GLU E 197 -4.17 -39.96 -14.80
N LEU E 198 -4.67 -40.54 -13.72
CA LEU E 198 -3.94 -41.58 -13.00
C LEU E 198 -3.25 -42.59 -13.91
N GLU E 199 -3.98 -43.11 -14.89
CA GLU E 199 -3.43 -44.17 -15.74
C GLU E 199 -2.13 -43.72 -16.41
N ALA E 200 -2.17 -42.54 -17.03
CA ALA E 200 -1.00 -42.00 -17.72
C ALA E 200 0.16 -41.76 -16.76
N ALA E 201 -0.12 -41.10 -15.64
CA ALA E 201 0.89 -40.87 -14.63
C ALA E 201 1.54 -42.18 -14.18
N LYS E 202 0.72 -43.19 -13.92
CA LYS E 202 1.25 -44.46 -13.42
C LYS E 202 2.22 -45.12 -14.39
N ARG E 203 1.86 -45.16 -15.67
CA ARG E 203 2.75 -45.76 -16.66
C ARG E 203 4.09 -45.02 -16.74
N ALA E 204 4.03 -43.70 -16.60
CA ALA E 204 5.23 -42.86 -16.54
C ALA E 204 6.06 -43.19 -15.29
N TYR E 205 5.44 -43.08 -14.10
CA TYR E 205 6.12 -43.41 -12.86
C TYR E 205 6.81 -44.80 -12.93
N GLN E 206 6.17 -45.78 -13.56
CA GLN E 206 6.72 -47.14 -13.61
C GLN E 206 8.05 -47.24 -14.36
N GLN E 207 8.34 -46.23 -15.20
CA GLN E 207 9.64 -46.15 -15.87
C GLN E 207 10.71 -45.54 -14.95
N LEU E 208 10.31 -44.59 -14.12
CA LEU E 208 11.27 -43.87 -13.28
C LEU E 208 11.59 -44.66 -12.02
N LEU E 209 10.57 -45.28 -11.44
CA LEU E 209 10.64 -45.75 -10.05
C LEU E 209 11.81 -46.66 -9.69
N PRO E 210 12.18 -47.57 -10.60
CA PRO E 210 13.29 -48.53 -10.40
C PRO E 210 14.67 -47.87 -10.48
N LEU E 211 14.67 -46.57 -10.82
CA LEU E 211 15.90 -45.77 -10.98
C LEU E 211 16.08 -44.75 -9.84
N VAL E 212 15.16 -44.75 -8.88
CA VAL E 212 15.17 -43.74 -7.82
C VAL E 212 15.94 -44.22 -6.60
N ASP E 213 16.59 -43.27 -5.92
CA ASP E 213 17.28 -43.58 -4.67
C ASP E 213 16.46 -43.04 -3.49
N TYR E 214 16.07 -41.77 -3.62
CA TYR E 214 15.29 -41.07 -2.60
C TYR E 214 13.95 -40.63 -3.20
N CYS E 215 12.85 -40.96 -2.52
CA CYS E 215 11.53 -40.75 -3.10
C CYS E 215 10.55 -40.06 -2.12
N SER E 216 10.03 -38.92 -2.52
CA SER E 216 8.93 -38.30 -1.79
C SER E 216 7.63 -38.91 -2.31
N ALA E 217 6.96 -39.65 -1.42
CA ALA E 217 5.76 -40.35 -1.79
C ALA E 217 4.98 -40.74 -0.53
N GLY E 218 3.66 -40.70 -0.62
CA GLY E 218 2.78 -40.97 0.52
C GLY E 218 1.79 -42.07 0.23
N GLN E 219 0.79 -42.21 1.11
CA GLN E 219 -0.09 -43.36 1.03
C GLN E 219 -0.95 -43.39 -0.25
N MET E 220 -1.43 -42.23 -0.67
CA MET E 220 -2.24 -42.13 -1.88
C MET E 220 -1.41 -42.54 -3.10
N ASP E 221 -0.14 -42.16 -3.09
CA ASP E 221 0.79 -42.57 -4.14
C ASP E 221 0.95 -44.07 -4.17
N ALA E 222 1.10 -44.64 -2.99
CA ALA E 222 1.27 -46.09 -2.86
C ALA E 222 0.08 -46.80 -3.48
N VAL E 223 -1.13 -46.32 -3.16
CA VAL E 223 -2.34 -46.96 -3.66
C VAL E 223 -2.51 -46.67 -5.15
N ALA E 224 -2.21 -45.42 -5.54
CA ALA E 224 -2.39 -44.98 -6.92
C ALA E 224 -1.37 -45.57 -7.88
N PHE E 225 -0.11 -45.66 -7.43
CA PHE E 225 1.01 -45.84 -8.35
C PHE E 225 1.94 -47.01 -8.05
N PHE E 226 1.98 -47.43 -6.79
CA PHE E 226 2.84 -48.55 -6.41
C PHE E 226 2.03 -49.84 -6.43
N GLU E 227 0.76 -49.73 -6.79
CA GLU E 227 -0.05 -50.94 -7.00
C GLU E 227 -0.46 -51.55 -5.66
N ILE E 228 -0.25 -50.78 -4.59
CA ILE E 228 -0.49 -51.28 -3.24
C ILE E 228 -1.96 -51.19 -2.85
N SER E 229 -2.46 -52.25 -2.22
CA SER E 229 -3.82 -52.24 -1.69
C SER E 229 -3.94 -51.21 -0.56
N SER E 230 -5.06 -50.50 -0.52
CA SER E 230 -5.26 -49.48 0.50
C SER E 230 -5.50 -50.12 1.88
N GLU E 231 -5.53 -51.44 1.90
CA GLU E 231 -5.70 -52.19 3.15
C GLU E 231 -4.38 -52.42 3.87
N THR E 232 -3.26 -52.06 3.22
CA THR E 232 -1.95 -52.33 3.78
C THR E 232 -1.52 -51.24 4.77
N THR E 233 -1.30 -51.65 6.02
CA THR E 233 -0.92 -50.71 7.08
C THR E 233 0.46 -50.12 6.76
N ASP E 234 1.41 -51.01 6.48
CA ASP E 234 2.78 -50.61 6.21
C ASP E 234 3.03 -50.47 4.72
N TYR E 235 2.47 -49.42 4.12
CA TYR E 235 2.61 -49.19 2.69
C TYR E 235 4.06 -48.94 2.29
N TYR E 236 4.83 -48.27 3.22
CA TYR E 236 6.25 -48.00 2.91
C TYR E 236 7.04 -49.29 2.77
N GLN E 237 6.77 -50.27 3.63
CA GLN E 237 7.50 -51.53 3.55
C GLN E 237 7.11 -52.24 2.25
N ALA E 238 5.86 -52.04 1.80
CA ALA E 238 5.37 -52.71 0.60
C ALA E 238 5.90 -52.02 -0.66
N MET E 239 5.93 -50.70 -0.62
CA MET E 239 6.49 -49.91 -1.71
C MET E 239 7.94 -50.25 -1.89
N HIS E 240 8.68 -50.38 -0.77
CA HIS E 240 10.07 -50.82 -0.80
C HIS E 240 10.21 -52.22 -1.40
N ASP E 241 9.26 -53.11 -1.11
CA ASP E 241 9.28 -54.47 -1.65
C ASP E 241 9.11 -54.41 -3.16
N LYS E 242 8.20 -53.54 -3.64
CA LYS E 242 7.99 -53.36 -5.07
C LYS E 242 9.27 -52.85 -5.72
N TYR E 243 9.99 -51.94 -4.96
CA TYR E 243 11.18 -51.29 -5.49
C TYR E 243 12.29 -51.25 -4.43
N PRO E 244 13.02 -52.37 -4.29
CA PRO E 244 14.08 -52.50 -3.29
C PRO E 244 15.20 -51.52 -3.49
N ASN E 245 15.26 -50.95 -4.72
CA ASN E 245 16.23 -49.90 -5.07
C ASN E 245 16.05 -48.56 -4.31
N ILE E 246 14.80 -48.18 -4.02
CA ILE E 246 14.53 -46.94 -3.30
C ILE E 246 15.01 -47.03 -1.84
N GLU E 247 16.08 -46.30 -1.54
CA GLU E 247 16.73 -46.39 -0.23
C GLU E 247 15.96 -45.65 0.89
N LEU E 248 15.16 -44.66 0.52
CA LEU E 248 14.28 -44.04 1.50
C LEU E 248 13.15 -43.26 0.89
N PHE E 249 12.04 -43.21 1.62
CA PHE E 249 10.86 -42.47 1.23
C PHE E 249 10.66 -41.39 2.26
N TYR E 250 10.03 -40.30 1.86
CA TYR E 250 9.78 -39.20 2.77
C TYR E 250 8.51 -38.48 2.34
N ALA E 251 7.84 -37.87 3.30
CA ALA E 251 6.63 -37.12 3.02
C ALA E 251 6.12 -36.57 4.32
N THR E 252 5.17 -35.64 4.25
CA THR E 252 4.54 -35.15 5.45
C THR E 252 3.13 -35.71 5.55
N LYS E 253 2.64 -35.82 6.78
CA LYS E 253 1.25 -36.12 7.05
C LYS E 253 0.56 -34.80 7.44
N ARG E 254 -0.32 -34.31 6.58
CA ARG E 254 -1.02 -33.04 6.82
C ARG E 254 -2.46 -33.25 7.29
N THR E 255 -2.84 -32.67 8.42
CA THR E 255 -4.22 -32.73 8.87
C THR E 255 -4.85 -31.35 8.68
N VAL E 256 -5.74 -31.23 7.71
CA VAL E 256 -6.37 -29.94 7.41
C VAL E 256 -7.58 -29.66 8.32
N ILE E 257 -7.40 -28.81 9.32
CA ILE E 257 -8.52 -28.47 10.17
C ILE E 257 -9.32 -27.33 9.55
N SER E 258 -8.62 -26.35 8.97
CA SER E 258 -9.24 -25.28 8.18
C SER E 258 -8.17 -24.67 7.27
N ALA E 259 -8.52 -23.59 6.56
CA ALA E 259 -7.55 -22.94 5.68
C ALA E 259 -6.46 -22.26 6.52
N SER E 260 -6.73 -22.05 7.80
CA SER E 260 -5.82 -21.37 8.70
C SER E 260 -5.27 -22.28 9.81
N HIS E 261 -5.58 -23.57 9.77
CA HIS E 261 -5.16 -24.43 10.87
C HIS E 261 -4.87 -25.83 10.35
N HIS E 262 -3.59 -26.19 10.34
CA HIS E 262 -3.13 -27.51 9.93
C HIS E 262 -2.27 -28.12 11.03
N LEU E 263 -2.28 -29.45 11.11
CA LEU E 263 -1.29 -30.18 11.86
C LEU E 263 -0.30 -30.78 10.84
N LEU E 264 0.99 -30.78 11.18
CA LEU E 264 1.99 -31.25 10.22
C LEU E 264 3.03 -32.08 10.95
N GLN E 265 3.32 -33.24 10.37
CA GLN E 265 4.25 -34.18 10.96
C GLN E 265 5.03 -34.86 9.83
N GLY E 266 6.35 -34.91 9.98
CA GLY E 266 7.18 -35.53 8.95
C GLY E 266 7.34 -37.03 9.14
N HIS E 267 7.39 -37.77 8.01
CA HIS E 267 7.74 -39.18 7.99
C HIS E 267 8.99 -39.38 7.15
N LEU E 268 9.86 -40.28 7.58
CA LEU E 268 11.04 -40.69 6.83
C LEU E 268 11.27 -42.17 7.08
N TRP E 269 11.18 -42.95 6.01
CA TRP E 269 11.27 -44.40 6.11
C TRP E 269 12.54 -44.89 5.41
N THR E 270 13.27 -45.77 6.08
CA THR E 270 14.47 -46.32 5.49
C THR E 270 14.96 -47.49 6.32
N GLN E 271 15.39 -48.54 5.62
CA GLN E 271 15.91 -49.74 6.27
C GLN E 271 14.88 -50.35 7.22
N GLY E 272 13.63 -50.44 6.78
CA GLY E 272 12.57 -51.11 7.55
C GLY E 272 12.01 -50.40 8.75
N GLU E 273 12.16 -49.06 8.81
CA GLU E 273 11.59 -48.32 9.94
C GLU E 273 11.18 -46.90 9.57
N CYS E 274 9.92 -46.59 9.85
CA CYS E 274 9.42 -45.25 9.69
C CYS E 274 9.88 -44.42 10.91
N TRP E 275 10.48 -43.26 10.63
CA TRP E 275 10.85 -42.29 11.66
C TRP E 275 9.93 -41.07 11.56
N GLU E 276 9.36 -40.66 12.68
CA GLU E 276 8.38 -39.57 12.71
C GLU E 276 8.91 -38.35 13.44
N SER E 277 8.52 -37.17 12.99
CA SER E 277 8.78 -35.96 13.75
C SER E 277 7.69 -35.77 14.81
N GLU E 278 7.85 -34.74 15.64
CA GLU E 278 6.74 -34.31 16.48
C GLU E 278 5.67 -33.80 15.52
N GLU E 279 4.44 -33.74 15.98
CA GLU E 279 3.41 -33.13 15.16
C GLU E 279 3.24 -31.66 15.56
N TYR E 280 3.44 -30.75 14.61
CA TYR E 280 3.23 -29.32 14.84
C TYR E 280 1.82 -28.90 14.53
N ALA E 281 1.32 -27.96 15.31
CA ALA E 281 0.08 -27.29 14.97
C ALA E 281 0.44 -25.91 14.40
N ILE E 282 -0.09 -25.62 13.21
CA ILE E 282 0.21 -24.39 12.47
C ILE E 282 -1.04 -23.51 12.36
N TYR E 283 -1.09 -22.45 13.15
CA TYR E 283 -2.16 -21.48 13.03
CA TYR E 283 -2.16 -21.48 13.00
C TYR E 283 -1.68 -20.11 13.42
N PRO E 284 -2.09 -19.06 12.72
CA PRO E 284 -2.76 -19.16 11.43
C PRO E 284 -1.77 -19.65 10.39
N ILE E 285 -2.14 -19.64 9.12
CA ILE E 285 -1.22 -20.04 8.05
C ILE E 285 -0.99 -18.83 7.14
N VAL E 286 0.28 -18.41 7.00
CA VAL E 286 0.58 -17.27 6.15
C VAL E 286 0.53 -17.69 4.68
N ASP E 287 1.28 -18.73 4.34
CA ASP E 287 1.38 -19.18 2.94
C ASP E 287 1.91 -20.61 2.89
N ARG E 288 1.03 -21.57 2.64
CA ARG E 288 1.40 -22.99 2.64
C ARG E 288 2.15 -23.36 1.37
N VAL E 289 2.10 -22.51 0.35
CA VAL E 289 2.70 -22.87 -0.93
C VAL E 289 4.19 -23.06 -0.78
N GLY E 290 4.71 -24.16 -1.33
CA GLY E 290 6.14 -24.49 -1.21
C GLY E 290 6.53 -25.15 0.11
N GLY E 291 5.55 -25.41 0.97
CA GLY E 291 5.84 -26.09 2.23
C GLY E 291 6.42 -27.48 1.96
N GLY E 292 5.87 -28.14 0.96
CA GLY E 292 6.37 -29.47 0.57
C GLY E 292 7.78 -29.42 0.00
N ASP E 293 8.10 -28.33 -0.70
CA ASP E 293 9.44 -28.20 -1.29
C ASP E 293 10.47 -27.85 -0.21
N ALA E 294 10.03 -27.12 0.81
CA ALA E 294 10.86 -26.91 2.00
C ALA E 294 11.20 -28.24 2.68
N TYR E 295 10.21 -29.12 2.77
CA TYR E 295 10.42 -30.42 3.39
C TYR E 295 11.40 -31.22 2.56
N THR E 296 11.16 -31.26 1.24
CA THR E 296 12.03 -32.03 0.33
C THR E 296 13.48 -31.58 0.43
N ALA E 297 13.71 -30.28 0.27
CA ALA E 297 15.05 -29.72 0.31
C ALA E 297 15.74 -30.07 1.62
N ALA E 298 15.02 -29.91 2.73
CA ALA E 298 15.58 -30.19 4.05
C ALA E 298 15.92 -31.67 4.18
N VAL E 299 15.05 -32.56 3.69
CA VAL E 299 15.38 -34.00 3.76
C VAL E 299 16.63 -34.31 2.96
N LEU E 300 16.74 -33.73 1.77
CA LEU E 300 17.93 -33.98 0.95
C LEU E 300 19.18 -33.45 1.67
N HIS E 301 19.06 -32.27 2.29
CA HIS E 301 20.18 -31.71 3.05
C HIS E 301 20.70 -32.73 4.08
N GLY E 302 19.80 -33.20 4.95
CA GLY E 302 20.13 -34.22 5.93
C GLY E 302 20.79 -35.46 5.32
N ILE E 303 20.32 -35.86 4.14
CA ILE E 303 20.92 -37.00 3.42
C ILE E 303 22.37 -36.72 2.99
N LEU E 304 22.58 -35.59 2.32
CA LEU E 304 23.92 -35.20 1.89
C LEU E 304 24.86 -34.93 3.08
N SER E 305 24.32 -34.41 4.18
CA SER E 305 25.08 -34.26 5.42
C SER E 305 25.38 -35.61 6.05
N GLU E 306 24.73 -36.67 5.52
CA GLU E 306 24.82 -37.99 6.10
C GLU E 306 24.38 -38.01 7.57
N TRP E 307 23.39 -37.19 7.91
CA TRP E 307 22.83 -37.18 9.25
C TRP E 307 22.15 -38.50 9.54
N ARG E 308 21.77 -38.71 10.79
CA ARG E 308 20.91 -39.83 11.16
C ARG E 308 19.45 -39.53 10.79
N PRO E 309 18.65 -40.59 10.60
CA PRO E 309 17.27 -40.47 10.15
C PRO E 309 16.46 -39.61 11.11
N ASP E 310 16.54 -39.91 12.41
CA ASP E 310 15.82 -39.13 13.40
C ASP E 310 16.16 -37.64 13.37
N GLU E 311 17.43 -37.31 13.14
CA GLU E 311 17.87 -35.91 13.00
C GLU E 311 17.27 -35.26 11.75
N THR E 312 17.32 -35.96 10.62
CA THR E 312 16.83 -35.43 9.33
C THR E 312 15.33 -35.09 9.37
N VAL E 313 14.52 -36.05 9.76
CA VAL E 313 13.07 -35.84 9.77
C VAL E 313 12.66 -34.75 10.76
N LYS E 314 13.40 -34.65 11.86
CA LYS E 314 13.16 -33.59 12.84
C LYS E 314 13.47 -32.23 12.23
N PHE E 315 14.64 -32.13 11.58
CA PHE E 315 15.08 -30.91 10.90
C PHE E 315 14.14 -30.49 9.77
N ALA E 316 13.78 -31.45 8.91
CA ALA E 316 12.99 -31.16 7.72
C ALA E 316 11.55 -30.72 8.04
N THR E 317 10.95 -31.36 9.04
CA THR E 317 9.61 -30.96 9.46
C THR E 317 9.60 -29.53 10.04
N ALA E 318 10.61 -29.20 10.84
CA ALA E 318 10.74 -27.83 11.34
C ALA E 318 10.83 -26.83 10.18
N ALA E 319 11.64 -27.16 9.18
CA ALA E 319 11.82 -26.34 7.97
C ALA E 319 10.50 -26.07 7.27
N ALA E 320 9.76 -27.15 7.03
CA ALA E 320 8.48 -27.08 6.33
C ALA E 320 7.48 -26.27 7.15
N GLY E 321 7.42 -26.54 8.45
CA GLY E 321 6.56 -25.78 9.37
C GLY E 321 6.84 -24.28 9.35
N LEU E 322 8.11 -23.92 9.46
CA LEU E 322 8.49 -22.49 9.45
C LEU E 322 8.11 -21.84 8.10
N LYS E 323 8.31 -22.56 7.00
CA LYS E 323 7.96 -22.02 5.68
C LYS E 323 6.51 -21.51 5.59
N HIS E 324 5.60 -22.16 6.31
CA HIS E 324 4.20 -21.73 6.27
C HIS E 324 4.02 -20.29 6.73
N SER E 325 5.01 -19.75 7.45
CA SER E 325 4.92 -18.39 7.96
C SER E 325 5.45 -17.33 6.98
N ILE E 326 5.84 -17.75 5.79
CA ILE E 326 6.50 -16.83 4.83
C ILE E 326 5.77 -16.75 3.49
N HIS E 327 5.38 -15.54 3.08
CA HIS E 327 4.79 -15.36 1.74
C HIS E 327 5.77 -15.77 0.66
N GLY E 328 5.23 -16.37 -0.40
CA GLY E 328 6.03 -16.69 -1.59
C GLY E 328 6.34 -18.19 -1.60
N ASP E 329 7.16 -18.60 -2.54
CA ASP E 329 7.40 -20.02 -2.76
C ASP E 329 8.58 -20.62 -2.01
N ILE E 330 9.57 -19.81 -1.64
CA ILE E 330 10.84 -20.37 -1.12
C ILE E 330 11.04 -20.18 0.38
N ASN E 331 11.90 -21.01 0.96
CA ASN E 331 12.15 -20.98 2.39
C ASN E 331 13.38 -20.09 2.68
N PRO E 332 13.17 -18.97 3.39
CA PRO E 332 14.27 -18.02 3.52
C PRO E 332 15.29 -18.33 4.63
N PHE E 333 15.06 -19.37 5.42
CA PHE E 333 15.88 -19.56 6.62
C PHE E 333 17.22 -20.26 6.38
N ASP E 334 18.19 -19.96 7.23
CA ASP E 334 19.45 -20.70 7.20
C ASP E 334 19.40 -21.92 8.13
N GLU E 335 20.41 -22.77 8.01
CA GLU E 335 20.41 -24.04 8.72
C GLU E 335 20.28 -23.84 10.23
N LYS E 336 21.09 -22.95 10.76
CA LYS E 336 21.14 -22.74 12.20
C LYS E 336 19.77 -22.30 12.74
N THR E 337 19.05 -21.49 11.96
CA THR E 337 17.75 -20.98 12.38
C THR E 337 16.70 -22.08 12.44
N ILE E 338 16.76 -22.99 11.49
CA ILE E 338 15.91 -24.14 11.47
C ILE E 338 16.27 -25.12 12.60
N ALA E 339 17.56 -25.40 12.74
CA ALA E 339 18.01 -26.37 13.75
C ALA E 339 17.69 -25.84 15.15
N ASP E 340 17.82 -24.52 15.34
CA ASP E 340 17.49 -23.92 16.64
C ASP E 340 16.01 -24.08 16.98
N PHE E 341 15.14 -23.90 15.98
CA PHE E 341 13.72 -24.14 16.15
C PHE E 341 13.37 -25.62 16.41
N ALA E 342 13.94 -26.53 15.62
CA ALA E 342 13.76 -27.95 15.84
C ALA E 342 14.12 -28.37 17.28
N ALA E 343 15.22 -27.85 17.80
CA ALA E 343 15.70 -28.24 19.12
C ALA E 343 14.93 -27.60 20.28
N ASP E 344 14.01 -26.67 19.98
CA ASP E 344 13.23 -26.01 21.02
C ASP E 344 12.01 -26.80 21.44
N LYS E 345 11.35 -27.43 20.45
CA LYS E 345 10.10 -28.14 20.67
C LYS E 345 10.19 -29.18 21.79
N SER E 346 11.19 -30.05 21.71
CA SER E 346 11.38 -31.11 22.71
C SER E 346 12.53 -30.80 23.66
N LYS F 25 -36.71 -16.57 -9.48
CA LYS F 25 -37.73 -15.80 -8.79
C LYS F 25 -37.12 -14.48 -8.32
N GLN F 26 -37.83 -13.39 -8.53
CA GLN F 26 -37.26 -12.07 -8.25
C GLN F 26 -37.59 -11.54 -6.86
N VAL F 27 -36.70 -10.72 -6.32
CA VAL F 27 -36.85 -10.22 -4.97
C VAL F 27 -36.66 -8.70 -4.96
N VAL F 28 -37.49 -8.00 -4.19
CA VAL F 28 -37.30 -6.58 -3.95
C VAL F 28 -36.95 -6.36 -2.47
N THR F 29 -36.06 -5.40 -2.19
CA THR F 29 -35.75 -5.05 -0.80
C THR F 29 -35.92 -3.55 -0.64
N ILE F 30 -35.96 -3.10 0.61
CA ILE F 30 -36.05 -1.69 0.89
C ILE F 30 -35.00 -1.42 1.96
N GLY F 31 -34.15 -0.43 1.75
CA GLY F 31 -33.17 -0.11 2.79
C GLY F 31 -32.14 0.93 2.41
N GLU F 32 -31.35 1.34 3.40
CA GLU F 32 -30.31 2.35 3.22
C GLU F 32 -28.97 1.71 2.90
N LEU F 33 -28.25 2.31 1.94
CA LEU F 33 -26.85 1.96 1.70
C LEU F 33 -25.95 2.89 2.51
N LEU F 34 -24.97 2.32 3.20
CA LEU F 34 -23.98 3.11 3.92
C LEU F 34 -22.59 2.90 3.34
N MET F 35 -21.74 3.90 3.45
CA MET F 35 -20.34 3.66 3.14
C MET F 35 -19.64 3.37 4.45
N ARG F 36 -19.00 2.23 4.52
CA ARG F 36 -18.24 1.84 5.70
CA ARG F 36 -18.21 1.85 5.66
C ARG F 36 -16.76 2.25 5.43
N LEU F 37 -16.16 2.84 6.43
CA LEU F 37 -14.77 3.31 6.35
C LEU F 37 -14.01 2.60 7.45
N SER F 38 -13.11 1.67 7.09
CA SER F 38 -12.46 0.78 8.07
CA SER F 38 -12.47 0.84 8.11
C SER F 38 -10.94 0.98 8.21
N THR F 39 -10.44 0.83 9.43
CA THR F 39 -9.01 0.81 9.68
C THR F 39 -8.52 -0.59 9.28
N GLN F 40 -7.21 -0.72 9.11
CA GLN F 40 -6.64 -2.03 8.79
CA GLN F 40 -6.56 -1.99 8.80
C GLN F 40 -6.39 -2.78 10.10
N GLN F 41 -6.11 -4.06 9.99
CA GLN F 41 -5.95 -4.88 11.16
C GLN F 41 -4.89 -4.27 12.07
N GLY F 42 -5.18 -4.18 13.37
CA GLY F 42 -4.20 -3.72 14.35
C GLY F 42 -3.97 -2.22 14.39
N ILE F 43 -4.74 -1.46 13.63
CA ILE F 43 -4.58 -0.01 13.60
C ILE F 43 -5.81 0.61 14.22
N PRO F 44 -5.61 1.35 15.30
CA PRO F 44 -6.72 2.06 15.95
C PRO F 44 -7.05 3.38 15.22
N PHE F 45 -8.26 3.89 15.42
CA PHE F 45 -8.62 5.19 14.88
C PHE F 45 -7.48 6.20 15.05
N SER F 46 -6.91 6.25 16.26
CA SER F 46 -5.96 7.31 16.60
C SER F 46 -4.66 7.28 15.79
N GLN F 47 -4.38 6.18 15.09
CA GLN F 47 -3.15 6.07 14.33
C GLN F 47 -3.36 5.78 12.85
N THR F 48 -4.61 5.71 12.41
CA THR F 48 -4.87 5.36 11.04
CA THR F 48 -4.91 5.38 11.03
C THR F 48 -4.56 6.57 10.13
N THR F 49 -4.02 6.29 8.95
CA THR F 49 -3.72 7.36 7.95
C THR F 49 -4.57 7.19 6.70
N ALA F 50 -5.29 6.07 6.61
CA ALA F 50 -6.16 5.81 5.48
C ALA F 50 -7.33 4.96 5.96
N LEU F 51 -8.43 4.99 5.24
CA LEU F 51 -9.57 4.14 5.61
C LEU F 51 -10.03 3.39 4.39
N ASP F 52 -10.23 2.08 4.52
CA ASP F 52 -10.74 1.28 3.41
C ASP F 52 -12.23 1.47 3.27
N ILE F 53 -12.71 1.47 2.03
CA ILE F 53 -14.10 1.77 1.75
C ILE F 53 -14.87 0.51 1.43
N HIS F 54 -16.02 0.32 2.07
CA HIS F 54 -16.93 -0.72 1.61
C HIS F 54 -18.34 -0.18 1.58
N ILE F 55 -19.07 -0.46 0.52
CA ILE F 55 -20.47 -0.07 0.45
C ILE F 55 -21.34 -1.23 0.94
N GLY F 56 -22.36 -0.93 1.71
CA GLY F 56 -23.25 -1.98 2.19
C GLY F 56 -24.45 -1.48 2.96
N GLY F 57 -25.27 -2.42 3.42
CA GLY F 57 -26.47 -2.14 4.21
C GLY F 57 -27.20 -3.44 4.30
N ALA F 58 -27.83 -3.72 5.44
CA ALA F 58 -28.45 -5.02 5.65
C ALA F 58 -29.24 -5.49 4.41
N GLU F 59 -30.26 -4.73 4.02
CA GLU F 59 -31.14 -5.14 2.92
C GLU F 59 -30.43 -5.09 1.56
N ALA F 60 -29.54 -4.13 1.38
CA ALA F 60 -28.81 -4.05 0.12
C ALA F 60 -27.86 -5.25 0.01
N ASN F 61 -27.30 -5.70 1.15
CA ASN F 61 -26.47 -6.89 1.16
C ASN F 61 -27.28 -8.13 0.79
N VAL F 62 -28.44 -8.28 1.39
CA VAL F 62 -29.34 -9.36 1.01
C VAL F 62 -29.63 -9.35 -0.51
N ALA F 63 -29.91 -8.19 -1.08
CA ALA F 63 -30.16 -8.09 -2.53
C ALA F 63 -28.94 -8.53 -3.34
N VAL F 64 -27.76 -8.03 -2.96
CA VAL F 64 -26.56 -8.40 -3.69
C VAL F 64 -26.31 -9.92 -3.58
N ASN F 65 -26.44 -10.46 -2.36
CA ASN F 65 -26.19 -11.87 -2.13
C ASN F 65 -27.17 -12.77 -2.88
N LEU F 66 -28.43 -12.35 -2.94
CA LEU F 66 -29.42 -13.09 -3.73
C LEU F 66 -29.09 -13.07 -5.21
N SER F 67 -28.59 -11.92 -5.69
CA SER F 67 -28.22 -11.79 -7.11
CA SER F 67 -28.23 -11.79 -7.11
C SER F 67 -27.06 -12.73 -7.43
N LYS F 68 -26.13 -12.87 -6.48
CA LYS F 68 -25.03 -13.81 -6.63
CA LYS F 68 -25.03 -13.81 -6.65
C LYS F 68 -25.54 -15.24 -6.81
N LEU F 69 -26.71 -15.52 -6.25
CA LEU F 69 -27.28 -16.86 -6.32
C LEU F 69 -28.30 -16.98 -7.44
N GLY F 70 -28.32 -16.01 -8.35
CA GLY F 70 -29.09 -16.12 -9.58
C GLY F 70 -30.44 -15.43 -9.60
N HIS F 71 -30.81 -14.76 -8.52
CA HIS F 71 -32.13 -14.11 -8.46
C HIS F 71 -31.99 -12.67 -8.92
N PRO F 72 -32.79 -12.27 -9.92
CA PRO F 72 -32.84 -10.85 -10.24
C PRO F 72 -33.42 -10.10 -9.05
N THR F 73 -32.74 -9.08 -8.56
CA THR F 73 -33.21 -8.32 -7.41
C THR F 73 -33.26 -6.85 -7.76
N ARG F 74 -34.05 -6.09 -7.00
CA ARG F 74 -34.12 -4.64 -7.13
C ARG F 74 -34.26 -4.05 -5.72
N ILE F 75 -33.95 -2.78 -5.56
CA ILE F 75 -34.00 -2.18 -4.23
C ILE F 75 -34.60 -0.79 -4.30
N ALA F 76 -35.53 -0.50 -3.40
CA ALA F 76 -36.06 0.84 -3.28
C ALA F 76 -35.20 1.58 -2.27
N THR F 77 -34.57 2.68 -2.68
CA THR F 77 -33.65 3.38 -1.79
C THR F 77 -33.44 4.82 -2.24
N VAL F 78 -32.67 5.57 -1.44
CA VAL F 78 -32.41 6.97 -1.71
C VAL F 78 -30.93 7.28 -1.52
N VAL F 79 -30.34 8.00 -2.48
CA VAL F 79 -28.94 8.46 -2.36
C VAL F 79 -28.86 9.91 -2.82
N PRO F 80 -27.85 10.65 -2.32
CA PRO F 80 -27.65 12.01 -2.81
C PRO F 80 -27.18 12.02 -4.26
N ALA F 81 -27.48 13.10 -4.96
CA ALA F 81 -27.00 13.29 -6.32
C ALA F 81 -25.61 13.88 -6.29
N ASN F 82 -24.65 13.11 -5.79
CA ASN F 82 -23.25 13.49 -5.79
C ASN F 82 -22.40 12.23 -6.00
N PRO F 83 -21.07 12.41 -6.11
CA PRO F 83 -20.19 11.30 -6.46
C PRO F 83 -20.17 10.18 -5.42
N ILE F 84 -20.45 10.51 -4.17
CA ILE F 84 -20.48 9.53 -3.09
C ILE F 84 -21.76 8.71 -3.18
N GLY F 85 -22.88 9.40 -3.38
CA GLY F 85 -24.12 8.72 -3.73
C GLY F 85 -23.92 7.82 -4.96
N LYS F 86 -23.20 8.31 -5.95
CA LYS F 86 -22.94 7.51 -7.15
C LYS F 86 -22.16 6.21 -6.87
N MET F 87 -21.23 6.24 -5.92
CA MET F 87 -20.49 5.03 -5.53
C MET F 87 -21.44 3.97 -5.02
N ALA F 88 -22.48 4.39 -4.30
CA ALA F 88 -23.45 3.44 -3.80
C ALA F 88 -24.20 2.79 -4.97
N VAL F 89 -24.57 3.61 -5.94
CA VAL F 89 -25.27 3.11 -7.12
C VAL F 89 -24.40 2.19 -7.97
N GLU F 90 -23.12 2.55 -8.13
CA GLU F 90 -22.21 1.74 -8.94
C GLU F 90 -21.98 0.39 -8.27
N HIS F 91 -22.07 0.36 -6.94
CA HIS F 91 -21.99 -0.89 -6.18
C HIS F 91 -23.14 -1.83 -6.60
N LEU F 92 -24.34 -1.29 -6.69
CA LEU F 92 -25.48 -2.07 -7.17
C LEU F 92 -25.31 -2.53 -8.62
N TRP F 93 -24.83 -1.64 -9.51
CA TRP F 93 -24.65 -2.04 -10.91
C TRP F 93 -23.69 -3.22 -10.99
N ARG F 94 -22.62 -3.13 -10.22
CA ARG F 94 -21.54 -4.09 -10.30
C ARG F 94 -22.03 -5.48 -9.90
N HIS F 95 -23.00 -5.53 -9.00
CA HIS F 95 -23.53 -6.80 -8.49
C HIS F 95 -24.90 -7.13 -9.10
N GLN F 96 -25.25 -6.43 -10.16
CA GLN F 96 -26.43 -6.72 -10.97
C GLN F 96 -27.75 -6.57 -10.23
N VAL F 97 -27.79 -5.69 -9.25
CA VAL F 97 -29.04 -5.29 -8.62
C VAL F 97 -29.64 -4.14 -9.43
N ASP F 98 -30.94 -4.24 -9.74
CA ASP F 98 -31.66 -3.23 -10.54
C ASP F 98 -31.70 -1.94 -9.74
N THR F 99 -31.41 -0.82 -10.41
CA THR F 99 -31.38 0.48 -9.74
C THR F 99 -32.47 1.45 -10.20
N ALA F 100 -33.42 0.98 -11.01
CA ALA F 100 -34.51 1.83 -11.50
C ALA F 100 -35.30 2.46 -10.35
N PHE F 101 -35.22 1.86 -9.16
CA PHE F 101 -35.99 2.38 -8.04
C PHE F 101 -35.11 3.04 -6.97
N VAL F 102 -33.88 3.36 -7.36
CA VAL F 102 -33.05 4.24 -6.57
C VAL F 102 -33.51 5.68 -6.84
N VAL F 103 -33.77 6.43 -5.79
CA VAL F 103 -34.15 7.83 -5.94
C VAL F 103 -33.01 8.75 -5.48
N GLU F 104 -32.78 9.84 -6.22
CA GLU F 104 -31.77 10.82 -5.86
C GLU F 104 -32.38 12.01 -5.16
N ALA F 105 -31.87 12.34 -3.97
CA ALA F 105 -32.43 13.46 -3.21
C ALA F 105 -31.55 13.68 -2.00
N GLY F 106 -31.74 14.80 -1.33
CA GLY F 106 -31.02 15.07 -0.08
C GLY F 106 -29.54 15.39 -0.27
N ASP F 107 -28.81 15.45 0.84
CA ASP F 107 -27.49 16.07 0.88
C ASP F 107 -26.27 15.18 1.15
N ARG F 108 -26.48 13.94 1.61
CA ARG F 108 -25.35 13.11 2.02
C ARG F 108 -25.66 11.62 2.05
N LEU F 109 -24.64 10.80 1.80
CA LEU F 109 -24.78 9.38 2.00
C LEU F 109 -24.36 9.08 3.42
N GLY F 110 -25.13 8.26 4.12
CA GLY F 110 -24.73 7.83 5.46
C GLY F 110 -23.44 7.03 5.46
N THR F 111 -22.68 7.16 6.55
CA THR F 111 -21.43 6.41 6.68
C THR F 111 -21.32 5.87 8.10
N TYR F 112 -20.39 4.95 8.30
CA TYR F 112 -19.89 4.67 9.63
C TYR F 112 -18.43 4.30 9.60
N TYR F 113 -17.74 4.51 10.71
CA TYR F 113 -16.34 4.14 10.83
C TYR F 113 -16.25 2.88 11.64
N LEU F 114 -15.38 1.98 11.20
CA LEU F 114 -15.19 0.72 11.91
C LEU F 114 -13.72 0.55 12.23
N GLU F 115 -13.43 0.45 13.52
CA GLU F 115 -12.08 0.17 13.98
C GLU F 115 -11.92 -1.33 14.12
N SER F 116 -10.98 -1.87 13.36
CA SER F 116 -10.74 -3.31 13.30
CA SER F 116 -10.74 -3.31 13.31
C SER F 116 -10.54 -3.90 14.71
N GLY F 117 -10.92 -5.16 14.86
CA GLY F 117 -10.72 -5.87 16.11
C GLY F 117 -10.02 -7.17 15.80
N THR F 118 -9.15 -7.63 16.70
CA THR F 118 -8.45 -8.90 16.56
C THR F 118 -8.23 -9.40 17.98
N ALA F 119 -8.30 -10.72 18.16
CA ALA F 119 -8.14 -11.36 19.49
C ALA F 119 -8.98 -10.69 20.61
N LEU F 120 -8.35 -10.23 21.68
CA LEU F 120 -9.11 -9.72 22.83
C LEU F 120 -9.84 -8.40 22.53
N LYS F 121 -9.35 -7.65 21.54
CA LYS F 121 -9.89 -6.32 21.24
C LYS F 121 -11.04 -6.39 20.23
N ALA F 122 -12.26 -6.12 20.71
CA ALA F 122 -13.45 -6.18 19.86
C ALA F 122 -13.42 -5.04 18.83
N PRO F 123 -14.01 -5.27 17.65
CA PRO F 123 -14.10 -4.14 16.74
C PRO F 123 -14.93 -3.06 17.43
N SER F 124 -14.76 -1.82 16.98
CA SER F 124 -15.44 -0.70 17.59
C SER F 124 -16.02 0.12 16.42
N VAL F 125 -17.20 0.72 16.61
CA VAL F 125 -17.87 1.43 15.52
C VAL F 125 -18.28 2.84 15.92
N VAL F 126 -18.18 3.79 14.99
CA VAL F 126 -18.73 5.13 15.19
C VAL F 126 -19.63 5.47 14.02
N TYR F 127 -20.92 5.63 14.27
CA TYR F 127 -21.87 5.85 13.19
C TYR F 127 -21.91 7.32 12.79
N ASP F 128 -22.10 7.56 11.50
CA ASP F 128 -22.29 8.92 10.99
C ASP F 128 -23.36 8.77 9.91
N ARG F 129 -24.50 8.18 10.31
CA ARG F 129 -25.60 7.91 9.37
C ARG F 129 -26.75 8.93 9.46
N GLN F 130 -26.80 9.69 10.55
CA GLN F 130 -27.90 10.63 10.71
C GLN F 130 -27.87 11.71 9.64
N HIS F 131 -29.05 12.19 9.29
CA HIS F 131 -29.20 13.29 8.34
C HIS F 131 -28.90 12.83 6.92
N SER F 132 -28.75 11.53 6.73
CA SER F 132 -28.52 11.01 5.38
C SER F 132 -29.72 11.27 4.46
N SER F 133 -29.47 11.31 3.15
CA SER F 133 -30.58 11.43 2.19
C SER F 133 -31.69 10.44 2.55
N PHE F 134 -31.32 9.19 2.84
CA PHE F 134 -32.31 8.18 3.15
C PHE F 134 -33.05 8.50 4.45
N ALA F 135 -32.29 8.78 5.51
CA ALA F 135 -32.86 9.12 6.82
C ALA F 135 -33.88 10.24 6.74
N ARG F 136 -33.57 11.27 5.94
CA ARG F 136 -34.39 12.48 5.89
C ARG F 136 -35.50 12.43 4.85
N HIS F 137 -35.58 11.35 4.09
CA HIS F 137 -36.58 11.27 3.01
C HIS F 137 -38.02 11.27 3.54
N LYS F 138 -38.88 12.04 2.89
CA LYS F 138 -40.27 12.24 3.31
C LYS F 138 -41.21 12.29 2.12
N SER F 139 -40.78 11.76 0.98
CA SER F 139 -41.53 11.92 -0.25
C SER F 139 -41.80 10.55 -0.88
N MET F 140 -43.05 10.30 -1.25
CA MET F 140 -43.45 9.00 -1.80
C MET F 140 -43.08 8.94 -3.30
N ASP F 141 -41.86 8.49 -3.61
CA ASP F 141 -41.35 8.61 -4.98
C ASP F 141 -41.29 7.27 -5.68
N TRP F 142 -42.14 6.35 -5.26
CA TRP F 142 -42.13 5.03 -5.84
C TRP F 142 -43.49 4.63 -6.39
N ASP F 143 -43.48 4.16 -7.63
CA ASP F 143 -44.70 3.63 -8.21
C ASP F 143 -44.72 2.19 -7.77
N LEU F 144 -45.67 1.86 -6.91
CA LEU F 144 -45.71 0.56 -6.28
C LEU F 144 -45.98 -0.55 -7.26
N SER F 145 -46.83 -0.29 -8.24
CA SER F 145 -47.17 -1.29 -9.25
C SER F 145 -45.92 -1.67 -10.03
N GLU F 146 -45.10 -0.68 -10.33
CA GLU F 146 -43.82 -0.92 -10.97
C GLU F 146 -42.75 -1.56 -10.09
N LEU F 147 -42.63 -1.08 -8.87
CA LEU F 147 -41.70 -1.64 -7.91
C LEU F 147 -41.95 -3.12 -7.69
N LEU F 148 -43.22 -3.51 -7.68
CA LEU F 148 -43.59 -4.88 -7.29
C LEU F 148 -43.85 -5.79 -8.49
N LYS F 149 -43.72 -5.26 -9.69
CA LYS F 149 -44.02 -6.04 -10.89
C LYS F 149 -43.04 -7.20 -11.04
N GLY F 150 -43.57 -8.41 -11.18
CA GLY F 150 -42.73 -9.60 -11.36
C GLY F 150 -42.14 -10.17 -10.08
N ILE F 151 -42.40 -9.52 -8.95
CA ILE F 151 -41.75 -9.90 -7.67
C ILE F 151 -42.41 -11.11 -6.98
N ARG F 152 -41.59 -11.96 -6.37
CA ARG F 152 -42.09 -13.11 -5.61
C ARG F 152 -41.95 -12.90 -4.09
N VAL F 153 -40.89 -12.21 -3.69
CA VAL F 153 -40.59 -11.95 -2.28
C VAL F 153 -40.16 -10.49 -2.04
N LEU F 154 -40.67 -9.89 -0.96
CA LEU F 154 -40.22 -8.57 -0.51
C LEU F 154 -39.50 -8.70 0.83
N HIS F 155 -38.28 -8.14 0.91
CA HIS F 155 -37.48 -8.22 2.13
C HIS F 155 -37.16 -6.85 2.72
N VAL F 156 -37.30 -6.73 4.03
CA VAL F 156 -36.92 -5.51 4.73
C VAL F 156 -36.54 -5.86 6.18
N SER F 157 -35.84 -4.95 6.85
CA SER F 157 -35.32 -5.20 8.20
C SER F 157 -35.78 -4.13 9.18
N GLY F 158 -35.56 -4.38 10.47
CA GLY F 158 -35.93 -3.42 11.52
C GLY F 158 -35.06 -2.16 11.54
N ILE F 159 -33.97 -2.17 10.78
CA ILE F 159 -33.11 -1.00 10.65
C ILE F 159 -33.86 0.11 9.93
N THR F 160 -34.49 -0.22 8.81
CA THR F 160 -35.20 0.76 8.00
C THR F 160 -36.37 1.42 8.73
N ILE F 161 -37.24 0.60 9.32
CA ILE F 161 -38.44 1.12 9.96
C ILE F 161 -38.10 1.93 11.20
N ALA F 162 -36.89 1.74 11.73
CA ALA F 162 -36.43 2.49 12.90
C ALA F 162 -35.97 3.91 12.57
N LEU F 163 -35.68 4.17 11.31
CA LEU F 163 -35.02 5.42 10.96
C LEU F 163 -35.95 6.62 11.08
N SER F 164 -37.24 6.41 10.86
CA SER F 164 -38.21 7.49 10.95
C SER F 164 -39.63 6.97 10.79
N THR F 165 -40.59 7.76 11.27
CA THR F 165 -42.00 7.42 11.13
C THR F 165 -42.36 7.30 9.65
N PHE F 166 -41.75 8.13 8.82
CA PHE F 166 -41.99 8.04 7.40
C PHE F 166 -41.67 6.64 6.87
N TRP F 167 -40.50 6.11 7.24
CA TRP F 167 -40.06 4.82 6.72
C TRP F 167 -40.84 3.64 7.29
N LEU F 168 -41.16 3.69 8.58
CA LEU F 168 -42.07 2.72 9.17
C LEU F 168 -43.37 2.65 8.36
N GLU F 169 -44.02 3.79 8.21
CA GLU F 169 -45.31 3.82 7.53
C GLU F 169 -45.18 3.48 6.05
N MET F 170 -44.07 3.88 5.44
CA MET F 170 -43.85 3.59 4.04
C MET F 170 -43.62 2.09 3.86
N VAL F 171 -42.93 1.47 4.81
CA VAL F 171 -42.65 0.04 4.72
C VAL F 171 -43.96 -0.77 4.86
N VAL F 172 -44.78 -0.41 5.84
CA VAL F 172 -46.07 -1.06 6.00
C VAL F 172 -46.91 -0.92 4.73
N LYS F 173 -47.01 0.30 4.22
CA LYS F 173 -47.78 0.57 3.03
C LYS F 173 -47.36 -0.35 1.88
N ILE F 174 -46.05 -0.45 1.65
CA ILE F 174 -45.54 -1.30 0.59
C ILE F 174 -45.80 -2.81 0.87
N ILE F 175 -45.60 -3.24 2.12
CA ILE F 175 -45.95 -4.61 2.49
C ILE F 175 -47.41 -4.93 2.13
N ARG F 176 -48.32 -4.02 2.46
CA ARG F 176 -49.72 -4.28 2.23
C ARG F 176 -50.00 -4.43 0.73
N GLU F 177 -49.47 -3.52 -0.06
CA GLU F 177 -49.62 -3.62 -1.50
C GLU F 177 -49.00 -4.94 -2.00
N ALA F 178 -47.84 -5.30 -1.45
CA ALA F 178 -47.19 -6.54 -1.86
C ALA F 178 -48.09 -7.74 -1.58
N LYS F 179 -48.66 -7.79 -0.37
CA LYS F 179 -49.56 -8.89 -0.02
C LYS F 179 -50.81 -8.97 -0.92
N ARG F 180 -51.37 -7.82 -1.30
CA ARG F 180 -52.49 -7.82 -2.24
C ARG F 180 -52.13 -8.58 -3.52
N ASN F 181 -50.83 -8.69 -3.78
CA ASN F 181 -50.36 -9.31 -5.02
C ASN F 181 -49.72 -10.69 -4.83
N GLY F 182 -49.95 -11.32 -3.68
CA GLY F 182 -49.48 -12.68 -3.43
C GLY F 182 -47.99 -12.76 -3.15
N ILE F 183 -47.34 -11.61 -3.02
CA ILE F 183 -45.91 -11.54 -2.72
C ILE F 183 -45.63 -11.96 -1.28
N LYS F 184 -44.60 -12.77 -1.09
CA LYS F 184 -44.22 -13.23 0.26
C LYS F 184 -43.39 -12.17 0.98
N ILE F 185 -43.63 -12.02 2.27
CA ILE F 185 -42.98 -10.97 3.05
C ILE F 185 -41.89 -11.53 3.95
N SER F 186 -40.66 -11.14 3.68
CA SER F 186 -39.52 -11.54 4.50
C SER F 186 -39.10 -10.39 5.38
N PHE F 187 -39.04 -10.63 6.68
CA PHE F 187 -38.69 -9.58 7.63
C PHE F 187 -37.56 -10.00 8.57
N ASP F 188 -36.56 -9.13 8.68
CA ASP F 188 -35.39 -9.34 9.52
C ASP F 188 -35.48 -8.38 10.70
N MET F 189 -35.80 -8.90 11.87
CA MET F 189 -36.03 -8.05 13.05
C MET F 189 -34.91 -7.01 13.18
N ASN F 190 -33.69 -7.51 13.30
CA ASN F 190 -32.51 -6.64 13.35
C ASN F 190 -32.72 -5.43 14.27
N TYR F 191 -33.05 -5.68 15.54
CA TYR F 191 -33.18 -4.57 16.50
C TYR F 191 -31.81 -3.95 16.77
N ARG F 192 -31.74 -2.63 16.71
CA ARG F 192 -30.48 -1.92 17.03
C ARG F 192 -30.73 -0.89 18.12
N ALA F 193 -30.09 -1.07 19.27
CA ALA F 193 -30.29 -0.16 20.39
C ALA F 193 -29.89 1.26 20.00
N LYS F 194 -28.86 1.39 19.18
CA LYS F 194 -28.41 2.71 18.74
C LYS F 194 -29.55 3.50 18.08
N LEU F 195 -30.51 2.80 17.48
CA LEU F 195 -31.52 3.47 16.67
C LEU F 195 -32.80 3.83 17.41
N TRP F 196 -33.24 2.98 18.33
CA TRP F 196 -34.45 3.30 19.09
C TRP F 196 -34.60 2.45 20.35
N GLU F 197 -35.41 2.96 21.26
CA GLU F 197 -35.67 2.28 22.53
C GLU F 197 -36.52 1.03 22.30
N LEU F 198 -36.47 0.10 23.24
CA LEU F 198 -37.23 -1.15 23.14
C LEU F 198 -38.74 -0.96 22.97
N GLU F 199 -39.32 0.00 23.69
CA GLU F 199 -40.78 0.19 23.66
C GLU F 199 -41.24 0.60 22.26
N ALA F 200 -40.63 1.66 21.74
CA ALA F 200 -40.97 2.15 20.40
C ALA F 200 -40.79 1.05 19.36
N ALA F 201 -39.71 0.29 19.50
CA ALA F 201 -39.42 -0.81 18.59
C ALA F 201 -40.54 -1.84 18.62
N LYS F 202 -40.92 -2.24 19.83
CA LYS F 202 -41.97 -3.23 20.05
C LYS F 202 -43.28 -2.78 19.41
N ARG F 203 -43.63 -1.50 19.64
CA ARG F 203 -44.81 -0.91 19.02
C ARG F 203 -44.77 -1.17 17.52
N ALA F 204 -43.64 -0.83 16.90
CA ALA F 204 -43.50 -0.95 15.46
C ALA F 204 -43.54 -2.41 15.02
N TYR F 205 -42.83 -3.26 15.75
CA TYR F 205 -42.79 -4.66 15.39
C TYR F 205 -44.18 -5.29 15.45
N GLN F 206 -45.05 -4.75 16.31
CA GLN F 206 -46.39 -5.30 16.47
C GLN F 206 -47.31 -4.99 15.27
N GLN F 207 -47.01 -3.93 14.52
CA GLN F 207 -47.73 -3.66 13.29
C GLN F 207 -47.25 -4.57 12.15
N LEU F 208 -45.96 -4.86 12.14
CA LEU F 208 -45.35 -5.62 11.03
C LEU F 208 -45.56 -7.11 11.15
N LEU F 209 -45.36 -7.64 12.34
CA LEU F 209 -45.34 -9.10 12.53
C LEU F 209 -46.58 -9.82 11.97
N PRO F 210 -47.79 -9.29 12.19
CA PRO F 210 -48.97 -9.96 11.63
C PRO F 210 -48.96 -10.05 10.10
N LEU F 211 -47.98 -9.42 9.46
CA LEU F 211 -47.94 -9.34 8.00
C LEU F 211 -46.82 -10.17 7.39
N VAL F 212 -46.04 -10.82 8.25
CA VAL F 212 -44.81 -11.47 7.82
C VAL F 212 -44.97 -12.96 7.50
N ASP F 213 -44.31 -13.40 6.43
CA ASP F 213 -44.27 -14.84 6.09
C ASP F 213 -43.01 -15.53 6.60
N TYR F 214 -41.85 -14.91 6.34
CA TYR F 214 -40.57 -15.43 6.80
C TYR F 214 -39.93 -14.42 7.72
N CYS F 215 -39.45 -14.88 8.88
CA CYS F 215 -38.97 -13.94 9.88
C CYS F 215 -37.61 -14.32 10.46
N SER F 216 -36.65 -13.40 10.38
CA SER F 216 -35.38 -13.62 11.07
C SER F 216 -35.46 -13.07 12.48
N ALA F 217 -35.49 -13.98 13.44
CA ALA F 217 -35.67 -13.61 14.84
C ALA F 217 -35.08 -14.71 15.69
N GLY F 218 -34.52 -14.34 16.83
CA GLY F 218 -33.96 -15.33 17.74
C GLY F 218 -34.63 -15.29 19.09
N GLN F 219 -34.02 -15.96 20.07
CA GLN F 219 -34.60 -16.07 21.40
C GLN F 219 -34.71 -14.71 22.07
N MET F 220 -33.67 -13.90 21.95
CA MET F 220 -33.71 -12.58 22.55
C MET F 220 -34.89 -11.77 22.00
N ASP F 221 -35.14 -11.92 20.69
CA ASP F 221 -36.29 -11.28 20.06
C ASP F 221 -37.59 -11.77 20.65
N ALA F 222 -37.69 -13.09 20.84
CA ALA F 222 -38.90 -13.68 21.43
C ALA F 222 -39.26 -13.06 22.77
N VAL F 223 -38.28 -12.96 23.66
CA VAL F 223 -38.52 -12.38 24.97
C VAL F 223 -38.82 -10.89 24.82
N ALA F 224 -37.95 -10.20 24.10
CA ALA F 224 -38.03 -8.75 23.97
C ALA F 224 -39.27 -8.27 23.24
N PHE F 225 -39.63 -8.92 22.13
CA PHE F 225 -40.65 -8.38 21.23
C PHE F 225 -41.89 -9.24 20.96
N PHE F 226 -41.81 -10.53 21.23
CA PHE F 226 -42.96 -11.42 21.08
C PHE F 226 -43.64 -11.68 22.42
N GLU F 227 -43.06 -11.14 23.48
CA GLU F 227 -43.59 -11.31 24.84
C GLU F 227 -43.65 -12.77 25.25
N ILE F 228 -42.70 -13.55 24.76
CA ILE F 228 -42.51 -14.89 25.25
C ILE F 228 -41.71 -14.78 26.54
N SER F 229 -42.04 -15.60 27.53
CA SER F 229 -41.26 -15.61 28.76
C SER F 229 -39.96 -16.35 28.49
N SER F 230 -38.89 -15.94 29.17
CA SER F 230 -37.59 -16.57 29.01
C SER F 230 -37.58 -17.98 29.60
N GLU F 231 -38.74 -18.41 30.11
CA GLU F 231 -38.92 -19.77 30.58
C GLU F 231 -39.13 -20.74 29.42
N THR F 232 -40.09 -20.41 28.55
CA THR F 232 -40.40 -21.25 27.39
C THR F 232 -39.11 -21.78 26.77
N THR F 233 -39.08 -23.09 26.47
CA THR F 233 -37.92 -23.65 25.77
C THR F 233 -38.12 -23.55 24.27
N ASP F 234 -39.30 -23.98 23.82
CA ASP F 234 -39.66 -23.95 22.42
C ASP F 234 -40.20 -22.57 22.05
N TYR F 235 -39.31 -21.60 21.94
CA TYR F 235 -39.73 -20.21 21.76
C TYR F 235 -40.33 -19.91 20.39
N TYR F 236 -39.83 -20.57 19.35
CA TYR F 236 -40.38 -20.40 18.01
C TYR F 236 -41.85 -20.87 17.94
N GLN F 237 -42.15 -22.01 18.55
CA GLN F 237 -43.52 -22.49 18.57
C GLN F 237 -44.42 -21.46 19.22
N ALA F 238 -43.95 -20.83 20.30
CA ALA F 238 -44.72 -19.81 20.98
C ALA F 238 -44.87 -18.55 20.13
N MET F 239 -43.80 -18.19 19.42
CA MET F 239 -43.83 -17.05 18.54
C MET F 239 -44.81 -17.29 17.39
N HIS F 240 -44.79 -18.50 16.85
CA HIS F 240 -45.76 -18.87 15.81
C HIS F 240 -47.18 -18.78 16.36
N ASP F 241 -47.40 -19.35 17.54
CA ASP F 241 -48.73 -19.30 18.15
C ASP F 241 -49.25 -17.88 18.19
N LYS F 242 -48.38 -16.95 18.55
CA LYS F 242 -48.78 -15.54 18.59
C LYS F 242 -49.01 -15.00 17.19
N TYR F 243 -48.16 -15.38 16.24
CA TYR F 243 -48.33 -14.95 14.86
C TYR F 243 -48.31 -16.14 13.91
N PRO F 244 -49.43 -16.87 13.84
CA PRO F 244 -49.56 -18.11 13.06
C PRO F 244 -49.33 -17.89 11.57
N ASN F 245 -49.48 -16.63 11.12
CA ASN F 245 -49.16 -16.27 9.75
C ASN F 245 -47.67 -16.46 9.41
N ILE F 246 -46.81 -16.50 10.42
CA ILE F 246 -45.38 -16.67 10.16
C ILE F 246 -45.05 -18.14 9.89
N GLU F 247 -44.81 -18.43 8.62
CA GLU F 247 -44.54 -19.78 8.16
C GLU F 247 -43.21 -20.30 8.69
N LEU F 248 -42.19 -19.45 8.70
CA LEU F 248 -40.92 -19.92 9.24
C LEU F 248 -39.97 -18.84 9.76
N PHE F 249 -39.23 -19.24 10.78
CA PHE F 249 -38.27 -18.39 11.43
C PHE F 249 -36.88 -18.92 11.10
N TYR F 250 -35.90 -18.02 11.07
CA TYR F 250 -34.53 -18.40 10.80
C TYR F 250 -33.57 -17.48 11.57
N ALA F 251 -32.47 -18.04 12.06
CA ALA F 251 -31.47 -17.25 12.76
C ALA F 251 -30.19 -18.05 12.97
N THR F 252 -29.10 -17.37 13.34
CA THR F 252 -27.87 -18.06 13.76
C THR F 252 -27.70 -17.99 15.26
N LYS F 253 -27.04 -19.00 15.81
CA LYS F 253 -26.55 -18.91 17.16
C LYS F 253 -25.05 -18.70 17.09
N ARG F 254 -24.60 -17.52 17.51
CA ARG F 254 -23.17 -17.20 17.52
C ARG F 254 -22.62 -17.32 18.94
N THR F 255 -21.51 -18.03 19.10
CA THR F 255 -20.78 -18.01 20.37
C THR F 255 -19.48 -17.24 20.17
N VAL F 256 -19.37 -16.09 20.85
CA VAL F 256 -18.21 -15.22 20.67
C VAL F 256 -17.16 -15.58 21.72
N ILE F 257 -16.08 -16.20 21.26
CA ILE F 257 -14.98 -16.52 22.16
C ILE F 257 -13.99 -15.35 22.25
N SER F 258 -13.71 -14.74 21.10
CA SER F 258 -12.88 -13.53 21.01
C SER F 258 -13.30 -12.83 19.74
N ALA F 259 -12.65 -11.71 19.43
CA ALA F 259 -12.89 -11.05 18.14
C ALA F 259 -12.31 -11.83 16.96
N SER F 260 -11.59 -12.92 17.24
CA SER F 260 -10.98 -13.72 16.15
C SER F 260 -11.42 -15.18 16.16
N HIS F 261 -12.39 -15.50 17.02
CA HIS F 261 -12.81 -16.87 17.19
C HIS F 261 -14.29 -16.92 17.58
N HIS F 262 -15.14 -17.25 16.62
CA HIS F 262 -16.57 -17.42 16.87
C HIS F 262 -17.01 -18.84 16.54
N LEU F 263 -18.04 -19.33 17.22
CA LEU F 263 -18.77 -20.54 16.80
C LEU F 263 -20.06 -20.10 16.13
N LEU F 264 -20.45 -20.80 15.09
CA LEU F 264 -21.65 -20.42 14.34
C LEU F 264 -22.46 -21.64 13.93
N GLN F 265 -23.75 -21.57 14.25
CA GLN F 265 -24.68 -22.62 13.92
C GLN F 265 -25.98 -21.99 13.44
N GLY F 266 -26.57 -22.54 12.38
CA GLY F 266 -27.82 -22.01 11.87
C GLY F 266 -29.08 -22.70 12.38
N HIS F 267 -30.12 -21.90 12.65
CA HIS F 267 -31.41 -22.47 13.02
C HIS F 267 -32.47 -22.07 12.01
N LEU F 268 -33.44 -22.97 11.80
CA LEU F 268 -34.52 -22.75 10.87
C LEU F 268 -35.74 -23.53 11.35
N TRP F 269 -36.83 -22.81 11.65
CA TRP F 269 -38.01 -23.43 12.24
C TRP F 269 -39.18 -23.36 11.27
N THR F 270 -39.89 -24.48 11.11
CA THR F 270 -41.05 -24.50 10.24
C THR F 270 -41.87 -25.77 10.50
N GLN F 271 -43.19 -25.66 10.30
CA GLN F 271 -44.08 -26.79 10.52
C GLN F 271 -43.76 -27.50 11.84
N GLY F 272 -43.52 -26.72 12.89
CA GLY F 272 -43.38 -27.29 14.23
C GLY F 272 -42.08 -28.01 14.53
N GLU F 273 -41.06 -27.81 13.71
CA GLU F 273 -39.74 -28.39 13.98
C GLU F 273 -38.64 -27.34 13.86
N CYS F 274 -37.60 -27.44 14.70
CA CYS F 274 -36.37 -26.67 14.52
C CYS F 274 -35.33 -27.54 13.80
N TRP F 275 -34.79 -27.01 12.70
CA TRP F 275 -33.72 -27.68 11.96
C TRP F 275 -32.43 -26.93 12.19
N GLU F 276 -31.40 -27.63 12.64
CA GLU F 276 -30.09 -27.03 12.94
C GLU F 276 -29.02 -27.51 11.99
N SER F 277 -28.08 -26.62 11.63
CA SER F 277 -26.88 -27.01 10.90
C SER F 277 -25.84 -27.59 11.86
N GLU F 278 -24.73 -28.07 11.29
CA GLU F 278 -23.55 -28.39 12.09
C GLU F 278 -22.99 -27.08 12.63
N GLU F 279 -22.12 -27.19 13.63
CA GLU F 279 -21.56 -25.99 14.21
C GLU F 279 -20.16 -25.76 13.64
N TYR F 280 -19.94 -24.56 13.12
CA TYR F 280 -18.64 -24.16 12.58
C TYR F 280 -17.84 -23.35 13.60
N ALA F 281 -16.55 -23.66 13.70
CA ALA F 281 -15.62 -22.81 14.43
C ALA F 281 -14.90 -21.95 13.40
N ILE F 282 -14.99 -20.64 13.57
CA ILE F 282 -14.39 -19.70 12.64
C ILE F 282 -13.23 -18.97 13.31
N TYR F 283 -12.02 -19.22 12.82
CA TYR F 283 -10.85 -18.47 13.29
C TYR F 283 -9.68 -18.60 12.30
N PRO F 284 -8.95 -17.50 12.07
CA PRO F 284 -9.28 -16.16 12.56
C PRO F 284 -10.50 -15.64 11.82
N ILE F 285 -10.88 -14.39 12.07
CA ILE F 285 -12.04 -13.82 11.43
C ILE F 285 -11.55 -12.64 10.59
N VAL F 286 -11.75 -12.71 9.28
CA VAL F 286 -11.32 -11.64 8.41
C VAL F 286 -12.30 -10.47 8.54
N ASP F 287 -13.60 -10.72 8.38
CA ASP F 287 -14.58 -9.65 8.49
C ASP F 287 -15.98 -10.23 8.72
N ARG F 288 -16.49 -10.11 9.95
CA ARG F 288 -17.82 -10.66 10.31
C ARG F 288 -18.99 -9.87 9.69
N VAL F 289 -18.72 -8.65 9.26
CA VAL F 289 -19.77 -7.77 8.78
C VAL F 289 -20.47 -8.36 7.56
N GLY F 290 -21.80 -8.33 7.57
CA GLY F 290 -22.59 -8.90 6.48
C GLY F 290 -22.77 -10.40 6.64
N GLY F 291 -22.24 -10.98 7.71
CA GLY F 291 -22.39 -12.40 7.98
C GLY F 291 -23.85 -12.80 8.10
N GLY F 292 -24.61 -11.99 8.84
CA GLY F 292 -26.05 -12.23 8.99
C GLY F 292 -26.81 -12.10 7.67
N ASP F 293 -26.46 -11.08 6.89
CA ASP F 293 -27.06 -10.89 5.59
C ASP F 293 -26.76 -12.04 4.62
N ALA F 294 -25.56 -12.61 4.69
CA ALA F 294 -25.26 -13.81 3.89
C ALA F 294 -26.16 -14.97 4.31
N TYR F 295 -26.32 -15.16 5.61
CA TYR F 295 -27.25 -16.17 6.13
C TYR F 295 -28.66 -15.94 5.59
N THR F 296 -29.15 -14.70 5.72
CA THR F 296 -30.49 -14.35 5.25
C THR F 296 -30.72 -14.62 3.77
N ALA F 297 -29.81 -14.16 2.92
CA ALA F 297 -29.96 -14.40 1.48
C ALA F 297 -29.95 -15.90 1.15
N ALA F 298 -29.12 -16.65 1.84
CA ALA F 298 -29.00 -18.09 1.53
C ALA F 298 -30.27 -18.81 1.94
N VAL F 299 -30.84 -18.41 3.06
CA VAL F 299 -32.11 -18.99 3.51
C VAL F 299 -33.22 -18.72 2.49
N LEU F 300 -33.33 -17.45 2.08
CA LEU F 300 -34.33 -17.08 1.09
C LEU F 300 -34.10 -17.84 -0.21
N HIS F 301 -32.86 -18.01 -0.59
CA HIS F 301 -32.57 -18.76 -1.80
C HIS F 301 -33.13 -20.17 -1.70
N GLY F 302 -32.91 -20.81 -0.56
CA GLY F 302 -33.41 -22.16 -0.32
C GLY F 302 -34.93 -22.21 -0.37
N ILE F 303 -35.57 -21.22 0.24
CA ILE F 303 -37.03 -21.13 0.23
C ILE F 303 -37.57 -20.96 -1.19
N LEU F 304 -36.94 -20.08 -1.96
CA LEU F 304 -37.36 -19.83 -3.34
C LEU F 304 -37.10 -21.03 -4.23
N SER F 305 -36.05 -21.78 -3.94
CA SER F 305 -35.72 -22.96 -4.73
C SER F 305 -36.56 -24.14 -4.30
N GLU F 306 -37.43 -23.93 -3.31
CA GLU F 306 -38.25 -25.00 -2.78
C GLU F 306 -37.44 -26.17 -2.25
N TRP F 307 -36.32 -25.90 -1.60
CA TRP F 307 -35.53 -26.95 -0.96
C TRP F 307 -36.20 -27.42 0.33
N ARG F 308 -35.80 -28.58 0.82
CA ARG F 308 -36.22 -29.02 2.14
C ARG F 308 -35.46 -28.22 3.21
N PRO F 309 -36.06 -28.08 4.40
CA PRO F 309 -35.49 -27.26 5.48
C PRO F 309 -34.06 -27.68 5.88
N ASP F 310 -33.77 -28.96 5.89
CA ASP F 310 -32.42 -29.39 6.25
C ASP F 310 -31.41 -28.95 5.19
N GLU F 311 -31.81 -28.99 3.92
CA GLU F 311 -30.94 -28.54 2.83
C GLU F 311 -30.66 -27.05 2.96
N THR F 312 -31.71 -26.32 3.29
CA THR F 312 -31.60 -24.88 3.38
C THR F 312 -30.71 -24.42 4.54
N VAL F 313 -30.94 -24.97 5.73
CA VAL F 313 -30.20 -24.48 6.89
C VAL F 313 -28.71 -24.80 6.76
N LYS F 314 -28.41 -25.92 6.11
CA LYS F 314 -27.04 -26.36 5.92
C LYS F 314 -26.34 -25.46 4.92
N PHE F 315 -27.04 -25.16 3.84
CA PHE F 315 -26.49 -24.33 2.80
C PHE F 315 -26.29 -22.89 3.32
N ALA F 316 -27.31 -22.35 3.96
CA ALA F 316 -27.22 -20.98 4.46
C ALA F 316 -26.15 -20.83 5.53
N THR F 317 -25.99 -21.82 6.40
CA THR F 317 -24.98 -21.67 7.45
C THR F 317 -23.58 -21.65 6.85
N ALA F 318 -23.37 -22.49 5.84
CA ALA F 318 -22.11 -22.51 5.08
C ALA F 318 -21.86 -21.16 4.40
N ALA F 319 -22.90 -20.60 3.78
CA ALA F 319 -22.76 -19.29 3.15
C ALA F 319 -22.30 -18.26 4.15
N ALA F 320 -22.90 -18.25 5.33
CA ALA F 320 -22.60 -17.23 6.32
C ALA F 320 -21.18 -17.42 6.88
N GLY F 321 -20.79 -18.68 7.02
CA GLY F 321 -19.45 -19.01 7.48
C GLY F 321 -18.37 -18.56 6.51
N LEU F 322 -18.54 -18.85 5.23
CA LEU F 322 -17.59 -18.45 4.21
C LEU F 322 -17.47 -16.92 4.16
N LYS F 323 -18.59 -16.21 4.30
CA LYS F 323 -18.58 -14.74 4.32
C LYS F 323 -17.54 -14.14 5.28
N HIS F 324 -17.34 -14.80 6.43
CA HIS F 324 -16.41 -14.27 7.44
C HIS F 324 -14.97 -14.17 6.96
N SER F 325 -14.64 -14.87 5.88
CA SER F 325 -13.29 -14.81 5.30
C SER F 325 -13.07 -13.71 4.25
N ILE F 326 -14.06 -12.83 4.08
CA ILE F 326 -14.04 -11.89 2.96
C ILE F 326 -14.23 -10.45 3.44
N HIS F 327 -13.25 -9.59 3.17
CA HIS F 327 -13.40 -8.17 3.48
C HIS F 327 -14.63 -7.57 2.79
N GLY F 328 -15.35 -6.71 3.51
CA GLY F 328 -16.49 -6.01 2.90
C GLY F 328 -17.81 -6.60 3.35
N ASP F 329 -18.92 -6.10 2.81
CA ASP F 329 -20.26 -6.44 3.32
C ASP F 329 -20.95 -7.57 2.61
N ILE F 330 -20.50 -7.91 1.41
CA ILE F 330 -21.25 -8.83 0.58
C ILE F 330 -20.48 -10.14 0.39
N ASN F 331 -21.23 -11.19 0.07
CA ASN F 331 -20.70 -12.53 -0.06
C ASN F 331 -20.41 -12.82 -1.56
N PRO F 332 -19.14 -13.05 -1.92
CA PRO F 332 -18.80 -13.18 -3.35
C PRO F 332 -19.03 -14.56 -3.96
N PHE F 333 -19.38 -15.58 -3.17
CA PHE F 333 -19.41 -16.96 -3.69
C PHE F 333 -20.65 -17.29 -4.51
N ASP F 334 -20.48 -18.13 -5.54
CA ASP F 334 -21.62 -18.64 -6.27
C ASP F 334 -22.22 -19.86 -5.56
N GLU F 335 -23.35 -20.33 -6.07
CA GLU F 335 -24.09 -21.40 -5.42
C GLU F 335 -23.24 -22.67 -5.32
N LYS F 336 -22.64 -23.05 -6.44
CA LYS F 336 -21.86 -24.28 -6.49
C LYS F 336 -20.74 -24.27 -5.44
N THR F 337 -20.03 -23.15 -5.31
CA THR F 337 -18.95 -23.03 -4.33
C THR F 337 -19.46 -23.23 -2.89
N ILE F 338 -20.57 -22.58 -2.56
CA ILE F 338 -21.16 -22.75 -1.23
C ILE F 338 -21.64 -24.18 -1.02
N ALA F 339 -22.33 -24.75 -2.01
CA ALA F 339 -22.87 -26.11 -1.89
C ALA F 339 -21.73 -27.09 -1.70
N ASP F 340 -20.64 -26.89 -2.44
CA ASP F 340 -19.49 -27.79 -2.32
C ASP F 340 -18.91 -27.71 -0.92
N PHE F 341 -18.84 -26.52 -0.37
CA PHE F 341 -18.28 -26.40 0.95
C PHE F 341 -19.20 -27.05 1.99
N ALA F 342 -20.51 -26.87 1.84
CA ALA F 342 -21.46 -27.47 2.77
C ALA F 342 -21.34 -28.99 2.79
N ALA F 343 -21.16 -29.59 1.63
CA ALA F 343 -21.10 -31.04 1.50
C ALA F 343 -19.82 -31.65 2.12
N ASP F 344 -18.92 -30.81 2.62
CA ASP F 344 -17.70 -31.27 3.29
C ASP F 344 -17.78 -31.11 4.80
#